data_7VZU
#
_entry.id   7VZU
#
_cell.length_a   111.692
_cell.length_b   111.692
_cell.length_c   231.408
_cell.angle_alpha   90.000
_cell.angle_beta   90.000
_cell.angle_gamma   120.000
#
_symmetry.space_group_name_H-M   'P 31 2 1'
#
loop_
_entity.id
_entity.type
_entity.pdbx_description
1 polymer GdmN
2 non-polymer 'FE (III) ION'
3 non-polymer 'SULFATE ION'
4 non-polymer 1,2-ETHANEDIOL
5 water water
#
_entity_poly.entity_id   1
_entity_poly.type   'polypeptide(L)'
_entity_poly.pdbx_seq_one_letter_code
;MGSSHHHHHHSSGLVPRGSHMLVLGLNGNFSAADTDVVPQLGEVFFHDSAASLIRDGELVAAVEEERLNRIKKTTKFPLN
AVRECLALAGARPEDVDAVGYFFPENHIDTVLNHLYTEYPRAPLRYSRELIRQRLKEGLGWDLPDEKLVYVPHHEAHAYS
SYLHSGMDSALVLVLDGRGELHSGTVYRAEGTRLEKLADYPVPKSLGGLYLNATYLLGYGFGDEYKVMGLAPWGNPETYR
DTFAKLYTLQDNGEYELHGNIMVPNLVSPLFYAEGFRPRRKGEPFTQAHRDFAAALQETVEKIVLHILEYWAKTSGHSRL
CFGGGVAHNSSLNGLILKSGLFDEVFVHPASHDAGAGEGAAYAAAASLGTLERPGKRLLSASLGPALGGREQIRARLADW
APLIDVEFPDDAVETAAGLLAEGQVLGWAYGRSEFGPRALGHRSIVADARPEENRTRINAMVKKREGFRPFAPVVTAEAA
RDYFDLSGADGNHEFMSFVVPVLPERRTELGAVTHVDGTARVQVVSAESGERFHRLVRRFGELTGTPVLLNTSFNNNAEP
IVQSLDDVVTSFLTTDLDVLVVEDCLVRGKASPDLGVLVPRFRPVTRLVERRTAGPDASAGAKTHEIHLDYDGGPSAKVS
PELYELLGAVDGTTTLGDLAKTVGGLSDALATEVFALWEQRFLTLAPAGDIGPLADDGTRGH
;
_entity_poly.pdbx_strand_id   A,B
#
# COMPACT_ATOMS: atom_id res chain seq x y z
N MET A 21 9.57 43.09 -3.73
CA MET A 21 10.03 41.71 -3.51
C MET A 21 8.95 40.73 -3.00
N LEU A 22 8.26 40.05 -3.91
CA LEU A 22 7.11 39.22 -3.60
C LEU A 22 7.41 37.76 -3.94
N VAL A 23 7.41 36.88 -2.93
CA VAL A 23 7.84 35.49 -3.12
C VAL A 23 6.78 34.54 -2.56
N LEU A 24 6.46 33.51 -3.33
CA LEU A 24 5.54 32.44 -2.94
C LEU A 24 6.32 31.21 -2.48
N GLY A 25 5.86 30.59 -1.40
CA GLY A 25 6.43 29.33 -0.92
C GLY A 25 5.43 28.20 -0.95
N LEU A 26 5.87 27.03 -1.43
CA LEU A 26 5.00 25.90 -1.68
C LEU A 26 5.50 24.64 -0.96
N ASN A 27 4.57 23.79 -0.54
CA ASN A 27 4.88 22.42 -0.14
C ASN A 27 3.72 21.53 -0.55
N GLY A 28 3.87 20.22 -0.36
CA GLY A 28 2.82 19.29 -0.73
C GLY A 28 3.13 18.58 -2.04
N ASN A 29 2.19 17.73 -2.43
CA ASN A 29 2.36 17.00 -3.68
C ASN A 29 1.68 17.78 -4.81
N PHE A 30 1.33 17.10 -5.91
CA PHE A 30 0.98 17.78 -7.15
C PHE A 30 -0.37 17.35 -7.73
N SER A 31 -1.19 16.61 -6.98
CA SER A 31 -2.47 16.15 -7.51
C SER A 31 -3.49 17.29 -7.58
N ALA A 32 -4.36 17.21 -8.58
CA ALA A 32 -5.47 18.15 -8.75
C ALA A 32 -6.59 17.81 -7.76
N ALA A 33 -7.72 18.52 -7.88
CA ALA A 33 -8.75 18.46 -6.83
C ALA A 33 -9.44 17.10 -6.80
N ASP A 34 -9.73 16.51 -7.95
CA ASP A 34 -10.54 15.29 -7.97
C ASP A 34 -9.77 14.02 -8.21
N THR A 35 -8.61 14.10 -8.87
CA THR A 35 -7.79 12.92 -9.15
C THR A 35 -6.53 12.95 -8.31
N ASP A 36 -5.86 11.81 -8.27
CA ASP A 36 -4.54 11.71 -7.69
C ASP A 36 -3.58 11.24 -8.78
N VAL A 37 -2.49 11.98 -8.98
CA VAL A 37 -1.48 11.57 -9.95
C VAL A 37 -1.06 10.13 -9.70
N VAL A 38 -1.08 9.70 -8.44
CA VAL A 38 -0.61 8.41 -7.97
C VAL A 38 -1.44 8.11 -6.72
N PRO A 39 -1.96 6.88 -6.54
CA PRO A 39 -2.82 6.60 -5.38
C PRO A 39 -2.14 6.70 -4.02
N GLN A 40 -0.95 6.10 -3.85
CA GLN A 40 -0.24 6.10 -2.58
C GLN A 40 1.13 6.74 -2.74
N LEU A 41 1.43 7.74 -1.92
CA LEU A 41 2.69 8.46 -2.05
C LEU A 41 3.84 7.77 -1.30
N GLY A 42 3.54 6.98 -0.28
CA GLY A 42 4.57 6.25 0.44
C GLY A 42 5.63 7.09 1.10
N GLU A 43 5.37 8.38 1.33
CA GLU A 43 6.29 9.23 2.09
C GLU A 43 5.47 10.06 3.07
N VAL A 44 6.15 10.55 4.11
CA VAL A 44 5.47 11.32 5.15
C VAL A 44 5.55 12.83 4.93
N PHE A 45 6.31 13.30 3.93
CA PHE A 45 6.62 14.73 3.90
C PHE A 45 5.79 15.51 2.88
N PHE A 46 4.80 14.87 2.26
CA PHE A 46 3.91 15.57 1.35
C PHE A 46 2.64 16.08 2.03
N HIS A 47 2.48 15.87 3.33
CA HIS A 47 1.28 16.27 4.03
C HIS A 47 1.30 17.76 4.38
N ASP A 48 0.10 18.28 4.74
CA ASP A 48 -0.08 19.67 5.17
C ASP A 48 0.33 20.67 4.07
N SER A 49 -0.03 20.33 2.83
CA SER A 49 0.08 21.26 1.70
C SER A 49 -0.37 22.65 2.12
N ALA A 50 0.40 23.64 1.69
CA ALA A 50 0.10 25.02 2.05
C ALA A 50 0.77 25.93 1.02
N ALA A 51 0.46 27.22 1.14
CA ALA A 51 1.10 28.29 0.38
C ALA A 51 1.32 29.45 1.32
N SER A 52 2.47 30.06 1.22
CA SER A 52 2.83 31.26 1.96
C SER A 52 3.31 32.32 0.98
N LEU A 53 2.99 33.58 1.28
CA LEU A 53 3.37 34.74 0.47
C LEU A 53 4.16 35.72 1.33
N ILE A 54 5.37 36.02 0.87
CA ILE A 54 6.29 36.95 1.51
C ILE A 54 6.34 38.21 0.67
N ARG A 55 6.20 39.37 1.30
CA ARG A 55 6.41 40.65 0.62
C ARG A 55 7.32 41.52 1.45
N ASP A 56 8.44 41.95 0.85
CA ASP A 56 9.45 42.81 1.50
C ASP A 56 9.88 42.25 2.85
N GLY A 57 10.07 40.93 2.90
CA GLY A 57 10.48 40.27 4.13
C GLY A 57 9.37 39.92 5.11
N GLU A 58 8.16 40.43 4.92
CA GLU A 58 7.08 40.16 5.85
C GLU A 58 6.17 39.08 5.31
N LEU A 59 5.68 38.22 6.20
CA LEU A 59 4.73 37.17 5.85
C LEU A 59 3.33 37.79 5.82
N VAL A 60 2.79 38.01 4.63
CA VAL A 60 1.51 38.72 4.51
C VAL A 60 0.32 37.80 4.30
N ALA A 61 0.53 36.53 3.98
CA ALA A 61 -0.60 35.63 3.84
C ALA A 61 -0.10 34.20 3.88
N ALA A 62 -0.85 33.35 4.56
CA ALA A 62 -0.50 31.93 4.65
C ALA A 62 -1.76 31.15 5.00
N VAL A 63 -2.02 30.08 4.25
CA VAL A 63 -3.14 29.20 4.58
C VAL A 63 -2.78 27.78 4.16
N GLU A 64 -3.21 26.81 4.97
CA GLU A 64 -3.07 25.41 4.59
C GLU A 64 -4.22 24.99 3.66
N GLU A 65 -3.88 24.23 2.63
CA GLU A 65 -4.87 23.74 1.67
C GLU A 65 -6.00 22.95 2.33
N GLU A 66 -5.70 22.21 3.41
CA GLU A 66 -6.74 21.47 4.15
C GLU A 66 -7.91 22.36 4.53
N ARG A 67 -7.65 23.65 4.83
CA ARG A 67 -8.75 24.54 5.20
C ARG A 67 -9.67 24.80 4.02
N LEU A 68 -9.17 24.67 2.80
CA LEU A 68 -9.95 24.99 1.61
C LEU A 68 -10.54 23.77 0.92
N ASN A 69 -9.83 22.64 0.84
CA ASN A 69 -10.47 21.44 0.29
C ASN A 69 -11.10 20.56 1.36
N ARG A 70 -10.98 20.95 2.64
CA ARG A 70 -11.62 20.26 3.76
C ARG A 70 -11.11 18.82 3.95
N ILE A 71 -9.94 18.48 3.43
CA ILE A 71 -9.31 17.17 3.68
C ILE A 71 -8.21 17.38 4.71
N LYS A 72 -8.39 16.84 5.92
CA LYS A 72 -7.39 16.98 6.99
C LYS A 72 -5.99 16.61 6.50
N LYS A 73 -5.04 17.54 6.67
CA LYS A 73 -3.61 17.31 6.40
C LYS A 73 -3.32 16.88 4.96
N THR A 74 -4.14 17.37 4.02
CA THR A 74 -4.13 16.94 2.64
C THR A 74 -2.74 17.06 2.01
N THR A 75 -2.47 16.17 1.05
CA THR A 75 -1.30 16.17 0.18
C THR A 75 -1.53 16.89 -1.14
N LYS A 76 -2.78 17.28 -1.44
CA LYS A 76 -3.11 17.81 -2.76
C LYS A 76 -2.38 19.12 -3.04
N PHE A 77 -2.14 19.37 -4.32
CA PHE A 77 -1.41 20.60 -4.68
C PHE A 77 -2.15 21.82 -4.14
N PRO A 78 -1.45 22.76 -3.49
CA PRO A 78 -2.13 23.84 -2.74
C PRO A 78 -2.61 24.97 -3.64
N LEU A 79 -3.42 24.61 -4.62
CA LEU A 79 -3.90 25.54 -5.63
C LEU A 79 -4.82 26.61 -5.04
N ASN A 80 -5.84 26.20 -4.27
CA ASN A 80 -6.73 27.17 -3.64
C ASN A 80 -5.97 28.08 -2.68
N ALA A 81 -4.99 27.53 -1.96
CA ALA A 81 -4.20 28.34 -1.03
C ALA A 81 -3.37 29.41 -1.76
N VAL A 82 -2.78 29.08 -2.91
CA VAL A 82 -2.06 30.10 -3.69
C VAL A 82 -3.03 31.23 -4.08
N ARG A 83 -4.20 30.87 -4.60
CA ARG A 83 -5.15 31.88 -5.03
C ARG A 83 -5.58 32.79 -3.87
N GLU A 84 -5.87 32.20 -2.70
CA GLU A 84 -6.25 32.99 -1.53
C GLU A 84 -5.12 33.90 -1.08
N CYS A 85 -3.88 33.39 -1.03
CA CYS A 85 -2.77 34.23 -0.62
C CYS A 85 -2.60 35.44 -1.54
N LEU A 86 -2.70 35.22 -2.86
CA LEU A 86 -2.58 36.33 -3.82
C LEU A 86 -3.68 37.37 -3.60
N ALA A 87 -4.92 36.91 -3.42
CA ALA A 87 -6.01 37.84 -3.17
C ALA A 87 -5.77 38.65 -1.90
N LEU A 88 -5.31 37.97 -0.83
CA LEU A 88 -5.07 38.68 0.44
C LEU A 88 -3.99 39.75 0.30
N ALA A 89 -2.97 39.46 -0.51
CA ALA A 89 -1.86 40.40 -0.74
C ALA A 89 -2.20 41.49 -1.74
N GLY A 90 -3.36 41.42 -2.39
CA GLY A 90 -3.66 42.34 -3.47
C GLY A 90 -2.77 42.14 -4.68
N ALA A 91 -2.27 40.94 -4.90
CA ALA A 91 -1.28 40.70 -5.93
C ALA A 91 -1.86 39.82 -7.03
N ARG A 92 -1.33 39.97 -8.22
CA ARG A 92 -1.64 39.11 -9.35
C ARG A 92 -0.50 38.13 -9.58
N PRO A 93 -0.77 36.98 -10.20
CA PRO A 93 0.32 36.01 -10.43
C PRO A 93 1.56 36.60 -11.10
N GLU A 94 1.38 37.51 -12.07
CA GLU A 94 2.53 38.08 -12.76
C GLU A 94 3.40 38.91 -11.82
N ASP A 95 2.85 39.35 -10.67
CA ASP A 95 3.59 40.16 -9.72
C ASP A 95 4.62 39.39 -8.92
N VAL A 96 4.60 38.06 -8.96
CA VAL A 96 5.40 37.23 -8.05
C VAL A 96 6.81 37.11 -8.60
N ASP A 97 7.80 37.53 -7.81
CA ASP A 97 9.18 37.47 -8.28
C ASP A 97 9.75 36.06 -8.27
N ALA A 98 9.35 35.21 -7.32
CA ALA A 98 9.95 33.88 -7.23
C ALA A 98 9.00 32.94 -6.50
N VAL A 99 9.13 31.66 -6.82
CA VAL A 99 8.41 30.58 -6.13
C VAL A 99 9.45 29.61 -5.54
N GLY A 100 9.47 29.49 -4.22
CA GLY A 100 10.27 28.45 -3.56
C GLY A 100 9.45 27.18 -3.28
N TYR A 101 10.08 26.04 -3.52
CA TYR A 101 9.51 24.73 -3.17
C TYR A 101 10.38 24.08 -2.08
N PHE A 102 9.72 23.46 -1.10
CA PHE A 102 10.30 23.08 0.20
C PHE A 102 11.23 21.86 0.17
N PHE A 103 11.57 21.28 -0.98
CA PHE A 103 12.45 20.13 -1.10
C PHE A 103 13.32 20.33 -2.34
N PRO A 104 14.49 19.72 -2.39
CA PRO A 104 15.31 19.79 -3.61
C PRO A 104 14.70 19.00 -4.77
N GLU A 105 14.97 19.49 -5.98
CA GLU A 105 14.34 18.95 -7.19
C GLU A 105 14.67 17.47 -7.40
N ASN A 106 15.94 17.10 -7.33
CA ASN A 106 16.35 15.74 -7.69
C ASN A 106 15.75 14.69 -6.76
N HIS A 107 15.69 14.98 -5.45
CA HIS A 107 15.05 14.06 -4.52
C HIS A 107 13.57 13.86 -4.85
N ILE A 108 12.83 14.95 -5.00
CA ILE A 108 11.41 14.87 -5.34
C ILE A 108 11.21 14.08 -6.62
N ASP A 109 12.01 14.38 -7.64
CA ASP A 109 11.79 13.73 -8.93
C ASP A 109 12.16 12.24 -8.88
N THR A 110 13.20 11.90 -8.11
CA THR A 110 13.52 10.49 -7.87
C THR A 110 12.36 9.77 -7.17
N VAL A 111 11.73 10.43 -6.19
CA VAL A 111 10.59 9.83 -5.51
C VAL A 111 9.44 9.65 -6.50
N LEU A 112 9.16 10.67 -7.31
CA LEU A 112 8.12 10.54 -8.33
C LEU A 112 8.46 9.41 -9.30
N ASN A 113 9.72 9.36 -9.75
CA ASN A 113 10.12 8.30 -10.67
C ASN A 113 9.86 6.92 -10.08
N HIS A 114 10.20 6.74 -8.79
CA HIS A 114 9.93 5.45 -8.13
C HIS A 114 8.44 5.14 -8.10
N LEU A 115 7.60 6.13 -7.77
CA LEU A 115 6.16 5.89 -7.79
C LEU A 115 5.67 5.55 -9.19
N TYR A 116 6.28 6.14 -10.22
CA TYR A 116 5.85 5.81 -11.57
C TYR A 116 6.21 4.38 -11.95
N THR A 117 7.28 3.83 -11.36
CA THR A 117 7.56 2.42 -11.65
C THR A 117 6.57 1.49 -10.96
N GLU A 118 5.94 1.91 -9.87
CA GLU A 118 4.96 1.00 -9.29
C GLU A 118 3.53 1.33 -9.69
N TYR A 119 3.33 2.42 -10.46
CA TYR A 119 2.07 2.74 -11.13
C TYR A 119 2.38 2.99 -12.60
N PRO A 120 2.50 1.92 -13.41
CA PRO A 120 2.99 2.11 -14.79
C PRO A 120 2.03 2.87 -15.70
N ARG A 121 0.77 3.08 -15.29
CA ARG A 121 -0.15 3.86 -16.12
C ARG A 121 0.15 5.35 -16.05
N ALA A 122 0.68 5.82 -14.94
CA ALA A 122 0.93 7.24 -14.75
C ALA A 122 1.98 7.75 -15.73
N PRO A 123 1.74 8.89 -16.39
CA PRO A 123 2.73 9.43 -17.32
C PRO A 123 3.94 10.00 -16.62
N LEU A 124 5.08 9.95 -17.32
CA LEU A 124 6.38 10.39 -16.79
C LEU A 124 6.42 11.91 -16.75
N ARG A 125 5.79 12.47 -15.72
CA ARG A 125 5.71 13.91 -15.50
C ARG A 125 6.38 14.23 -14.17
N TYR A 126 7.47 15.00 -14.21
CA TYR A 126 8.24 15.28 -13.01
C TYR A 126 7.85 16.65 -12.43
N SER A 127 8.45 17.01 -11.29
CA SER A 127 7.84 18.02 -10.44
C SER A 127 7.80 19.39 -11.11
N ARG A 128 8.87 19.76 -11.81
CA ARG A 128 8.91 21.07 -12.47
C ARG A 128 7.73 21.22 -13.44
N GLU A 129 7.55 20.24 -14.33
CA GLU A 129 6.42 20.27 -15.26
C GLU A 129 5.09 20.22 -14.51
N LEU A 130 5.05 19.54 -13.37
CA LEU A 130 3.77 19.45 -12.69
C LEU A 130 3.41 20.75 -11.98
N ILE A 131 4.40 21.39 -11.34
CA ILE A 131 4.12 22.65 -10.66
C ILE A 131 3.60 23.67 -11.67
N ARG A 132 4.32 23.82 -12.79
CA ARG A 132 3.96 24.82 -13.78
C ARG A 132 2.63 24.49 -14.43
N GLN A 133 2.36 23.20 -14.69
CA GLN A 133 1.04 22.81 -15.19
C GLN A 133 -0.07 23.21 -14.22
N ARG A 134 0.13 22.95 -12.92
CA ARG A 134 -0.92 23.30 -11.97
C ARG A 134 -1.13 24.81 -11.91
N LEU A 135 -0.04 25.59 -11.93
CA LEU A 135 -0.20 27.05 -11.86
C LEU A 135 -0.79 27.62 -13.15
N LYS A 136 -0.48 27.01 -14.30
CA LYS A 136 -1.02 27.49 -15.57
C LYS A 136 -2.50 27.16 -15.70
N GLU A 137 -2.86 25.89 -15.53
CA GLU A 137 -4.27 25.52 -15.65
C GLU A 137 -5.12 26.12 -14.54
N GLY A 138 -4.56 26.29 -13.34
CA GLY A 138 -5.34 26.70 -12.20
C GLY A 138 -5.50 28.20 -12.05
N LEU A 139 -4.44 28.96 -12.35
CA LEU A 139 -4.44 30.40 -12.20
C LEU A 139 -4.19 31.16 -13.50
N GLY A 140 -3.98 30.46 -14.61
CA GLY A 140 -3.58 31.14 -15.84
C GLY A 140 -2.21 31.74 -15.75
N TRP A 141 -1.32 31.16 -14.95
CA TRP A 141 -0.03 31.73 -14.61
C TRP A 141 1.04 30.88 -15.26
N ASP A 142 1.69 31.44 -16.29
CA ASP A 142 2.80 30.80 -16.96
C ASP A 142 4.07 31.17 -16.19
N LEU A 143 4.58 30.22 -15.40
CA LEU A 143 5.73 30.50 -14.55
C LEU A 143 7.02 30.19 -15.31
N PRO A 144 7.88 31.19 -15.55
CA PRO A 144 9.16 30.89 -16.18
C PRO A 144 10.02 29.99 -15.31
N ASP A 145 10.85 29.17 -15.97
CA ASP A 145 11.63 28.17 -15.25
C ASP A 145 12.58 28.81 -14.25
N GLU A 146 13.13 29.97 -14.58
CA GLU A 146 14.14 30.57 -13.69
C GLU A 146 13.53 31.09 -12.39
N LYS A 147 12.21 31.24 -12.33
CA LYS A 147 11.57 31.72 -11.11
C LYS A 147 11.21 30.61 -10.12
N LEU A 148 11.26 29.34 -10.54
CA LEU A 148 10.96 28.20 -9.66
C LEU A 148 12.25 27.72 -8.99
N VAL A 149 12.38 27.92 -7.67
CA VAL A 149 13.60 27.61 -6.94
C VAL A 149 13.33 26.49 -5.94
N TYR A 150 14.11 25.41 -6.02
CA TYR A 150 14.02 24.30 -5.06
C TYR A 150 15.04 24.48 -3.95
N VAL A 151 14.67 24.06 -2.74
CA VAL A 151 15.37 24.44 -1.52
C VAL A 151 15.62 23.22 -0.64
N PRO A 152 16.80 23.10 -0.02
CA PRO A 152 17.01 22.04 0.99
C PRO A 152 15.97 22.10 2.10
N HIS A 153 15.43 20.92 2.45
CA HIS A 153 14.23 20.88 3.26
C HIS A 153 14.45 21.50 4.64
N HIS A 154 15.54 21.14 5.33
CA HIS A 154 15.74 21.62 6.70
C HIS A 154 16.18 23.09 6.73
N GLU A 155 16.78 23.57 5.63
CA GLU A 155 17.11 25.00 5.54
C GLU A 155 15.83 25.83 5.49
N ALA A 156 14.81 25.35 4.78
CA ALA A 156 13.55 26.08 4.75
C ALA A 156 12.89 26.09 6.14
N HIS A 157 12.84 24.92 6.80
CA HIS A 157 12.39 24.86 8.19
C HIS A 157 13.13 25.90 9.05
N ALA A 158 14.46 25.93 8.94
CA ALA A 158 15.25 26.80 9.81
C ALA A 158 14.98 28.28 9.53
N TYR A 159 14.84 28.64 8.26
CA TYR A 159 14.53 30.03 7.94
C TYR A 159 13.20 30.44 8.57
N SER A 160 12.16 29.63 8.37
CA SER A 160 10.85 29.94 8.92
C SER A 160 10.90 30.13 10.43
N SER A 161 11.54 29.20 11.14
CA SER A 161 11.57 29.24 12.61
C SER A 161 12.41 30.41 13.12
N TYR A 162 13.58 30.64 12.53
CA TYR A 162 14.46 31.64 13.12
C TYR A 162 14.04 33.05 12.74
N LEU A 163 13.63 33.28 11.49
CA LEU A 163 13.40 34.64 11.01
C LEU A 163 12.18 35.28 11.66
N HIS A 164 11.26 34.48 12.19
CA HIS A 164 10.08 35.00 12.87
C HIS A 164 10.27 35.15 14.37
N SER A 165 11.47 34.82 14.90
CA SER A 165 11.70 34.80 16.34
C SER A 165 11.99 36.17 16.93
N GLY A 166 12.29 37.18 16.11
CA GLY A 166 12.80 38.43 16.64
C GLY A 166 14.24 38.38 17.12
N MET A 167 14.91 37.23 17.05
CA MET A 167 16.28 37.11 17.55
C MET A 167 17.26 37.42 16.44
N ASP A 168 18.41 37.97 16.82
CA ASP A 168 19.45 38.27 15.83
C ASP A 168 20.57 37.25 15.80
N SER A 169 20.61 36.33 16.77
CA SER A 169 21.50 35.18 16.75
C SER A 169 20.89 34.11 17.65
N ALA A 170 21.10 32.86 17.26
CA ALA A 170 20.45 31.75 17.95
C ALA A 170 21.01 30.43 17.44
N LEU A 171 20.87 29.41 18.28
CA LEU A 171 20.91 28.03 17.83
C LEU A 171 19.55 27.67 17.23
N VAL A 172 19.56 26.95 16.11
CA VAL A 172 18.32 26.53 15.46
C VAL A 172 18.35 25.02 15.30
N LEU A 173 17.40 24.34 15.93
CA LEU A 173 17.22 22.89 15.86
C LEU A 173 16.04 22.56 14.97
N VAL A 174 16.26 21.70 13.96
CA VAL A 174 15.18 21.19 13.12
C VAL A 174 15.08 19.68 13.33
N LEU A 175 13.90 19.19 13.72
CA LEU A 175 13.64 17.76 13.84
C LEU A 175 12.29 17.43 13.24
N ASP A 176 12.26 16.50 12.29
CA ASP A 176 11.00 16.05 11.68
C ASP A 176 11.10 14.55 11.38
N GLY A 177 10.18 14.05 10.56
CA GLY A 177 10.33 12.77 9.90
C GLY A 177 11.58 12.68 9.05
N ARG A 178 11.63 13.41 7.93
CA ARG A 178 12.87 13.49 7.15
C ARG A 178 12.83 14.67 6.19
N GLY A 179 14.00 15.21 5.88
CA GLY A 179 14.25 15.96 4.67
C GLY A 179 14.90 15.07 3.61
N GLU A 180 15.61 15.71 2.69
CA GLU A 180 16.15 14.94 1.58
C GLU A 180 17.27 13.99 2.03
N LEU A 181 18.06 14.38 3.02
CA LEU A 181 19.20 13.60 3.51
C LEU A 181 19.17 13.30 5.00
N HIS A 182 18.42 14.04 5.80
CA HIS A 182 18.60 14.00 7.24
C HIS A 182 17.24 14.06 7.92
N SER A 183 17.17 13.47 9.10
CA SER A 183 16.00 13.59 9.96
C SER A 183 16.13 14.71 10.99
N GLY A 184 17.35 15.23 11.20
CA GLY A 184 17.56 16.34 12.11
C GLY A 184 18.73 17.20 11.68
N THR A 185 18.64 18.52 11.88
CA THR A 185 19.74 19.43 11.54
C THR A 185 19.88 20.48 12.64
N VAL A 186 21.10 20.89 12.92
CA VAL A 186 21.41 21.93 13.90
C VAL A 186 22.14 23.05 13.18
N TYR A 187 21.66 24.28 13.34
CA TYR A 187 22.26 25.44 12.70
C TYR A 187 22.65 26.48 13.72
N ARG A 188 23.68 27.25 13.37
CA ARG A 188 23.89 28.58 13.94
C ARG A 188 23.24 29.61 13.04
N ALA A 189 22.50 30.54 13.63
CA ALA A 189 21.84 31.62 12.91
C ALA A 189 22.37 32.95 13.42
N GLU A 190 22.71 33.85 12.50
CA GLU A 190 23.28 35.15 12.84
C GLU A 190 22.91 36.13 11.74
N GLY A 191 22.28 37.24 12.11
CA GLY A 191 21.69 38.09 11.08
C GLY A 191 20.72 37.27 10.24
N THR A 192 20.97 37.20 8.93
CA THR A 192 20.16 36.37 8.04
C THR A 192 20.93 35.17 7.49
N ARG A 193 22.07 34.83 8.11
CA ARG A 193 22.91 33.73 7.64
C ARG A 193 22.68 32.49 8.50
N LEU A 194 22.51 31.35 7.84
CA LEU A 194 22.46 30.06 8.49
C LEU A 194 23.77 29.34 8.22
N GLU A 195 24.35 28.75 9.26
CA GLU A 195 25.51 27.88 9.08
C GLU A 195 25.25 26.57 9.82
N LYS A 196 25.38 25.46 9.11
CA LYS A 196 25.11 24.15 9.69
C LYS A 196 26.19 23.77 10.71
N LEU A 197 25.76 23.25 11.85
CA LEU A 197 26.65 22.70 12.86
C LEU A 197 26.61 21.18 12.92
N ALA A 198 25.47 20.57 12.63
CA ALA A 198 25.30 19.13 12.81
C ALA A 198 24.11 18.66 11.99
N ASP A 199 24.08 17.36 11.71
CA ASP A 199 22.89 16.74 11.17
C ASP A 199 22.85 15.30 11.64
N TYR A 200 21.66 14.69 11.51
CA TYR A 200 21.43 13.31 11.90
C TYR A 200 20.76 12.56 10.77
N PRO A 201 21.18 11.33 10.48
CA PRO A 201 20.69 10.62 9.29
C PRO A 201 19.24 10.16 9.45
N VAL A 202 18.67 9.78 8.30
CA VAL A 202 17.24 9.43 8.24
C VAL A 202 16.86 8.31 9.20
N PRO A 203 17.58 7.18 9.28
CA PRO A 203 17.12 6.10 10.19
C PRO A 203 17.18 6.46 11.67
N LYS A 204 17.84 7.56 12.03
CA LYS A 204 17.78 8.06 13.39
C LYS A 204 16.58 8.99 13.64
N SER A 205 15.60 9.04 12.73
CA SER A 205 14.51 10.01 12.87
C SER A 205 13.72 9.83 14.18
N LEU A 206 13.58 10.93 14.93
CA LEU A 206 12.69 10.96 16.09
C LEU A 206 11.25 11.19 15.67
N GLY A 207 11.00 11.94 14.60
CA GLY A 207 9.68 11.92 13.99
C GLY A 207 9.27 10.53 13.55
N GLY A 208 10.18 9.80 12.91
CA GLY A 208 9.88 8.42 12.52
C GLY A 208 9.63 7.51 13.70
N LEU A 209 10.48 7.60 14.74
CA LEU A 209 10.27 6.80 15.94
C LEU A 209 8.89 7.07 16.55
N TYR A 210 8.55 8.35 16.74
CA TYR A 210 7.29 8.71 17.38
C TYR A 210 6.11 8.23 16.55
N LEU A 211 6.20 8.34 15.24
CA LEU A 211 5.13 7.85 14.38
C LEU A 211 5.08 6.31 14.36
N ASN A 212 6.24 5.64 14.33
CA ASN A 212 6.25 4.19 14.43
C ASN A 212 5.48 3.75 15.68
N ALA A 213 5.75 4.42 16.81
CA ALA A 213 5.09 4.09 18.06
C ALA A 213 3.62 4.46 18.03
N THR A 214 3.28 5.53 17.32
CA THR A 214 1.89 5.95 17.24
C THR A 214 1.00 4.89 16.59
N TYR A 215 1.56 4.18 15.59
CA TYR A 215 0.84 3.13 14.91
C TYR A 215 0.46 1.99 15.86
N LEU A 216 1.23 1.75 16.92
CA LEU A 216 0.87 0.71 17.88
C LEU A 216 -0.36 1.07 18.71
N LEU A 217 -0.81 2.31 18.70
CA LEU A 217 -1.97 2.70 19.48
C LEU A 217 -3.20 2.90 18.60
N GLY A 218 -3.24 2.20 17.47
CA GLY A 218 -4.40 2.30 16.60
C GLY A 218 -4.56 3.63 15.90
N TYR A 219 -3.49 4.41 15.82
CA TYR A 219 -3.49 5.74 15.21
C TYR A 219 -2.66 5.73 13.94
N GLY A 220 -2.62 6.89 13.28
CA GLY A 220 -1.83 7.06 12.08
C GLY A 220 -1.16 8.41 11.97
N PHE A 221 -0.77 8.78 10.74
CA PHE A 221 -0.16 10.08 10.54
C PHE A 221 -1.09 11.18 11.02
N GLY A 222 -0.51 12.18 11.69
CA GLY A 222 -1.29 13.25 12.25
C GLY A 222 -1.78 13.03 13.66
N ASP A 223 -1.70 11.81 14.19
CA ASP A 223 -2.25 11.52 15.51
C ASP A 223 -1.20 11.61 16.61
N GLU A 224 0.05 11.98 16.28
CA GLU A 224 1.12 11.96 17.27
C GLU A 224 0.80 12.82 18.50
N TYR A 225 0.10 13.95 18.32
CA TYR A 225 -0.15 14.80 19.47
C TYR A 225 -1.28 14.27 20.35
N LYS A 226 -2.15 13.40 19.82
CA LYS A 226 -3.08 12.66 20.69
C LYS A 226 -2.32 11.68 21.58
N VAL A 227 -1.36 10.95 21.00
CA VAL A 227 -0.48 10.10 21.80
C VAL A 227 0.21 10.94 22.89
N MET A 228 0.78 12.09 22.51
CA MET A 228 1.35 13.01 23.49
C MET A 228 0.37 13.37 24.60
N GLY A 229 -0.90 13.59 24.26
CA GLY A 229 -1.90 13.87 25.27
C GLY A 229 -2.28 12.66 26.12
N LEU A 230 -2.06 11.45 25.60
CA LEU A 230 -2.32 10.23 26.37
C LEU A 230 -1.22 9.96 27.40
N ALA A 231 0.02 10.33 27.08
CA ALA A 231 1.18 9.99 27.91
C ALA A 231 1.03 10.32 29.40
N PRO A 232 0.49 11.47 29.83
CA PRO A 232 0.45 11.74 31.29
C PRO A 232 -0.48 10.80 32.05
N TRP A 233 -1.37 10.09 31.36
CA TRP A 233 -2.18 9.07 32.03
C TRP A 233 -1.38 7.80 32.30
N GLY A 234 -0.15 7.69 31.80
CA GLY A 234 0.58 6.46 31.92
C GLY A 234 1.70 6.55 32.93
N ASN A 235 2.18 5.39 33.39
CA ASN A 235 3.38 5.30 34.20
C ASN A 235 4.55 5.01 33.28
N PRO A 236 5.54 5.90 33.17
CA PRO A 236 6.67 5.68 32.24
C PRO A 236 7.65 4.60 32.68
N GLU A 237 7.46 4.01 33.87
CA GLU A 237 8.37 2.97 34.34
C GLU A 237 8.12 1.62 33.68
N THR A 238 6.87 1.31 33.32
CA THR A 238 6.56 -0.05 32.85
C THR A 238 7.39 -0.43 31.63
N TYR A 239 7.53 0.47 30.67
CA TYR A 239 8.21 0.14 29.42
C TYR A 239 9.52 0.88 29.23
N ARG A 240 10.05 1.50 30.29
CA ARG A 240 11.32 2.22 30.18
C ARG A 240 12.47 1.29 29.75
N ASP A 241 12.54 0.08 30.31
CA ASP A 241 13.63 -0.84 29.98
C ASP A 241 13.48 -1.42 28.58
N THR A 242 12.27 -1.46 28.06
CA THR A 242 12.03 -1.91 26.70
C THR A 242 12.44 -0.84 25.71
N PHE A 243 11.99 0.41 25.93
CA PHE A 243 12.39 1.50 25.05
C PHE A 243 13.89 1.72 25.10
N ALA A 244 14.54 1.36 26.22
CA ALA A 244 15.98 1.52 26.35
C ALA A 244 16.76 0.67 25.35
N LYS A 245 16.15 -0.42 24.86
CA LYS A 245 16.77 -1.27 23.86
C LYS A 245 16.66 -0.70 22.45
N LEU A 246 15.84 0.32 22.25
CA LEU A 246 15.69 0.90 20.93
C LEU A 246 16.56 2.12 20.68
N TYR A 247 17.23 2.67 21.69
CA TYR A 247 18.10 3.82 21.49
C TYR A 247 19.29 3.73 22.45
N THR A 248 20.42 4.30 22.03
CA THR A 248 21.58 4.50 22.90
C THR A 248 22.05 5.95 22.81
N LEU A 249 22.21 6.59 23.96
CA LEU A 249 22.87 7.89 24.02
C LEU A 249 24.38 7.71 23.94
N GLN A 250 25.04 8.55 23.15
CA GLN A 250 26.48 8.49 22.96
C GLN A 250 27.10 9.84 23.32
N ASP A 251 28.43 9.85 23.40
CA ASP A 251 29.16 11.05 23.81
C ASP A 251 28.99 12.17 22.77
N ASN A 252 29.23 13.41 23.21
CA ASN A 252 29.25 14.57 22.33
C ASN A 252 27.90 14.79 21.63
N GLY A 253 26.81 14.60 22.37
CA GLY A 253 25.49 14.85 21.84
C GLY A 253 25.03 13.90 20.76
N GLU A 254 25.70 12.76 20.60
CA GLU A 254 25.29 11.81 19.58
C GLU A 254 24.29 10.81 20.16
N TYR A 255 23.62 10.09 19.25
CA TYR A 255 22.73 9.02 19.66
C TYR A 255 22.56 8.04 18.50
N GLU A 256 21.89 6.94 18.81
CA GLU A 256 21.67 5.88 17.86
C GLU A 256 20.29 5.29 18.12
N LEU A 257 19.62 4.86 17.05
CA LEU A 257 18.40 4.06 17.14
C LEU A 257 18.70 2.69 16.54
N HIS A 258 18.23 1.64 17.19
CA HIS A 258 18.54 0.28 16.78
C HIS A 258 17.41 -0.25 15.91
N GLY A 259 17.70 -0.44 14.63
CA GLY A 259 16.73 -0.95 13.71
C GLY A 259 16.60 -2.46 13.79
N ASN A 260 15.72 -2.99 12.94
CA ASN A 260 15.55 -4.43 12.82
C ASN A 260 15.35 -4.73 11.35
N ILE A 261 15.45 -5.99 10.99
CA ILE A 261 15.34 -6.42 9.59
C ILE A 261 14.00 -7.08 9.32
N MET A 262 13.05 -6.97 10.23
CA MET A 262 11.81 -7.72 10.15
C MET A 262 10.70 -6.92 9.45
N VAL A 263 10.49 -5.68 9.84
CA VAL A 263 9.36 -4.89 9.35
C VAL A 263 9.76 -3.41 9.27
N PRO A 264 9.03 -2.57 8.50
CA PRO A 264 9.35 -1.13 8.45
C PRO A 264 8.73 -0.35 9.60
N ASN A 265 9.18 -0.66 10.82
CA ASN A 265 8.72 -0.04 12.06
C ASN A 265 9.73 -0.44 13.15
N LEU A 266 10.33 0.57 13.79
CA LEU A 266 11.41 0.37 14.75
C LEU A 266 10.92 -0.26 16.06
N VAL A 267 9.66 -0.03 16.38
CA VAL A 267 9.13 -0.28 17.71
C VAL A 267 8.33 -1.58 17.79
N SER A 268 7.57 -1.93 16.75
CA SER A 268 6.61 -3.01 16.99
C SER A 268 7.24 -4.38 17.28
N PRO A 269 8.35 -4.80 16.64
CA PRO A 269 8.86 -6.18 16.92
C PRO A 269 9.20 -6.43 18.37
N LEU A 270 9.96 -5.55 19.01
CA LEU A 270 10.33 -5.79 20.40
C LEU A 270 9.11 -5.78 21.30
N PHE A 271 8.14 -4.89 21.03
CA PHE A 271 6.97 -4.86 21.90
C PHE A 271 6.06 -6.07 21.65
N TYR A 272 5.99 -6.57 20.40
CA TYR A 272 5.28 -7.82 20.18
C TYR A 272 5.90 -8.96 21.00
N ALA A 273 7.24 -9.06 20.99
CA ALA A 273 7.94 -10.13 21.69
C ALA A 273 7.63 -10.14 23.19
N GLU A 274 7.31 -9.00 23.79
CA GLU A 274 7.01 -9.00 25.21
C GLU A 274 5.51 -8.90 25.49
N GLY A 275 4.67 -9.18 24.50
CA GLY A 275 3.25 -9.37 24.72
C GLY A 275 2.37 -8.15 24.59
N PHE A 276 2.90 -7.05 24.05
CA PHE A 276 2.08 -5.86 23.82
C PHE A 276 1.06 -6.11 22.72
N ARG A 277 -0.16 -5.66 22.94
CA ARG A 277 -1.26 -5.87 22.00
C ARG A 277 -1.73 -4.53 21.43
N PRO A 278 -1.40 -4.24 20.17
CA PRO A 278 -1.78 -2.95 19.58
C PRO A 278 -3.28 -2.70 19.61
N ARG A 279 -3.64 -1.47 19.95
CA ARG A 279 -5.03 -1.08 20.12
C ARG A 279 -5.79 -1.15 18.80
N ARG A 280 -6.95 -1.78 18.83
CA ARG A 280 -7.82 -1.83 17.67
C ARG A 280 -8.63 -0.56 17.58
N LYS A 281 -9.03 -0.20 16.36
CA LYS A 281 -9.70 1.08 16.17
C LYS A 281 -11.10 1.01 16.77
N GLY A 282 -11.47 2.06 17.48
CA GLY A 282 -12.75 2.09 18.17
C GLY A 282 -12.77 1.39 19.51
N GLU A 283 -11.63 0.92 20.01
CA GLU A 283 -11.57 0.25 21.29
C GLU A 283 -10.86 1.12 22.32
N PRO A 284 -11.04 0.84 23.62
CA PRO A 284 -10.48 1.73 24.65
C PRO A 284 -8.97 1.66 24.72
N PHE A 285 -8.42 2.65 25.43
CA PHE A 285 -7.00 2.71 25.76
C PHE A 285 -6.80 2.05 27.12
N THR A 286 -6.15 0.89 27.12
CA THR A 286 -5.85 0.17 28.34
C THR A 286 -4.74 0.88 29.13
N GLN A 287 -4.55 0.44 30.37
CA GLN A 287 -3.44 0.97 31.16
C GLN A 287 -2.11 0.71 30.47
N ALA A 288 -1.98 -0.44 29.81
CA ALA A 288 -0.75 -0.75 29.10
C ALA A 288 -0.53 0.23 27.94
N HIS A 289 -1.59 0.62 27.23
CA HIS A 289 -1.49 1.63 26.17
C HIS A 289 -1.01 2.96 26.74
N ARG A 290 -1.60 3.39 27.85
CA ARG A 290 -1.17 4.63 28.50
C ARG A 290 0.28 4.57 28.91
N ASP A 291 0.67 3.49 29.59
CA ASP A 291 2.05 3.28 29.98
C ASP A 291 2.98 3.34 28.78
N PHE A 292 2.54 2.76 27.67
CA PHE A 292 3.32 2.79 26.44
C PHE A 292 3.53 4.24 25.97
N ALA A 293 2.45 5.02 25.90
CA ALA A 293 2.59 6.42 25.50
C ALA A 293 3.54 7.16 26.43
N ALA A 294 3.42 6.92 27.74
CA ALA A 294 4.26 7.64 28.70
C ALA A 294 5.73 7.34 28.47
N ALA A 295 6.09 6.07 28.27
CA ALA A 295 7.50 5.74 28.04
C ALA A 295 7.99 6.23 26.68
N LEU A 296 7.12 6.28 25.66
CA LEU A 296 7.51 6.87 24.38
C LEU A 296 7.90 8.35 24.54
N GLN A 297 7.02 9.12 25.22
CA GLN A 297 7.24 10.55 25.42
C GLN A 297 8.53 10.82 26.18
N GLU A 298 8.71 10.16 27.32
CA GLU A 298 9.99 10.23 28.06
C GLU A 298 11.19 9.93 27.16
N THR A 299 11.09 8.90 26.30
CA THR A 299 12.23 8.53 25.46
C THR A 299 12.64 9.66 24.53
N VAL A 300 11.68 10.24 23.83
CA VAL A 300 12.00 11.33 22.92
C VAL A 300 12.51 12.54 23.68
N GLU A 301 12.00 12.77 24.91
CA GLU A 301 12.48 13.90 25.69
C GLU A 301 13.94 13.71 26.05
N LYS A 302 14.29 12.53 26.57
CA LYS A 302 15.67 12.25 26.97
C LYS A 302 16.62 12.45 25.80
N ILE A 303 16.21 12.10 24.59
CA ILE A 303 17.11 12.16 23.43
C ILE A 303 17.28 13.59 22.95
N VAL A 304 16.17 14.33 22.81
CA VAL A 304 16.24 15.73 22.42
C VAL A 304 17.02 16.53 23.44
N LEU A 305 16.77 16.30 24.72
CA LEU A 305 17.50 17.09 25.72
C LEU A 305 18.98 16.71 25.74
N HIS A 306 19.31 15.47 25.36
CA HIS A 306 20.70 15.07 25.19
C HIS A 306 21.35 15.87 24.05
N ILE A 307 20.69 15.93 22.89
CA ILE A 307 21.18 16.75 21.78
C ILE A 307 21.36 18.21 22.19
N LEU A 308 20.34 18.80 22.83
CA LEU A 308 20.41 20.22 23.14
C LEU A 308 21.41 20.51 24.25
N GLU A 309 21.55 19.61 25.23
CA GLU A 309 22.56 19.85 26.26
C GLU A 309 23.94 19.99 25.63
N TYR A 310 24.24 19.16 24.63
CA TYR A 310 25.55 19.26 24.03
C TYR A 310 25.67 20.52 23.18
N TRP A 311 24.68 20.77 22.30
CA TRP A 311 24.85 21.86 21.34
C TRP A 311 24.67 23.23 21.97
N ALA A 312 23.99 23.34 23.12
CA ALA A 312 23.96 24.60 23.83
C ALA A 312 25.35 25.00 24.31
N LYS A 313 26.01 24.11 25.05
CA LYS A 313 27.33 24.46 25.58
C LYS A 313 28.39 24.52 24.49
N THR A 314 28.23 23.74 23.42
CA THR A 314 29.24 23.74 22.38
C THR A 314 29.14 25.00 21.52
N SER A 315 27.92 25.37 21.12
CA SER A 315 27.75 26.50 20.22
C SER A 315 27.83 27.83 20.95
N GLY A 316 27.57 27.83 22.27
CA GLY A 316 27.60 29.04 23.08
C GLY A 316 26.37 29.91 23.01
N HIS A 317 25.33 29.51 22.26
CA HIS A 317 24.12 30.32 22.15
C HIS A 317 23.21 30.15 23.37
N SER A 318 22.70 31.25 23.88
CA SER A 318 21.71 31.25 24.96
C SER A 318 20.28 31.26 24.45
N ARG A 319 20.07 31.35 23.15
CA ARG A 319 18.73 31.41 22.58
C ARG A 319 18.54 30.25 21.61
N LEU A 320 17.33 29.69 21.60
CA LEU A 320 16.99 28.56 20.74
C LEU A 320 15.74 28.82 19.92
N CYS A 321 15.81 28.51 18.63
CA CYS A 321 14.61 28.34 17.80
C CYS A 321 14.50 26.86 17.46
N PHE A 322 13.32 26.29 17.66
CA PHE A 322 13.08 24.86 17.48
C PHE A 322 11.98 24.70 16.45
N GLY A 323 12.29 24.05 15.33
CA GLY A 323 11.29 23.83 14.29
C GLY A 323 11.35 22.42 13.74
N GLY A 324 10.67 22.16 12.63
CA GLY A 324 10.38 20.80 12.23
C GLY A 324 9.15 20.26 12.93
N GLY A 325 8.59 19.18 12.35
CA GLY A 325 7.34 18.63 12.85
C GLY A 325 7.36 18.27 14.33
N VAL A 326 8.50 17.80 14.84
CA VAL A 326 8.60 17.39 16.25
C VAL A 326 8.40 18.58 17.19
N ALA A 327 8.62 19.81 16.73
CA ALA A 327 8.39 21.00 17.55
C ALA A 327 6.91 21.24 17.84
N HIS A 328 6.01 20.44 17.30
CA HIS A 328 4.64 20.47 17.76
C HIS A 328 4.41 19.55 18.97
N ASN A 329 5.46 18.93 19.49
CA ASN A 329 5.33 18.16 20.72
C ASN A 329 5.41 19.16 21.87
N SER A 330 4.24 19.63 22.30
CA SER A 330 4.21 20.70 23.30
C SER A 330 4.84 20.28 24.60
N SER A 331 4.69 19.01 24.98
CA SER A 331 5.30 18.53 26.22
C SER A 331 6.81 18.62 26.13
N LEU A 332 7.38 18.15 25.04
CA LEU A 332 8.82 18.28 24.85
C LEU A 332 9.25 19.75 24.95
N ASN A 333 8.49 20.65 24.33
CA ASN A 333 8.85 22.07 24.39
C ASN A 333 8.84 22.58 25.81
N GLY A 334 7.84 22.16 26.61
CA GLY A 334 7.79 22.53 28.02
C GLY A 334 9.01 22.06 28.79
N LEU A 335 9.44 20.81 28.55
CA LEU A 335 10.65 20.30 29.17
C LEU A 335 11.87 21.12 28.75
N ILE A 336 11.96 21.48 27.47
CA ILE A 336 13.08 22.29 27.00
C ILE A 336 13.10 23.62 27.75
N LEU A 337 11.93 24.23 27.90
CA LEU A 337 11.79 25.47 28.64
C LEU A 337 12.31 25.33 30.06
N LYS A 338 11.92 24.25 30.75
CA LYS A 338 12.25 24.06 32.16
C LYS A 338 13.70 23.66 32.37
N SER A 339 14.38 23.21 31.32
CA SER A 339 15.68 22.58 31.47
C SER A 339 16.76 23.57 31.91
N GLY A 340 16.58 24.87 31.67
CA GLY A 340 17.62 25.84 31.96
C GLY A 340 18.74 25.91 30.95
N LEU A 341 18.66 25.14 29.85
CA LEU A 341 19.72 25.15 28.85
C LEU A 341 19.78 26.47 28.06
N PHE A 342 18.66 27.19 27.99
CA PHE A 342 18.58 28.40 27.18
C PHE A 342 17.87 29.46 28.00
N ASP A 343 18.20 30.71 27.73
CA ASP A 343 17.44 31.79 28.34
C ASP A 343 16.17 32.10 27.57
N GLU A 344 16.11 31.74 26.29
CA GLU A 344 14.99 32.14 25.45
C GLU A 344 14.74 31.04 24.42
N VAL A 345 13.46 30.71 24.21
CA VAL A 345 13.08 29.67 23.26
C VAL A 345 11.93 30.19 22.41
N PHE A 346 12.03 30.02 21.09
CA PHE A 346 10.98 30.40 20.16
C PHE A 346 10.55 29.21 19.30
N VAL A 347 9.24 29.04 19.15
CA VAL A 347 8.64 28.06 18.26
C VAL A 347 7.56 28.77 17.43
N HIS A 348 7.54 28.48 16.13
CA HIS A 348 6.64 28.94 15.09
C HIS A 348 5.30 28.21 15.17
N PRO A 349 4.19 28.89 14.85
CA PRO A 349 2.86 28.24 14.91
C PRO A 349 2.67 27.11 13.93
N ALA A 350 3.40 27.10 12.83
CA ALA A 350 3.30 26.06 11.82
C ALA A 350 4.72 25.53 11.63
N SER A 351 5.13 24.61 12.50
CA SER A 351 6.47 24.07 12.43
C SER A 351 6.55 22.79 11.60
N HIS A 352 5.42 22.22 11.21
CA HIS A 352 5.48 21.07 10.32
C HIS A 352 5.71 21.56 8.90
N ASP A 353 5.39 20.75 7.89
CA ASP A 353 5.88 21.07 6.55
C ASP A 353 5.24 22.30 5.92
N ALA A 354 4.11 22.79 6.44
CA ALA A 354 3.62 24.07 5.96
C ALA A 354 4.60 25.18 6.30
N GLY A 355 5.26 25.07 7.46
CA GLY A 355 6.27 26.07 7.82
C GLY A 355 7.51 25.98 6.94
N ALA A 356 7.87 24.77 6.53
CA ALA A 356 8.95 24.60 5.56
C ALA A 356 8.57 25.23 4.22
N GLY A 357 7.29 25.16 3.85
CA GLY A 357 6.84 25.88 2.67
C GLY A 357 7.10 27.37 2.77
N GLU A 358 6.77 27.97 3.91
CA GLU A 358 7.05 29.39 4.08
C GLU A 358 8.55 29.67 4.06
N GLY A 359 9.33 28.81 4.74
CA GLY A 359 10.78 28.99 4.70
C GLY A 359 11.35 28.89 3.30
N ALA A 360 10.76 28.04 2.44
CA ALA A 360 11.19 27.96 1.06
C ALA A 360 11.11 29.31 0.37
N ALA A 361 10.12 30.14 0.74
CA ALA A 361 10.01 31.46 0.12
C ALA A 361 11.19 32.35 0.50
N TYR A 362 11.57 32.35 1.79
CA TYR A 362 12.75 33.12 2.20
C TYR A 362 14.01 32.61 1.53
N ALA A 363 14.17 31.29 1.40
CA ALA A 363 15.37 30.76 0.77
C ALA A 363 15.40 31.10 -0.71
N ALA A 364 14.24 31.06 -1.38
CA ALA A 364 14.21 31.47 -2.78
C ALA A 364 14.54 32.96 -2.92
N ALA A 365 14.10 33.77 -1.97
CA ALA A 365 14.45 35.19 -1.99
C ALA A 365 15.94 35.38 -1.78
N ALA A 366 16.54 34.61 -0.86
CA ALA A 366 17.97 34.73 -0.61
C ALA A 366 18.81 34.38 -1.84
N SER A 367 18.29 33.52 -2.73
CA SER A 367 19.03 33.13 -3.93
C SER A 367 18.89 34.15 -5.06
N LEU A 368 18.03 35.15 -4.91
CA LEU A 368 17.83 36.17 -5.92
C LEU A 368 18.18 37.56 -5.38
N GLY A 369 19.17 37.64 -4.48
CA GLY A 369 19.56 38.90 -3.90
C GLY A 369 19.61 38.82 -2.40
N THR A 370 19.85 39.98 -1.78
CA THR A 370 19.91 40.06 -0.32
C THR A 370 18.53 39.78 0.29
N LEU A 371 18.53 39.17 1.46
CA LEU A 371 17.33 38.64 2.10
C LEU A 371 16.69 39.70 2.99
N GLU A 372 15.48 40.11 2.62
CA GLU A 372 14.66 40.89 3.55
C GLU A 372 14.05 39.96 4.59
N ARG A 373 14.02 40.41 5.83
CA ARG A 373 13.53 39.61 6.94
C ARG A 373 12.41 40.35 7.69
N PRO A 374 11.63 39.63 8.50
CA PRO A 374 10.64 40.30 9.37
C PRO A 374 11.28 41.27 10.36
N GLY A 375 10.62 42.42 10.57
CA GLY A 375 11.10 43.40 11.54
C GLY A 375 10.89 43.02 12.99
N LYS A 376 9.93 42.15 13.29
CA LYS A 376 9.59 41.83 14.68
C LYS A 376 9.27 40.35 14.85
N ARG A 377 9.28 39.91 16.11
CA ARG A 377 8.83 38.57 16.45
C ARG A 377 7.36 38.39 16.09
N LEU A 378 7.06 37.27 15.43
CA LEU A 378 5.67 36.95 15.08
C LEU A 378 4.83 36.75 16.34
N LEU A 379 3.70 37.44 16.41
CA LEU A 379 2.81 37.38 17.56
C LEU A 379 1.41 36.85 17.24
N SER A 380 0.93 36.97 16.01
CA SER A 380 -0.38 36.49 15.62
C SER A 380 -0.20 35.52 14.47
N ALA A 381 -0.93 34.40 14.49
CA ALA A 381 -0.96 33.48 13.36
C ALA A 381 -2.16 33.71 12.45
N SER A 382 -2.86 34.83 12.63
CA SER A 382 -4.12 35.11 11.93
C SER A 382 -3.77 35.57 10.52
N LEU A 383 -3.67 34.61 9.60
CA LEU A 383 -3.02 34.88 8.33
C LEU A 383 -3.75 34.32 7.12
N GLY A 384 -4.83 33.56 7.30
CA GLY A 384 -5.54 32.98 6.18
C GLY A 384 -6.62 33.93 5.70
N PRO A 385 -7.50 33.45 4.83
CA PRO A 385 -8.63 34.28 4.40
C PRO A 385 -9.52 34.64 5.59
N ALA A 386 -10.18 35.78 5.48
CA ALA A 386 -11.13 36.23 6.48
C ALA A 386 -12.50 35.64 6.16
N LEU A 387 -13.55 36.08 6.86
CA LEU A 387 -14.89 35.55 6.64
C LEU A 387 -15.70 36.38 5.67
N GLY A 388 -15.40 37.66 5.54
CA GLY A 388 -16.09 38.55 4.62
C GLY A 388 -16.40 39.88 5.26
N GLY A 389 -16.83 40.87 4.46
CA GLY A 389 -17.27 42.11 5.03
C GLY A 389 -18.59 41.95 5.77
N ARG A 390 -18.90 42.96 6.59
CA ARG A 390 -20.14 42.99 7.38
C ARG A 390 -21.38 42.78 6.51
N GLU A 391 -21.46 43.48 5.38
CA GLU A 391 -22.66 43.38 4.56
C GLU A 391 -22.82 41.99 3.96
N GLN A 392 -21.74 41.39 3.47
CA GLN A 392 -21.90 40.10 2.81
C GLN A 392 -22.13 38.98 3.83
N ILE A 393 -21.64 39.16 5.05
CA ILE A 393 -21.88 38.17 6.10
C ILE A 393 -23.34 38.21 6.52
N ARG A 394 -23.88 39.41 6.72
CA ARG A 394 -25.28 39.57 7.07
C ARG A 394 -26.20 38.97 6.02
N ALA A 395 -25.93 39.28 4.74
CA ALA A 395 -26.76 38.74 3.66
C ALA A 395 -26.70 37.23 3.61
N ARG A 396 -25.51 36.65 3.83
CA ARG A 396 -25.38 35.20 3.73
C ARG A 396 -26.00 34.51 4.93
N LEU A 397 -25.93 35.13 6.10
CA LEU A 397 -26.67 34.61 7.25
C LEU A 397 -28.17 34.62 6.98
N ALA A 398 -28.66 35.59 6.21
CA ALA A 398 -30.07 35.61 5.85
C ALA A 398 -30.45 34.41 4.98
N ASP A 399 -29.56 34.01 4.05
CA ASP A 399 -29.80 32.79 3.25
C ASP A 399 -29.97 31.55 4.11
N TRP A 400 -29.32 31.50 5.28
CA TRP A 400 -29.42 30.38 6.21
C TRP A 400 -30.63 30.50 7.15
N ALA A 401 -31.45 31.55 7.01
CA ALA A 401 -32.56 31.84 7.93
C ALA A 401 -33.46 30.63 8.24
N PRO A 402 -33.73 29.73 7.29
CA PRO A 402 -34.58 28.58 7.63
C PRO A 402 -33.98 27.67 8.67
N LEU A 403 -32.70 27.84 9.00
CA LEU A 403 -32.03 26.96 9.95
C LEU A 403 -31.51 27.68 11.19
N ILE A 404 -31.37 29.01 11.17
CA ILE A 404 -30.78 29.74 12.28
C ILE A 404 -31.60 30.99 12.61
N ASP A 405 -31.45 31.45 13.86
CA ASP A 405 -31.91 32.76 14.31
C ASP A 405 -30.70 33.61 14.64
N VAL A 406 -30.75 34.89 14.28
CA VAL A 406 -29.60 35.77 14.39
C VAL A 406 -29.97 37.00 15.22
N GLU A 407 -29.22 37.24 16.29
CA GLU A 407 -29.26 38.51 17.01
C GLU A 407 -28.00 39.31 16.70
N PHE A 408 -28.13 40.65 16.74
CA PHE A 408 -27.05 41.59 16.49
C PHE A 408 -26.85 42.48 17.71
N PRO A 409 -26.11 42.03 18.73
CA PRO A 409 -25.97 42.81 19.96
C PRO A 409 -25.09 44.04 19.77
N ASP A 410 -25.27 44.99 20.69
CA ASP A 410 -24.49 46.23 20.61
C ASP A 410 -23.01 45.98 20.84
N ASP A 411 -22.68 45.13 21.82
CA ASP A 411 -21.30 44.73 22.13
C ASP A 411 -21.26 43.21 22.18
N ALA A 412 -20.95 42.59 21.03
CA ALA A 412 -20.95 41.13 20.94
C ALA A 412 -19.95 40.51 21.92
N VAL A 413 -18.80 41.15 22.12
CA VAL A 413 -17.81 40.62 23.06
C VAL A 413 -18.37 40.63 24.47
N GLU A 414 -18.98 41.76 24.88
CA GLU A 414 -19.61 41.83 26.19
C GLU A 414 -20.71 40.77 26.35
N THR A 415 -21.51 40.55 25.31
CA THR A 415 -22.53 39.52 25.39
C THR A 415 -21.93 38.11 25.43
N ALA A 416 -20.89 37.86 24.63
CA ALA A 416 -20.24 36.55 24.65
C ALA A 416 -19.69 36.23 26.04
N ALA A 417 -19.03 37.20 26.69
CA ALA A 417 -18.45 36.93 28.01
C ALA A 417 -19.51 36.53 29.02
N GLY A 418 -20.67 37.20 28.98
CA GLY A 418 -21.77 36.82 29.86
C GLY A 418 -22.32 35.43 29.56
N LEU A 419 -22.43 35.09 28.27
CA LEU A 419 -22.90 33.75 27.93
C LEU A 419 -21.93 32.71 28.44
N LEU A 420 -20.63 32.97 28.31
CA LEU A 420 -19.63 32.07 28.89
C LEU A 420 -19.78 31.95 30.39
N ALA A 421 -19.99 33.07 31.09
CA ALA A 421 -20.17 33.02 32.53
C ALA A 421 -21.39 32.22 32.93
N GLU A 422 -22.40 32.16 32.06
CA GLU A 422 -23.63 31.41 32.33
C GLU A 422 -23.50 29.94 31.99
N GLY A 423 -22.33 29.48 31.56
CA GLY A 423 -22.13 28.07 31.30
C GLY A 423 -22.34 27.61 29.88
N GLN A 424 -22.41 28.52 28.92
CA GLN A 424 -22.62 28.17 27.53
C GLN A 424 -21.30 27.88 26.82
N VAL A 425 -21.36 26.97 25.84
CA VAL A 425 -20.22 26.63 25.01
C VAL A 425 -20.40 27.34 23.68
N LEU A 426 -19.41 28.14 23.30
CA LEU A 426 -19.52 29.11 22.22
C LEU A 426 -18.64 28.72 21.05
N GLY A 427 -19.19 28.78 19.83
CA GLY A 427 -18.37 28.95 18.66
C GLY A 427 -17.92 30.40 18.53
N TRP A 428 -16.74 30.61 17.96
CA TRP A 428 -16.12 31.93 17.98
C TRP A 428 -15.33 32.07 16.68
N ALA A 429 -15.80 32.92 15.78
CA ALA A 429 -15.23 33.00 14.45
C ALA A 429 -15.08 34.47 14.09
N TYR A 430 -13.84 34.91 13.90
CA TYR A 430 -13.53 36.30 13.59
C TYR A 430 -12.31 36.38 12.69
N GLY A 431 -12.37 37.28 11.71
CA GLY A 431 -11.16 37.67 10.99
C GLY A 431 -10.47 36.52 10.27
N ARG A 432 -9.16 36.66 10.11
CA ARG A 432 -8.38 35.76 9.27
C ARG A 432 -8.01 34.49 10.04
N SER A 433 -8.07 33.36 9.36
CA SER A 433 -7.94 32.07 10.04
C SER A 433 -6.50 31.78 10.44
N GLU A 434 -6.36 30.99 11.51
CA GLU A 434 -5.05 30.65 12.08
C GLU A 434 -4.23 29.78 11.13
N PHE A 435 -2.96 30.15 10.97
CA PHE A 435 -1.98 29.35 10.27
C PHE A 435 -1.32 28.40 11.27
N GLY A 436 -1.22 27.12 10.91
CA GLY A 436 -0.79 26.09 11.84
C GLY A 436 -1.97 25.45 12.56
N PRO A 437 -1.74 24.35 13.31
CA PRO A 437 -2.87 23.54 13.80
C PRO A 437 -3.64 24.07 15.01
N ARG A 438 -3.16 25.11 15.69
CA ARG A 438 -3.82 25.60 16.91
C ARG A 438 -4.84 26.70 16.63
N ALA A 439 -6.01 26.61 17.26
CA ALA A 439 -6.95 27.72 17.31
C ALA A 439 -6.56 28.69 18.42
N LEU A 440 -6.54 29.99 18.10
CA LEU A 440 -6.01 31.02 18.96
C LEU A 440 -6.94 32.24 19.06
N GLY A 441 -8.23 32.05 18.81
CA GLY A 441 -9.19 33.12 18.93
C GLY A 441 -9.74 33.64 17.62
N HIS A 442 -9.42 33.01 16.50
CA HIS A 442 -10.09 33.34 15.25
C HIS A 442 -11.01 32.24 14.73
N ARG A 443 -10.74 30.95 15.04
CA ARG A 443 -11.64 29.84 14.70
C ARG A 443 -11.64 28.89 15.90
N SER A 444 -12.35 29.29 16.96
CA SER A 444 -12.21 28.62 18.24
C SER A 444 -13.58 28.24 18.81
N ILE A 445 -13.53 27.25 19.72
CA ILE A 445 -14.64 26.90 20.59
C ILE A 445 -14.20 27.18 22.01
N VAL A 446 -14.92 28.05 22.70
CA VAL A 446 -14.53 28.44 24.05
C VAL A 446 -15.63 28.10 25.03
N ALA A 447 -15.23 28.00 26.30
CA ALA A 447 -16.12 27.70 27.40
C ALA A 447 -15.42 28.05 28.69
N ASP A 448 -16.20 28.16 29.75
CA ASP A 448 -15.67 28.29 31.11
C ASP A 448 -14.64 27.21 31.40
N ALA A 449 -13.48 27.61 31.94
CA ALA A 449 -12.40 26.64 32.20
C ALA A 449 -12.46 26.01 33.59
N ARG A 450 -13.36 26.47 34.45
CA ARG A 450 -13.35 26.01 35.84
C ARG A 450 -13.92 24.59 36.05
N PRO A 451 -15.12 24.25 35.55
CA PRO A 451 -15.69 22.95 35.94
C PRO A 451 -15.05 21.79 35.18
N GLU A 452 -14.60 20.78 35.93
CA GLU A 452 -14.06 19.56 35.31
C GLU A 452 -15.05 18.91 34.36
N GLU A 453 -16.36 18.98 34.67
CA GLU A 453 -17.36 18.39 33.78
C GLU A 453 -17.34 19.00 32.38
N ASN A 454 -16.86 20.24 32.22
CA ASN A 454 -16.77 20.82 30.89
C ASN A 454 -15.81 20.03 29.99
N ARG A 455 -14.71 19.54 30.56
CA ARG A 455 -13.83 18.66 29.79
C ARG A 455 -14.54 17.37 29.39
N THR A 456 -15.27 16.78 30.34
CA THR A 456 -15.93 15.51 30.07
C THR A 456 -16.98 15.66 28.98
N ARG A 457 -17.79 16.71 29.08
CA ARG A 457 -18.86 16.90 28.11
C ARG A 457 -18.32 17.36 26.76
N ILE A 458 -17.40 18.33 26.75
CA ILE A 458 -16.93 18.84 25.47
C ILE A 458 -16.17 17.76 24.71
N ASN A 459 -15.45 16.88 25.41
CA ASN A 459 -14.89 15.70 24.74
C ASN A 459 -16.00 14.82 24.18
N ALA A 460 -17.00 14.50 25.01
CA ALA A 460 -17.96 13.45 24.68
C ALA A 460 -19.04 13.96 23.72
N MET A 461 -19.59 15.13 23.98
CA MET A 461 -20.76 15.64 23.25
C MET A 461 -20.42 16.63 22.16
N VAL A 462 -19.35 17.42 22.29
CA VAL A 462 -19.13 18.53 21.37
C VAL A 462 -18.09 18.12 20.34
N LYS A 463 -16.86 17.88 20.78
CA LYS A 463 -15.80 17.43 19.86
C LYS A 463 -15.93 15.95 19.50
N LYS A 464 -16.65 15.16 20.29
CA LYS A 464 -16.85 13.72 20.04
C LYS A 464 -15.52 13.00 19.84
N ARG A 465 -14.69 13.04 20.87
CA ARG A 465 -13.38 12.40 20.83
C ARG A 465 -13.13 11.67 22.14
N GLU A 466 -11.92 11.17 22.30
CA GLU A 466 -11.61 10.29 23.42
C GLU A 466 -11.59 11.06 24.74
N GLY A 467 -12.02 10.37 25.80
CA GLY A 467 -12.13 11.00 27.09
C GLY A 467 -10.82 11.30 27.78
N PHE A 468 -9.72 10.73 27.28
CA PHE A 468 -8.43 11.06 27.89
C PHE A 468 -7.90 12.41 27.44
N ARG A 469 -8.50 13.01 26.40
CA ARG A 469 -7.88 14.14 25.72
C ARG A 469 -7.94 15.40 26.59
N PRO A 470 -6.83 16.11 26.76
CA PRO A 470 -6.85 17.35 27.56
C PRO A 470 -7.45 18.51 26.76
N PHE A 471 -7.75 19.59 27.49
CA PHE A 471 -8.17 20.84 26.88
C PHE A 471 -7.23 21.96 27.31
N ALA A 472 -6.94 22.84 26.37
CA ALA A 472 -5.91 23.86 26.54
C ALA A 472 -6.52 25.19 26.99
N PRO A 473 -5.85 25.92 27.87
CA PRO A 473 -6.40 27.21 28.30
C PRO A 473 -5.82 28.42 27.59
N VAL A 474 -6.62 29.48 27.47
CA VAL A 474 -6.16 30.81 27.10
C VAL A 474 -6.30 31.71 28.32
N VAL A 475 -5.27 32.49 28.61
CA VAL A 475 -5.21 33.40 29.76
C VAL A 475 -4.74 34.77 29.27
N THR A 476 -5.19 35.83 29.93
CA THR A 476 -4.67 37.16 29.62
C THR A 476 -3.19 37.25 30.02
N ALA A 477 -2.42 38.01 29.24
CA ALA A 477 -1.02 38.23 29.59
C ALA A 477 -0.87 38.84 30.99
N GLU A 478 -1.86 39.61 31.46
CA GLU A 478 -1.72 40.27 32.76
C GLU A 478 -1.93 39.30 33.92
N ALA A 479 -2.69 38.23 33.70
CA ALA A 479 -2.99 37.27 34.75
C ALA A 479 -2.21 35.98 34.62
N ALA A 480 -1.44 35.80 33.54
CA ALA A 480 -0.83 34.51 33.25
C ALA A 480 -0.01 33.97 34.43
N ARG A 481 0.76 34.85 35.07
CA ARG A 481 1.61 34.35 36.16
C ARG A 481 0.85 34.13 37.44
N ASP A 482 -0.41 34.57 37.53
CA ASP A 482 -1.28 34.17 38.62
C ASP A 482 -1.72 32.72 38.52
N TYR A 483 -1.66 32.11 37.34
CA TYR A 483 -2.21 30.78 37.11
C TYR A 483 -1.20 29.73 36.63
N PHE A 484 -0.14 30.14 35.94
CA PHE A 484 0.74 29.19 35.26
C PHE A 484 2.20 29.47 35.64
N ASP A 485 2.97 28.39 35.70
CA ASP A 485 4.40 28.44 36.02
C ASP A 485 5.17 28.58 34.71
N LEU A 486 5.48 29.81 34.34
CA LEU A 486 6.20 30.09 33.09
C LEU A 486 7.72 30.09 33.28
N SER A 487 8.18 29.96 34.52
CA SER A 487 9.56 30.18 34.91
C SER A 487 10.52 29.28 34.13
N GLY A 488 11.80 29.56 34.28
CA GLY A 488 12.80 28.98 33.42
C GLY A 488 13.14 30.00 32.34
N ALA A 489 13.28 29.53 31.11
CA ALA A 489 13.55 30.40 29.99
C ALA A 489 12.31 31.26 29.67
N ASP A 490 12.50 32.25 28.80
CA ASP A 490 11.39 33.00 28.24
C ASP A 490 11.00 32.34 26.93
N GLY A 491 9.89 31.63 26.92
CA GLY A 491 9.36 31.04 25.72
C GLY A 491 8.20 31.87 25.23
N ASN A 492 7.84 31.70 23.96
CA ASN A 492 6.71 32.42 23.39
C ASN A 492 5.44 31.58 23.55
N HIS A 493 4.43 32.16 24.21
CA HIS A 493 3.19 31.43 24.47
C HIS A 493 2.01 31.93 23.63
N GLU A 494 2.27 32.70 22.57
CA GLU A 494 1.16 33.20 21.75
C GLU A 494 0.48 32.11 20.93
N PHE A 495 1.17 30.98 20.64
CA PHE A 495 0.64 29.95 19.76
C PHE A 495 0.48 28.58 20.44
N MET A 496 0.40 28.53 21.77
CA MET A 496 0.25 27.26 22.52
C MET A 496 1.40 26.29 22.22
N SER A 497 2.61 26.81 22.08
CA SER A 497 3.76 25.97 21.76
C SER A 497 4.26 25.17 22.97
N PHE A 498 4.01 25.61 24.19
CA PHE A 498 4.63 25.03 25.37
C PHE A 498 3.59 24.47 26.32
N VAL A 499 3.79 23.23 26.75
CA VAL A 499 3.08 22.70 27.91
C VAL A 499 3.77 23.22 29.16
N VAL A 500 2.98 23.56 30.17
CA VAL A 500 3.47 24.37 31.28
C VAL A 500 2.73 23.93 32.55
N PRO A 501 3.37 23.91 33.72
CA PRO A 501 2.63 23.55 34.94
C PRO A 501 1.59 24.61 35.30
N VAL A 502 0.40 24.15 35.69
CA VAL A 502 -0.55 25.00 36.38
C VAL A 502 -0.11 25.13 37.83
N LEU A 503 -0.16 26.34 38.38
CA LEU A 503 0.31 26.54 39.75
C LEU A 503 -0.51 25.66 40.69
N PRO A 504 0.14 24.93 41.61
CA PRO A 504 -0.61 23.97 42.46
C PRO A 504 -1.86 24.57 43.13
N GLU A 505 -1.79 25.80 43.61
CA GLU A 505 -2.94 26.40 44.27
C GLU A 505 -4.04 26.83 43.30
N ARG A 506 -3.90 26.56 42.00
CA ARG A 506 -4.95 26.93 41.05
C ARG A 506 -5.52 25.72 40.30
N ARG A 507 -5.05 24.50 40.60
CA ARG A 507 -5.45 23.33 39.82
C ARG A 507 -6.90 22.95 40.06
N THR A 508 -7.39 23.12 41.29
CA THR A 508 -8.81 22.89 41.55
C THR A 508 -9.67 23.94 40.86
N GLU A 509 -9.25 25.20 40.92
CA GLU A 509 -10.00 26.24 40.23
C GLU A 509 -10.12 25.96 38.73
N LEU A 510 -9.05 25.49 38.10
CA LEU A 510 -9.02 25.33 36.63
C LEU A 510 -9.30 23.87 36.24
N GLY A 511 -10.49 23.39 36.58
CA GLY A 511 -10.76 21.96 36.48
C GLY A 511 -10.81 21.41 35.06
N ALA A 512 -11.25 22.21 34.09
CA ALA A 512 -11.38 21.71 32.72
C ALA A 512 -10.07 21.73 31.94
N VAL A 513 -9.07 22.49 32.38
CA VAL A 513 -7.89 22.77 31.59
C VAL A 513 -6.61 22.34 32.29
N THR A 514 -6.72 21.68 33.43
CA THR A 514 -5.56 21.14 34.12
C THR A 514 -5.50 19.66 33.82
N HIS A 515 -4.44 19.24 33.14
CA HIS A 515 -4.27 17.84 32.79
C HIS A 515 -3.96 17.01 34.03
N VAL A 516 -3.98 15.70 33.85
CA VAL A 516 -3.89 14.78 34.98
C VAL A 516 -2.56 14.96 35.71
N ASP A 517 -1.53 15.42 35.02
CA ASP A 517 -0.23 15.68 35.63
C ASP A 517 -0.04 17.14 36.02
N GLY A 518 -1.13 17.93 36.07
CA GLY A 518 -1.03 19.30 36.52
C GLY A 518 -0.53 20.31 35.51
N THR A 519 -0.56 19.98 34.22
CA THR A 519 -0.03 20.87 33.20
C THR A 519 -1.12 21.36 32.25
N ALA A 520 -0.73 22.30 31.38
CA ALA A 520 -1.66 22.94 30.46
C ALA A 520 -0.86 23.49 29.29
N ARG A 521 -1.34 23.24 28.07
CA ARG A 521 -0.78 23.82 26.86
C ARG A 521 -1.30 25.25 26.69
N VAL A 522 -0.61 26.22 27.27
CA VAL A 522 -1.23 27.51 27.52
C VAL A 522 -1.09 28.45 26.33
N GLN A 523 -2.17 29.18 26.03
CA GLN A 523 -2.12 30.36 25.18
C GLN A 523 -2.15 31.59 26.07
N VAL A 524 -1.13 32.43 25.97
CA VAL A 524 -1.12 33.72 26.65
C VAL A 524 -1.47 34.78 25.60
N VAL A 525 -2.67 35.33 25.70
CA VAL A 525 -3.15 36.30 24.72
C VAL A 525 -2.96 37.71 25.28
N SER A 526 -2.53 38.62 24.43
CA SER A 526 -2.27 40.00 24.79
C SER A 526 -3.05 40.89 23.84
N ALA A 527 -3.15 42.18 24.17
CA ALA A 527 -3.79 43.12 23.24
C ALA A 527 -3.06 43.16 21.91
N GLU A 528 -1.74 42.91 21.93
CA GLU A 528 -0.96 42.93 20.69
C GLU A 528 -1.09 41.63 19.90
N SER A 529 -1.24 40.48 20.58
CA SER A 529 -1.32 39.21 19.85
C SER A 529 -2.71 38.98 19.26
N GLY A 530 -3.75 39.40 19.96
CA GLY A 530 -5.14 39.24 19.55
C GLY A 530 -6.03 40.16 20.36
N GLU A 531 -6.28 41.38 19.86
CA GLU A 531 -6.98 42.41 20.63
C GLU A 531 -8.36 41.94 21.10
N ARG A 532 -9.13 41.32 20.20
CA ARG A 532 -10.52 40.99 20.52
C ARG A 532 -10.59 39.81 21.49
N PHE A 533 -9.85 38.74 21.20
CA PHE A 533 -9.83 37.58 22.08
C PHE A 533 -9.31 37.94 23.46
N HIS A 534 -8.31 38.82 23.53
CA HIS A 534 -7.85 39.30 24.82
C HIS A 534 -8.97 40.02 25.58
N ARG A 535 -9.74 40.88 24.88
CA ARG A 535 -10.84 41.59 25.54
C ARG A 535 -11.91 40.61 26.03
N LEU A 536 -12.22 39.58 25.23
CA LEU A 536 -13.17 38.56 25.67
C LEU A 536 -12.69 37.87 26.95
N VAL A 537 -11.44 37.44 26.98
CA VAL A 537 -10.94 36.73 28.16
C VAL A 537 -10.84 37.67 29.35
N ARG A 538 -10.45 38.93 29.12
CA ARG A 538 -10.35 39.86 30.23
C ARG A 538 -11.71 40.14 30.85
N ARG A 539 -12.72 40.34 30.00
CA ARG A 539 -14.07 40.62 30.49
C ARG A 539 -14.65 39.43 31.22
N PHE A 540 -14.47 38.21 30.67
CA PHE A 540 -14.89 37.02 31.41
C PHE A 540 -14.24 36.97 32.79
N GLY A 541 -12.96 37.33 32.86
CA GLY A 541 -12.27 37.36 34.15
C GLY A 541 -12.87 38.35 35.13
N GLU A 542 -13.30 39.52 34.64
CA GLU A 542 -13.93 40.48 35.53
C GLU A 542 -15.28 39.98 36.06
N LEU A 543 -16.07 39.33 35.20
CA LEU A 543 -17.37 38.83 35.60
C LEU A 543 -17.28 37.69 36.60
N THR A 544 -16.21 36.87 36.54
CA THR A 544 -16.17 35.61 37.28
C THR A 544 -15.05 35.52 38.29
N GLY A 545 -14.03 36.38 38.21
CA GLY A 545 -12.83 36.23 39.01
C GLY A 545 -11.72 35.40 38.39
N THR A 546 -11.95 34.80 37.22
CA THR A 546 -11.02 33.84 36.60
C THR A 546 -10.84 34.19 35.12
N PRO A 547 -9.78 34.94 34.77
CA PRO A 547 -9.57 35.29 33.34
C PRO A 547 -8.85 34.18 32.57
N VAL A 548 -9.48 33.01 32.55
CA VAL A 548 -9.01 31.85 31.80
C VAL A 548 -10.22 31.22 31.11
N LEU A 549 -10.07 30.86 29.83
CA LEU A 549 -11.09 30.14 29.07
C LEU A 549 -10.51 28.86 28.47
N LEU A 550 -11.34 27.83 28.42
CA LEU A 550 -11.05 26.68 27.59
C LEU A 550 -11.07 27.12 26.12
N ASN A 551 -10.06 26.71 25.35
CA ASN A 551 -9.97 27.10 23.94
C ASN A 551 -9.60 25.87 23.12
N THR A 552 -10.58 25.31 22.40
CA THR A 552 -10.33 24.19 21.52
C THR A 552 -10.64 24.61 20.09
N SER A 553 -10.15 23.84 19.12
CA SER A 553 -10.27 24.30 17.74
C SER A 553 -11.69 24.07 17.22
N PHE A 554 -12.14 25.00 16.39
CA PHE A 554 -13.52 25.02 15.86
C PHE A 554 -13.59 24.06 14.67
N ASN A 555 -13.91 22.82 14.97
CA ASN A 555 -14.09 21.77 13.98
C ASN A 555 -14.67 20.57 14.70
N ASN A 556 -15.48 19.78 13.98
CA ASN A 556 -15.91 18.51 14.51
C ASN A 556 -14.87 17.45 14.12
N ASN A 557 -15.13 16.19 14.51
CA ASN A 557 -14.11 15.17 14.36
C ASN A 557 -13.90 14.72 12.91
N ALA A 558 -14.64 15.29 11.95
CA ALA A 558 -14.59 14.88 10.55
C ALA A 558 -14.03 15.94 9.62
N GLU A 559 -13.37 16.98 10.14
CA GLU A 559 -12.99 18.10 9.29
C GLU A 559 -11.79 18.81 9.90
N PRO A 560 -11.01 19.54 9.11
CA PRO A 560 -10.06 20.49 9.68
C PRO A 560 -10.77 21.75 10.14
N ILE A 561 -9.98 22.65 10.76
CA ILE A 561 -10.52 23.88 11.31
C ILE A 561 -11.37 24.59 10.27
N VAL A 562 -12.54 25.10 10.70
CA VAL A 562 -13.44 25.74 9.73
C VAL A 562 -12.78 26.99 9.14
N GLN A 563 -13.04 27.25 7.87
CA GLN A 563 -12.45 28.41 7.20
C GLN A 563 -13.48 29.49 6.86
N SER A 564 -14.45 29.18 5.99
CA SER A 564 -15.40 30.15 5.46
C SER A 564 -16.62 30.32 6.38
N LEU A 565 -17.45 31.31 6.05
CA LEU A 565 -18.68 31.52 6.82
C LEU A 565 -19.58 30.29 6.76
N ASP A 566 -19.76 29.74 5.56
CA ASP A 566 -20.56 28.52 5.42
C ASP A 566 -19.95 27.36 6.20
N ASP A 567 -18.61 27.24 6.24
CA ASP A 567 -17.97 26.21 7.08
C ASP A 567 -18.33 26.42 8.55
N VAL A 568 -18.28 27.68 9.01
CA VAL A 568 -18.56 28.00 10.41
C VAL A 568 -20.01 27.66 10.76
N VAL A 569 -20.97 28.09 9.94
CA VAL A 569 -22.38 27.81 10.20
C VAL A 569 -22.66 26.31 10.11
N THR A 570 -22.14 25.65 9.07
CA THR A 570 -22.28 24.21 8.95
C THR A 570 -21.75 23.48 10.19
N SER A 571 -20.58 23.89 10.68
CA SER A 571 -20.00 23.21 11.84
C SER A 571 -20.80 23.53 13.11
N PHE A 572 -21.22 24.77 13.27
CA PHE A 572 -22.10 25.10 14.40
C PHE A 572 -23.35 24.21 14.40
N LEU A 573 -23.93 23.97 13.22
CA LEU A 573 -25.19 23.23 13.14
C LEU A 573 -25.02 21.72 13.32
N THR A 574 -23.82 21.18 13.08
CA THR A 574 -23.58 19.75 13.15
C THR A 574 -22.69 19.39 14.32
N THR A 575 -22.41 20.35 15.19
CA THR A 575 -21.88 20.11 16.50
C THR A 575 -22.97 20.45 17.50
N ASP A 576 -22.72 20.18 18.77
CA ASP A 576 -23.73 20.57 19.73
C ASP A 576 -23.24 21.78 20.49
N LEU A 577 -23.03 22.89 19.78
CA LEU A 577 -22.64 24.16 20.39
C LEU A 577 -23.89 24.93 20.78
N ASP A 578 -23.80 25.66 21.90
CA ASP A 578 -24.97 26.39 22.38
C ASP A 578 -25.24 27.62 21.53
N VAL A 579 -24.19 28.38 21.15
CA VAL A 579 -24.38 29.59 20.36
C VAL A 579 -23.08 29.87 19.59
N LEU A 580 -23.21 30.52 18.46
CA LEU A 580 -22.09 30.90 17.61
C LEU A 580 -21.94 32.41 17.61
N VAL A 581 -20.72 32.90 17.82
CA VAL A 581 -20.40 34.31 17.67
C VAL A 581 -19.52 34.43 16.44
N VAL A 582 -20.05 35.00 15.37
CA VAL A 582 -19.30 35.16 14.13
C VAL A 582 -19.43 36.61 13.69
N GLU A 583 -18.31 37.34 13.68
CA GLU A 583 -18.25 38.74 13.26
C GLU A 583 -19.41 39.56 13.84
N ASP A 584 -19.54 39.48 15.16
CA ASP A 584 -20.46 40.25 15.99
C ASP A 584 -21.93 39.86 15.85
N CYS A 585 -22.25 38.82 15.06
CA CYS A 585 -23.61 38.30 14.97
C CYS A 585 -23.73 37.09 15.89
N LEU A 586 -24.79 37.06 16.70
CA LEU A 586 -25.10 35.93 17.57
C LEU A 586 -26.05 34.99 16.86
N VAL A 587 -25.61 33.76 16.65
CA VAL A 587 -26.34 32.79 15.84
C VAL A 587 -26.74 31.64 16.75
N ARG A 588 -27.99 31.21 16.64
CA ARG A 588 -28.47 30.03 17.35
C ARG A 588 -29.26 29.14 16.39
N GLY A 589 -29.36 27.86 16.73
CA GLY A 589 -30.13 26.95 15.89
C GLY A 589 -31.64 27.15 16.08
N LYS A 590 -32.38 27.07 14.97
CA LYS A 590 -33.83 27.12 15.06
C LYS A 590 -34.35 25.89 15.80
N ALA A 591 -35.54 26.05 16.38
CA ALA A 591 -36.24 24.95 17.04
C ALA A 591 -36.37 23.74 16.12
N SER A 592 -36.93 23.93 14.93
CA SER A 592 -36.94 22.89 13.90
C SER A 592 -36.32 23.46 12.62
N PRO A 593 -35.09 23.09 12.31
CA PRO A 593 -34.45 23.62 11.10
C PRO A 593 -34.95 22.92 9.85
N ASP A 594 -35.14 23.71 8.79
CA ASP A 594 -35.60 23.16 7.52
C ASP A 594 -34.40 22.71 6.68
N LEU A 595 -34.04 21.44 6.80
CA LEU A 595 -32.98 20.90 5.94
C LEU A 595 -33.36 20.91 4.46
N GLY A 596 -34.66 21.01 4.13
CA GLY A 596 -35.08 20.90 2.75
C GLY A 596 -34.59 22.02 1.86
N VAL A 597 -34.29 23.18 2.46
CA VAL A 597 -33.82 24.31 1.66
C VAL A 597 -32.34 24.23 1.28
N LEU A 598 -31.60 23.28 1.85
CA LEU A 598 -30.18 23.14 1.59
C LEU A 598 -29.94 22.47 0.23
N VAL A 599 -28.93 22.94 -0.48
CA VAL A 599 -28.60 22.41 -1.80
C VAL A 599 -27.44 21.42 -1.65
N PRO A 600 -27.63 20.14 -1.95
CA PRO A 600 -26.52 19.19 -1.84
C PRO A 600 -25.53 19.36 -2.98
N ARG A 601 -24.24 19.23 -2.66
CA ARG A 601 -23.21 19.21 -3.68
C ARG A 601 -22.21 18.10 -3.35
N PHE A 602 -21.79 17.36 -4.37
CA PHE A 602 -20.65 16.47 -4.19
C PHE A 602 -19.41 17.31 -3.93
N ARG A 603 -18.58 16.84 -3.01
CA ARG A 603 -17.19 17.29 -2.94
C ARG A 603 -16.46 16.66 -4.12
N PRO A 604 -15.33 17.24 -4.56
CA PRO A 604 -14.61 16.65 -5.69
C PRO A 604 -14.21 15.20 -5.45
N VAL A 605 -14.09 14.77 -4.19
CA VAL A 605 -13.69 13.40 -3.87
C VAL A 605 -14.87 12.51 -3.47
N THR A 606 -16.10 13.04 -3.45
CA THR A 606 -17.27 12.22 -3.12
C THR A 606 -17.55 11.17 -4.20
N ARG A 607 -17.83 9.94 -3.75
CA ARG A 607 -18.16 8.81 -4.63
C ARG A 607 -19.35 8.06 -4.07
N LEU A 608 -20.22 7.58 -4.97
CA LEU A 608 -21.44 6.85 -4.66
C LEU A 608 -21.33 5.47 -5.29
N VAL A 609 -21.63 4.42 -4.53
CA VAL A 609 -21.39 3.06 -5.00
C VAL A 609 -22.57 2.16 -4.65
N GLU A 610 -23.02 1.37 -5.62
CA GLU A 610 -23.87 0.22 -5.40
C GLU A 610 -23.04 -1.04 -5.68
N ARG A 611 -22.97 -1.95 -4.73
CA ARG A 611 -22.02 -3.06 -4.79
C ARG A 611 -22.68 -4.40 -4.50
N ARG A 612 -22.28 -5.42 -5.26
CA ARG A 612 -22.62 -6.81 -4.97
C ARG A 612 -21.32 -7.62 -4.89
N THR A 613 -21.19 -8.40 -3.82
CA THR A 613 -20.13 -9.39 -3.68
C THR A 613 -20.71 -10.79 -3.91
N ALA A 614 -19.84 -11.79 -3.97
CA ALA A 614 -20.33 -13.17 -4.10
C ALA A 614 -21.20 -13.52 -2.89
N GLY A 615 -22.31 -14.22 -3.14
CA GLY A 615 -23.16 -14.69 -2.08
C GLY A 615 -23.21 -16.20 -2.00
N PRO A 616 -24.20 -16.74 -1.29
CA PRO A 616 -24.26 -18.21 -1.12
C PRO A 616 -24.48 -18.93 -2.45
N ASP A 617 -23.88 -20.13 -2.54
CA ASP A 617 -23.90 -20.95 -3.76
C ASP A 617 -23.36 -20.19 -4.97
N ALA A 618 -22.38 -19.31 -4.75
CA ALA A 618 -21.73 -18.55 -5.80
C ALA A 618 -22.74 -17.65 -6.53
N SER A 619 -23.80 -17.25 -5.84
CA SER A 619 -24.72 -16.27 -6.38
C SER A 619 -24.11 -14.87 -6.32
N ALA A 620 -24.80 -13.91 -6.91
CA ALA A 620 -24.51 -12.51 -6.65
C ALA A 620 -25.15 -12.15 -5.31
N GLY A 621 -24.34 -11.66 -4.37
CA GLY A 621 -24.89 -11.22 -3.10
C GLY A 621 -25.86 -10.07 -3.28
N ALA A 622 -26.60 -9.80 -2.19
CA ALA A 622 -27.56 -8.71 -2.16
C ALA A 622 -26.87 -7.34 -2.30
N LYS A 623 -27.58 -6.40 -2.93
CA LYS A 623 -27.09 -5.04 -3.13
C LYS A 623 -26.77 -4.36 -1.82
N THR A 624 -25.65 -3.64 -1.77
CA THR A 624 -25.46 -2.63 -0.73
C THR A 624 -25.04 -1.32 -1.38
N HIS A 625 -25.27 -0.24 -0.65
CA HIS A 625 -25.02 1.11 -1.13
C HIS A 625 -24.10 1.83 -0.16
N GLU A 626 -23.23 2.66 -0.69
CA GLU A 626 -22.15 3.23 0.08
C GLU A 626 -21.75 4.57 -0.53
N ILE A 627 -21.44 5.52 0.35
CA ILE A 627 -20.83 6.80 -0.02
C ILE A 627 -19.43 6.83 0.59
N HIS A 628 -18.45 7.29 -0.16
CA HIS A 628 -17.11 7.34 0.38
C HIS A 628 -16.38 8.56 -0.20
N LEU A 629 -15.23 8.87 0.37
CA LEU A 629 -14.38 9.97 -0.09
C LEU A 629 -13.10 9.40 -0.67
N ASP A 630 -12.78 9.79 -1.91
CA ASP A 630 -11.71 9.15 -2.68
C ASP A 630 -10.38 9.86 -2.44
N TYR A 631 -9.75 9.51 -1.32
CA TYR A 631 -8.35 9.84 -1.06
C TYR A 631 -7.85 8.83 -0.04
N ASP A 632 -6.52 8.71 0.04
CA ASP A 632 -5.88 7.75 0.92
C ASP A 632 -6.33 7.96 2.37
N GLY A 633 -6.95 6.93 2.96
CA GLY A 633 -7.49 7.03 4.30
C GLY A 633 -8.88 7.64 4.38
N GLY A 634 -9.58 7.79 3.26
CA GLY A 634 -10.88 8.39 3.24
C GLY A 634 -11.97 7.53 3.86
N PRO A 635 -12.91 8.16 4.55
CA PRO A 635 -13.97 7.39 5.21
C PRO A 635 -15.05 6.94 4.21
N SER A 636 -15.91 6.04 4.69
CA SER A 636 -17.04 5.56 3.91
C SER A 636 -18.20 5.28 4.86
N ALA A 637 -19.41 5.28 4.32
CA ALA A 637 -20.60 5.05 5.12
C ALA A 637 -21.67 4.41 4.26
N LYS A 638 -22.44 3.50 4.86
CA LYS A 638 -23.54 2.88 4.15
C LYS A 638 -24.65 3.89 3.97
N VAL A 639 -25.35 3.78 2.84
CA VAL A 639 -26.52 4.60 2.58
C VAL A 639 -27.68 3.69 2.25
N SER A 640 -28.88 4.12 2.63
CA SER A 640 -30.09 3.37 2.33
C SER A 640 -30.31 3.32 0.82
N PRO A 641 -31.11 2.36 0.34
CA PRO A 641 -31.48 2.37 -1.09
C PRO A 641 -32.18 3.65 -1.53
N GLU A 642 -33.00 4.25 -0.65
CA GLU A 642 -33.74 5.45 -1.04
C GLU A 642 -32.82 6.66 -1.11
N LEU A 643 -31.94 6.84 -0.11
CA LEU A 643 -30.97 7.93 -0.17
C LEU A 643 -30.02 7.75 -1.35
N TYR A 644 -29.63 6.51 -1.64
CA TYR A 644 -28.78 6.29 -2.81
C TYR A 644 -29.45 6.81 -4.07
N GLU A 645 -30.73 6.51 -4.26
CA GLU A 645 -31.46 7.02 -5.41
C GLU A 645 -31.55 8.53 -5.39
N LEU A 646 -31.85 9.13 -4.22
CA LEU A 646 -31.88 10.58 -4.11
C LEU A 646 -30.53 11.19 -4.48
N LEU A 647 -29.44 10.68 -3.89
CA LEU A 647 -28.12 11.25 -4.12
C LEU A 647 -27.68 11.10 -5.57
N GLY A 648 -28.22 10.12 -6.30
CA GLY A 648 -27.88 9.96 -7.71
C GLY A 648 -28.37 11.09 -8.57
N ALA A 649 -29.37 11.84 -8.10
CA ALA A 649 -29.95 12.93 -8.85
C ALA A 649 -29.36 14.28 -8.48
N VAL A 650 -28.32 14.31 -7.63
CA VAL A 650 -27.77 15.60 -7.20
C VAL A 650 -27.24 16.33 -8.41
N ASP A 651 -27.68 17.58 -8.60
CA ASP A 651 -27.20 18.36 -9.72
C ASP A 651 -26.44 19.60 -9.31
N GLY A 652 -26.40 19.94 -8.01
CA GLY A 652 -25.64 21.06 -7.51
C GLY A 652 -26.42 22.36 -7.44
N THR A 653 -27.69 22.36 -7.80
CA THR A 653 -28.51 23.55 -7.77
C THR A 653 -29.87 23.30 -7.12
N THR A 654 -30.47 22.14 -7.37
CA THR A 654 -31.77 21.80 -6.80
C THR A 654 -31.66 21.55 -5.31
N THR A 655 -32.59 22.12 -4.53
CA THR A 655 -32.60 21.88 -3.09
C THR A 655 -32.87 20.42 -2.77
N LEU A 656 -32.56 20.06 -1.54
CA LEU A 656 -32.79 18.71 -1.07
C LEU A 656 -34.28 18.40 -1.00
N GLY A 657 -35.09 19.35 -0.53
CA GLY A 657 -36.53 19.18 -0.59
C GLY A 657 -37.03 18.83 -1.98
N ASP A 658 -36.63 19.63 -2.97
CA ASP A 658 -37.10 19.39 -4.33
C ASP A 658 -36.55 18.08 -4.90
N LEU A 659 -35.29 17.74 -4.58
CA LEU A 659 -34.73 16.45 -5.01
C LEU A 659 -35.52 15.30 -4.43
N ALA A 660 -35.93 15.38 -3.16
CA ALA A 660 -36.59 14.26 -2.52
C ALA A 660 -37.99 13.99 -3.04
N LYS A 661 -38.59 14.94 -3.78
CA LYS A 661 -39.92 14.73 -4.36
C LYS A 661 -39.99 13.44 -5.16
N THR A 662 -38.90 13.11 -5.87
CA THR A 662 -38.86 11.91 -6.69
C THR A 662 -38.96 10.63 -5.86
N VAL A 663 -38.25 10.57 -4.75
CA VAL A 663 -38.27 9.37 -3.90
C VAL A 663 -39.48 9.44 -2.97
N GLY A 664 -40.38 10.39 -3.23
CA GLY A 664 -41.60 10.50 -2.45
C GLY A 664 -41.55 11.48 -1.29
N GLY A 665 -40.76 12.55 -1.40
CA GLY A 665 -40.76 13.61 -0.40
C GLY A 665 -39.72 13.39 0.68
N LEU A 666 -39.26 14.50 1.26
CA LEU A 666 -38.26 14.42 2.31
C LEU A 666 -38.87 13.91 3.60
N SER A 667 -38.83 12.61 3.85
CA SER A 667 -39.34 12.05 5.10
C SER A 667 -38.43 12.47 6.25
N ASP A 668 -38.84 12.05 7.45
CA ASP A 668 -37.98 12.24 8.62
C ASP A 668 -36.77 11.32 8.56
N ALA A 669 -36.96 10.09 8.08
CA ALA A 669 -35.86 9.15 7.96
C ALA A 669 -34.78 9.69 7.02
N LEU A 670 -35.19 10.22 5.87
CA LEU A 670 -34.19 10.71 4.91
C LEU A 670 -33.49 11.96 5.43
N ALA A 671 -34.24 12.92 5.96
CA ALA A 671 -33.63 14.09 6.58
C ALA A 671 -32.61 13.68 7.65
N THR A 672 -32.98 12.71 8.49
CA THR A 672 -32.06 12.25 9.54
C THR A 672 -30.85 11.55 8.95
N GLU A 673 -31.07 10.63 7.99
CA GLU A 673 -29.95 9.98 7.31
C GLU A 673 -29.04 11.01 6.64
N VAL A 674 -29.63 12.01 5.98
CA VAL A 674 -28.83 13.04 5.31
C VAL A 674 -28.04 13.87 6.32
N PHE A 675 -28.68 14.24 7.44
CA PHE A 675 -27.98 15.01 8.48
C PHE A 675 -26.72 14.29 8.95
N ALA A 676 -26.77 12.95 9.09
CA ALA A 676 -25.59 12.25 9.57
C ALA A 676 -24.48 12.23 8.52
N LEU A 677 -24.82 12.18 7.23
CA LEU A 677 -23.79 12.28 6.19
C LEU A 677 -23.17 13.68 6.15
N TRP A 678 -24.00 14.71 6.34
CA TRP A 678 -23.52 16.09 6.42
C TRP A 678 -22.52 16.26 7.55
N GLU A 679 -22.83 15.66 8.70
CA GLU A 679 -21.98 15.77 9.87
C GLU A 679 -20.64 15.09 9.64
N GLN A 680 -20.62 13.97 8.92
CA GLN A 680 -19.33 13.37 8.56
C GLN A 680 -18.73 13.99 7.29
N ARG A 681 -19.34 15.05 6.75
CA ARG A 681 -18.82 15.83 5.62
C ARG A 681 -18.67 15.01 4.34
N PHE A 682 -19.57 14.04 4.10
CA PHE A 682 -19.48 13.26 2.87
C PHE A 682 -19.93 14.07 1.67
N LEU A 683 -20.81 15.04 1.89
CA LEU A 683 -21.24 15.98 0.85
C LEU A 683 -21.35 17.37 1.45
N THR A 684 -21.53 18.35 0.57
CA THR A 684 -21.67 19.74 0.97
C THR A 684 -23.13 20.12 0.92
N LEU A 685 -23.63 20.72 2.00
CA LEU A 685 -25.01 21.16 2.09
C LEU A 685 -25.00 22.63 2.50
N ALA A 686 -25.69 23.47 1.74
CA ALA A 686 -25.66 24.90 2.03
C ALA A 686 -26.80 25.56 1.28
N PRO A 687 -27.29 26.70 1.78
CA PRO A 687 -28.36 27.42 1.08
C PRO A 687 -27.92 27.80 -0.33
N ALA A 688 -28.91 28.11 -1.16
CA ALA A 688 -28.65 28.52 -2.53
C ALA A 688 -27.73 29.73 -2.60
N GLY A 689 -26.75 29.67 -3.48
CA GLY A 689 -25.84 30.78 -3.69
C GLY A 689 -24.57 30.64 -2.86
N ASP A 690 -23.89 31.76 -2.69
CA ASP A 690 -22.76 31.84 -1.78
C ASP A 690 -22.53 33.29 -1.39
N ILE A 691 -21.54 33.52 -0.52
CA ILE A 691 -21.26 34.84 0.01
C ILE A 691 -20.59 35.76 -1.00
N GLY A 692 -20.11 35.21 -2.12
CA GLY A 692 -19.37 35.99 -3.08
C GLY A 692 -17.96 36.29 -2.63
N PRO A 693 -17.15 36.88 -3.52
CA PRO A 693 -15.75 37.18 -3.18
C PRO A 693 -15.66 38.12 -1.99
N LEU A 694 -14.63 37.91 -1.17
CA LEU A 694 -14.45 38.71 0.05
C LEU A 694 -13.67 39.99 -0.25
N MET B 21 5.21 -41.97 8.66
CA MET B 21 4.84 -40.59 9.01
C MET B 21 4.21 -39.76 7.88
N LEU B 22 3.01 -39.26 8.13
CA LEU B 22 2.27 -38.44 7.19
C LEU B 22 2.34 -36.98 7.64
N VAL B 23 2.95 -36.13 6.81
CA VAL B 23 3.31 -34.77 7.21
C VAL B 23 2.87 -33.78 6.14
N LEU B 24 2.11 -32.77 6.57
CA LEU B 24 1.65 -31.70 5.68
C LEU B 24 2.62 -30.52 5.70
N GLY B 25 2.93 -29.98 4.53
CA GLY B 25 3.73 -28.78 4.40
C GLY B 25 2.88 -27.62 3.91
N LEU B 26 3.06 -26.44 4.52
CA LEU B 26 2.25 -25.26 4.22
C LEU B 26 3.15 -24.05 3.97
N ASN B 27 2.77 -23.25 2.97
CA ASN B 27 3.25 -21.88 2.79
C ASN B 27 2.06 -21.00 2.44
N GLY B 28 2.28 -19.69 2.39
CA GLY B 28 1.24 -18.74 2.05
C GLY B 28 0.81 -17.93 3.27
N ASN B 29 -0.08 -16.96 3.01
CA ASN B 29 -0.70 -16.21 4.09
C ASN B 29 -1.97 -16.94 4.54
N PHE B 30 -2.89 -16.25 5.22
CA PHE B 30 -3.92 -16.90 6.01
C PHE B 30 -5.34 -16.49 5.64
N SER B 31 -5.52 -15.77 4.52
CA SER B 31 -6.85 -15.27 4.14
C SER B 31 -7.79 -16.39 3.67
N ALA B 32 -9.08 -16.19 3.96
CA ALA B 32 -10.14 -17.04 3.45
C ALA B 32 -10.36 -16.79 1.95
N ALA B 33 -11.27 -17.58 1.36
CA ALA B 33 -11.55 -17.46 -0.08
C ALA B 33 -12.08 -16.09 -0.46
N ASP B 34 -13.06 -15.57 0.29
CA ASP B 34 -13.77 -14.38 -0.15
C ASP B 34 -13.22 -13.07 0.39
N THR B 35 -12.47 -13.09 1.50
CA THR B 35 -11.99 -11.86 2.14
C THR B 35 -10.49 -11.92 2.34
N ASP B 36 -9.91 -10.77 2.65
CA ASP B 36 -8.49 -10.69 2.93
C ASP B 36 -8.30 -10.17 4.34
N VAL B 37 -7.52 -10.94 5.14
CA VAL B 37 -7.20 -10.57 6.52
C VAL B 37 -6.78 -9.11 6.58
N VAL B 38 -5.84 -8.73 5.70
CA VAL B 38 -5.49 -7.34 5.44
C VAL B 38 -5.37 -7.16 3.93
N PRO B 39 -5.66 -5.96 3.43
CA PRO B 39 -5.63 -5.79 1.97
C PRO B 39 -4.25 -5.99 1.35
N GLN B 40 -3.21 -5.37 1.89
CA GLN B 40 -1.87 -5.44 1.31
C GLN B 40 -0.89 -6.03 2.31
N LEU B 41 -0.16 -7.07 1.88
CA LEU B 41 0.72 -7.79 2.79
C LEU B 41 2.13 -7.19 2.89
N GLY B 42 2.56 -6.43 1.89
CA GLY B 42 3.83 -5.72 1.95
C GLY B 42 5.08 -6.58 1.99
N GLU B 43 4.95 -7.89 1.77
CA GLU B 43 6.09 -8.79 1.67
C GLU B 43 5.96 -9.61 0.40
N VAL B 44 7.08 -10.18 -0.04
CA VAL B 44 7.09 -10.96 -1.28
C VAL B 44 6.96 -12.47 -1.04
N PHE B 45 7.06 -12.93 0.20
CA PHE B 45 7.24 -14.36 0.42
C PHE B 45 5.96 -15.09 0.80
N PHE B 46 4.80 -14.44 0.66
CA PHE B 46 3.50 -15.07 0.88
C PHE B 46 2.86 -15.59 -0.40
N HIS B 47 3.47 -15.33 -1.54
CA HIS B 47 2.91 -15.76 -2.82
C HIS B 47 3.09 -17.26 -3.05
N ASP B 48 2.38 -17.78 -4.05
CA ASP B 48 2.48 -19.18 -4.49
C ASP B 48 2.09 -20.15 -3.39
N SER B 49 1.05 -19.78 -2.65
CA SER B 49 0.51 -20.60 -1.59
C SER B 49 0.24 -22.02 -2.08
N ALA B 50 0.46 -23.02 -1.21
CA ALA B 50 0.41 -24.40 -1.68
C ALA B 50 0.41 -25.36 -0.50
N ALA B 51 -0.01 -26.59 -0.79
CA ALA B 51 0.04 -27.67 0.19
C ALA B 51 0.78 -28.85 -0.41
N SER B 52 1.57 -29.51 0.43
CA SER B 52 2.32 -30.71 0.07
C SER B 52 2.10 -31.77 1.13
N LEU B 53 1.93 -33.03 0.70
CA LEU B 53 1.84 -34.16 1.62
C LEU B 53 3.00 -35.12 1.40
N ILE B 54 3.66 -35.47 2.51
CA ILE B 54 4.80 -36.40 2.57
C ILE B 54 4.35 -37.67 3.31
N ARG B 55 4.78 -38.82 2.80
CA ARG B 55 4.50 -40.10 3.46
C ARG B 55 5.71 -41.01 3.31
N ASP B 56 6.27 -41.46 4.43
CA ASP B 56 7.39 -42.42 4.44
C ASP B 56 8.54 -41.93 3.57
N GLY B 57 8.80 -40.62 3.64
CA GLY B 57 9.89 -40.00 2.93
C GLY B 57 9.59 -39.54 1.51
N GLU B 58 8.41 -39.85 0.96
CA GLU B 58 8.12 -39.55 -0.43
C GLU B 58 7.06 -38.47 -0.54
N LEU B 59 7.21 -37.61 -1.55
CA LEU B 59 6.21 -36.63 -1.93
C LEU B 59 5.04 -37.34 -2.59
N VAL B 60 3.95 -37.55 -1.87
CA VAL B 60 2.81 -38.24 -2.47
C VAL B 60 1.77 -37.32 -3.11
N ALA B 61 1.74 -36.03 -2.74
CA ALA B 61 0.81 -35.09 -3.37
C ALA B 61 1.29 -33.66 -3.12
N ALA B 62 1.03 -32.80 -4.10
CA ALA B 62 1.44 -31.40 -4.03
C ALA B 62 0.66 -30.62 -5.06
N VAL B 63 0.04 -29.52 -4.64
CA VAL B 63 -0.68 -28.65 -5.56
C VAL B 63 -0.64 -27.22 -5.04
N GLU B 64 -0.47 -26.27 -5.95
CA GLU B 64 -0.52 -24.87 -5.59
C GLU B 64 -1.96 -24.38 -5.58
N GLU B 65 -2.28 -23.52 -4.60
CA GLU B 65 -3.65 -23.02 -4.42
C GLU B 65 -4.14 -22.27 -5.64
N GLU B 66 -3.21 -21.63 -6.37
CA GLU B 66 -3.57 -20.88 -7.57
C GLU B 66 -4.30 -21.76 -8.57
N ARG B 67 -4.00 -23.05 -8.59
CA ARG B 67 -4.69 -23.94 -9.53
C ARG B 67 -6.15 -24.07 -9.15
N LEU B 68 -6.49 -23.90 -7.87
CA LEU B 68 -7.83 -24.18 -7.36
C LEU B 68 -8.68 -22.94 -7.10
N ASN B 69 -8.11 -21.82 -6.68
CA ASN B 69 -8.90 -20.61 -6.64
C ASN B 69 -8.72 -19.75 -7.88
N ARG B 70 -7.85 -20.18 -8.81
CA ARG B 70 -7.68 -19.59 -10.13
C ARG B 70 -7.07 -18.19 -10.08
N ILE B 71 -6.41 -17.84 -8.98
CA ILE B 71 -5.73 -16.55 -8.82
C ILE B 71 -4.24 -16.81 -8.97
N LYS B 72 -3.63 -16.30 -10.04
CA LYS B 72 -2.19 -16.46 -10.26
C LYS B 72 -1.40 -16.12 -9.01
N LYS B 73 -0.53 -17.05 -8.60
CA LYS B 73 0.48 -16.84 -7.55
C LYS B 73 -0.14 -16.39 -6.23
N THR B 74 -1.39 -16.76 -6.02
CA THR B 74 -2.21 -16.33 -4.90
C THR B 74 -1.50 -16.50 -3.55
N THR B 75 -1.87 -15.61 -2.62
CA THR B 75 -1.38 -15.58 -1.25
C THR B 75 -2.37 -16.19 -0.25
N LYS B 76 -3.55 -16.59 -0.72
CA LYS B 76 -4.60 -17.06 0.17
C LYS B 76 -4.21 -18.37 0.82
N PHE B 77 -4.75 -18.60 2.02
CA PHE B 77 -4.49 -19.84 2.73
C PHE B 77 -4.85 -21.00 1.82
N PRO B 78 -3.98 -22.01 1.67
CA PRO B 78 -4.22 -23.09 0.70
C PRO B 78 -5.13 -24.19 1.25
N LEU B 79 -6.34 -23.79 1.67
CA LEU B 79 -7.31 -24.73 2.21
C LEU B 79 -7.71 -25.80 1.19
N ASN B 80 -7.98 -25.40 -0.06
CA ASN B 80 -8.31 -26.37 -1.11
C ASN B 80 -7.12 -27.27 -1.41
N ALA B 81 -5.92 -26.71 -1.47
CA ALA B 81 -4.73 -27.51 -1.75
C ALA B 81 -4.56 -28.62 -0.71
N VAL B 82 -4.84 -28.30 0.56
CA VAL B 82 -4.76 -29.30 1.63
C VAL B 82 -5.83 -30.36 1.44
N ARG B 83 -7.07 -29.93 1.18
CA ARG B 83 -8.16 -30.87 0.96
C ARG B 83 -7.83 -31.83 -0.18
N GLU B 84 -7.35 -31.31 -1.31
CA GLU B 84 -7.04 -32.17 -2.45
C GLU B 84 -5.90 -33.14 -2.13
N CYS B 85 -4.86 -32.67 -1.43
CA CYS B 85 -3.75 -33.54 -1.04
C CYS B 85 -4.23 -34.68 -0.15
N LEU B 86 -5.10 -34.39 0.82
CA LEU B 86 -5.63 -35.44 1.69
C LEU B 86 -6.38 -36.49 0.89
N ALA B 87 -7.17 -36.06 -0.09
CA ALA B 87 -7.93 -37.01 -0.90
C ALA B 87 -7.03 -37.87 -1.77
N LEU B 88 -5.98 -37.28 -2.35
CA LEU B 88 -5.03 -38.08 -3.12
C LEU B 88 -4.28 -39.07 -2.24
N ALA B 89 -4.06 -38.74 -0.96
CA ALA B 89 -3.38 -39.68 -0.07
C ALA B 89 -4.31 -40.73 0.52
N GLY B 90 -5.61 -40.62 0.31
CA GLY B 90 -6.58 -41.44 1.05
C GLY B 90 -6.48 -41.27 2.54
N ALA B 91 -6.32 -40.04 3.03
CA ALA B 91 -6.17 -39.79 4.46
C ALA B 91 -7.28 -38.88 4.99
N ARG B 92 -7.72 -39.15 6.22
CA ARG B 92 -8.46 -38.15 6.97
C ARG B 92 -7.50 -37.05 7.39
N PRO B 93 -8.01 -35.84 7.67
CA PRO B 93 -7.16 -34.84 8.33
C PRO B 93 -6.48 -35.40 9.58
N GLU B 94 -7.19 -36.21 10.37
CA GLU B 94 -6.67 -36.68 11.65
C GLU B 94 -5.52 -37.67 11.48
N ASP B 95 -5.36 -38.28 10.31
CA ASP B 95 -4.21 -39.14 10.07
C ASP B 95 -2.89 -38.37 10.00
N VAL B 96 -2.93 -37.03 9.89
CA VAL B 96 -1.69 -36.30 9.68
C VAL B 96 -0.90 -36.27 10.99
N ASP B 97 0.39 -36.60 10.89
CA ASP B 97 1.23 -36.68 12.09
C ASP B 97 1.82 -35.34 12.48
N ALA B 98 2.10 -34.47 11.50
CA ALA B 98 2.69 -33.17 11.78
C ALA B 98 2.40 -32.22 10.62
N VAL B 99 2.38 -30.93 10.92
CA VAL B 99 2.22 -29.87 9.92
C VAL B 99 3.43 -28.95 10.05
N GLY B 100 4.14 -28.75 8.95
CA GLY B 100 5.26 -27.84 8.91
C GLY B 100 4.89 -26.56 8.18
N TYR B 101 5.19 -25.43 8.81
CA TYR B 101 5.00 -24.13 8.19
C TYR B 101 6.37 -23.55 7.83
N PHE B 102 6.48 -23.02 6.62
CA PHE B 102 7.70 -22.65 5.88
C PHE B 102 8.46 -21.40 6.41
N PHE B 103 8.13 -20.83 7.57
CA PHE B 103 8.83 -19.71 8.17
C PHE B 103 8.83 -19.91 9.68
N PRO B 104 9.82 -19.36 10.40
CA PRO B 104 9.74 -19.40 11.87
C PRO B 104 8.57 -18.59 12.38
N GLU B 105 8.07 -19.01 13.54
CA GLU B 105 6.84 -18.46 14.10
C GLU B 105 7.00 -16.99 14.49
N ASN B 106 8.09 -16.66 15.19
CA ASN B 106 8.21 -15.28 15.67
C ASN B 106 8.27 -14.32 14.50
N HIS B 107 8.99 -14.68 13.44
CA HIS B 107 9.08 -13.80 12.28
C HIS B 107 7.69 -13.56 11.66
N ILE B 108 6.93 -14.64 11.41
CA ILE B 108 5.62 -14.51 10.78
C ILE B 108 4.70 -13.67 11.64
N ASP B 109 4.70 -13.92 12.95
CA ASP B 109 3.81 -13.20 13.83
C ASP B 109 4.22 -11.73 13.97
N THR B 110 5.52 -11.44 13.88
CA THR B 110 5.97 -10.06 13.87
C THR B 110 5.50 -9.33 12.62
N VAL B 111 5.51 -10.02 11.47
CA VAL B 111 5.01 -9.42 10.24
C VAL B 111 3.50 -9.19 10.34
N LEU B 112 2.75 -10.19 10.78
CA LEU B 112 1.31 -9.99 11.00
C LEU B 112 1.07 -8.83 11.95
N ASN B 113 1.78 -8.81 13.08
CA ASN B 113 1.58 -7.75 14.08
C ASN B 113 1.82 -6.37 13.47
N HIS B 114 2.84 -6.25 12.62
CA HIS B 114 3.05 -5.00 11.90
C HIS B 114 1.87 -4.69 10.98
N LEU B 115 1.34 -5.70 10.28
CA LEU B 115 0.18 -5.46 9.42
C LEU B 115 -1.02 -5.02 10.22
N TYR B 116 -1.15 -5.53 11.45
CA TYR B 116 -2.27 -5.12 12.29
C TYR B 116 -2.16 -3.67 12.75
N THR B 117 -0.94 -3.12 12.84
CA THR B 117 -0.82 -1.72 13.21
C THR B 117 -1.11 -0.81 12.01
N GLU B 118 -0.90 -1.30 10.80
CA GLU B 118 -1.30 -0.55 9.62
C GLU B 118 -2.80 -0.62 9.38
N TYR B 119 -3.45 -1.69 9.83
CA TYR B 119 -4.87 -1.92 9.63
C TYR B 119 -5.49 -2.12 11.01
N PRO B 120 -5.76 -1.04 11.74
CA PRO B 120 -6.17 -1.18 13.14
C PRO B 120 -7.56 -1.80 13.32
N ARG B 121 -8.30 -2.04 12.24
CA ARG B 121 -9.56 -2.76 12.31
C ARG B 121 -9.38 -4.29 12.37
N ALA B 122 -8.22 -4.81 11.92
CA ALA B 122 -8.02 -6.26 11.87
C ALA B 122 -7.85 -6.81 13.28
N PRO B 123 -8.55 -7.88 13.65
CA PRO B 123 -8.37 -8.46 14.99
C PRO B 123 -6.99 -9.09 15.13
N LEU B 124 -6.54 -9.21 16.40
CA LEU B 124 -5.17 -9.65 16.68
C LEU B 124 -5.15 -11.17 16.72
N ARG B 125 -5.05 -11.78 15.53
CA ARG B 125 -4.99 -13.22 15.39
C ARG B 125 -3.68 -13.57 14.70
N TYR B 126 -2.81 -14.34 15.38
CA TYR B 126 -1.48 -14.65 14.85
C TYR B 126 -1.52 -16.02 14.17
N SER B 127 -0.38 -16.41 13.58
CA SER B 127 -0.37 -17.51 12.62
C SER B 127 -0.88 -18.81 13.23
N ARG B 128 -0.49 -19.12 14.46
CA ARG B 128 -0.90 -20.38 15.07
C ARG B 128 -2.42 -20.49 15.14
N GLU B 129 -3.06 -19.46 15.70
CA GLU B 129 -4.52 -19.41 15.72
C GLU B 129 -5.11 -19.44 14.30
N LEU B 130 -4.50 -18.70 13.36
CA LEU B 130 -5.11 -18.59 12.04
C LEU B 130 -5.03 -19.91 11.28
N ILE B 131 -3.88 -20.59 11.36
CA ILE B 131 -3.76 -21.90 10.73
C ILE B 131 -4.79 -22.86 11.30
N ARG B 132 -4.94 -22.84 12.62
CA ARG B 132 -5.87 -23.77 13.25
C ARG B 132 -7.32 -23.43 12.95
N GLN B 133 -7.65 -22.13 12.88
CA GLN B 133 -9.01 -21.74 12.51
C GLN B 133 -9.36 -22.18 11.10
N ARG B 134 -8.44 -22.03 10.15
CA ARG B 134 -8.75 -22.41 8.78
C ARG B 134 -8.95 -23.91 8.64
N LEU B 135 -8.07 -24.71 9.25
CA LEU B 135 -8.23 -26.15 9.15
C LEU B 135 -9.52 -26.60 9.85
N LYS B 136 -9.85 -25.99 10.99
CA LYS B 136 -11.04 -26.38 11.73
C LYS B 136 -12.32 -26.01 10.98
N GLU B 137 -12.40 -24.77 10.49
CA GLU B 137 -13.58 -24.34 9.74
C GLU B 137 -13.63 -24.94 8.34
N GLY B 138 -12.46 -25.14 7.71
CA GLY B 138 -12.42 -25.64 6.35
C GLY B 138 -12.58 -27.15 6.24
N LEU B 139 -11.98 -27.90 7.16
CA LEU B 139 -11.94 -29.36 7.07
C LEU B 139 -12.48 -30.09 8.29
N GLY B 140 -13.02 -29.38 9.28
CA GLY B 140 -13.41 -30.04 10.51
C GLY B 140 -12.24 -30.59 11.29
N TRP B 141 -11.03 -30.13 10.99
CA TRP B 141 -9.80 -30.69 11.55
C TRP B 141 -9.40 -29.89 12.79
N ASP B 142 -9.27 -30.58 13.91
CA ASP B 142 -8.80 -30.00 15.16
C ASP B 142 -7.30 -30.30 15.28
N LEU B 143 -6.48 -29.41 14.73
CA LEU B 143 -5.02 -29.58 14.76
C LEU B 143 -4.48 -29.34 16.15
N PRO B 144 -3.86 -30.34 16.80
CA PRO B 144 -3.29 -30.09 18.12
C PRO B 144 -1.99 -29.30 18.02
N ASP B 145 -1.78 -28.43 19.01
CA ASP B 145 -0.67 -27.48 18.96
C ASP B 145 0.68 -28.16 18.76
N GLU B 146 0.88 -29.32 19.40
CA GLU B 146 2.19 -29.95 19.34
C GLU B 146 2.47 -30.57 17.99
N LYS B 147 1.49 -30.58 17.08
CA LYS B 147 1.69 -31.08 15.72
C LYS B 147 2.04 -29.98 14.72
N LEU B 148 1.93 -28.72 15.10
CA LEU B 148 2.27 -27.61 14.21
C LEU B 148 3.71 -27.19 14.48
N VAL B 149 4.56 -27.28 13.45
CA VAL B 149 5.97 -26.96 13.58
C VAL B 149 6.33 -25.87 12.57
N TYR B 150 7.04 -24.85 13.04
CA TYR B 150 7.55 -23.78 12.19
C TYR B 150 9.03 -24.03 11.91
N VAL B 151 9.47 -23.60 10.74
CA VAL B 151 10.71 -24.10 10.13
C VAL B 151 11.54 -22.91 9.63
N PRO B 152 12.85 -22.90 9.81
CA PRO B 152 13.68 -21.88 9.14
C PRO B 152 13.51 -21.94 7.63
N HIS B 153 13.33 -20.77 7.02
CA HIS B 153 12.83 -20.73 5.64
C HIS B 153 13.82 -21.34 4.66
N HIS B 154 15.11 -21.04 4.81
CA HIS B 154 16.08 -21.49 3.82
C HIS B 154 16.43 -22.96 4.02
N GLU B 155 16.27 -23.47 5.23
CA GLU B 155 16.34 -24.92 5.46
C GLU B 155 15.25 -25.65 4.70
N ALA B 156 14.03 -25.10 4.71
CA ALA B 156 12.93 -25.69 3.96
C ALA B 156 13.28 -25.75 2.48
N HIS B 157 13.75 -24.64 1.91
CA HIS B 157 14.21 -24.65 0.52
C HIS B 157 15.27 -25.72 0.31
N ALA B 158 16.22 -25.81 1.25
CA ALA B 158 17.35 -26.72 1.06
C ALA B 158 16.90 -28.18 1.09
N TYR B 159 16.06 -28.53 2.06
CA TYR B 159 15.51 -29.90 2.11
C TYR B 159 14.83 -30.24 0.79
N SER B 160 13.89 -29.39 0.35
CA SER B 160 13.13 -29.69 -0.87
C SER B 160 14.07 -29.94 -2.06
N SER B 161 15.04 -29.05 -2.28
CA SER B 161 15.94 -29.20 -3.42
C SER B 161 16.83 -30.42 -3.28
N TYR B 162 17.46 -30.58 -2.11
CA TYR B 162 18.46 -31.63 -1.98
C TYR B 162 17.84 -33.01 -1.88
N LEU B 163 16.74 -33.16 -1.14
CA LEU B 163 16.22 -34.50 -0.88
C LEU B 163 15.61 -35.14 -2.12
N HIS B 164 15.26 -34.36 -3.14
CA HIS B 164 14.73 -34.89 -4.39
C HIS B 164 15.78 -34.99 -5.48
N SER B 165 17.04 -34.65 -5.19
CA SER B 165 18.08 -34.68 -6.21
C SER B 165 18.59 -36.09 -6.49
N GLY B 166 18.35 -37.03 -5.59
CA GLY B 166 18.96 -38.34 -5.64
C GLY B 166 20.42 -38.40 -5.24
N MET B 167 21.06 -37.27 -4.95
CA MET B 167 22.47 -37.34 -4.60
C MET B 167 22.62 -37.66 -3.13
N ASP B 168 23.77 -38.22 -2.75
CA ASP B 168 23.99 -38.49 -1.34
C ASP B 168 24.82 -37.42 -0.65
N SER B 169 25.35 -36.47 -1.40
CA SER B 169 25.95 -35.29 -0.80
C SER B 169 26.03 -34.23 -1.88
N ALA B 170 25.96 -32.96 -1.47
CA ALA B 170 25.99 -31.91 -2.46
C ALA B 170 26.24 -30.58 -1.79
N LEU B 171 26.80 -29.65 -2.56
CA LEU B 171 26.66 -28.23 -2.24
C LEU B 171 25.25 -27.78 -2.55
N VAL B 172 24.63 -27.07 -1.61
CA VAL B 172 23.26 -26.57 -1.75
C VAL B 172 23.29 -25.05 -1.67
N LEU B 173 22.77 -24.38 -2.70
CA LEU B 173 22.66 -22.94 -2.72
C LEU B 173 21.18 -22.56 -2.78
N VAL B 174 20.75 -21.74 -1.83
CA VAL B 174 19.41 -21.17 -1.82
C VAL B 174 19.55 -19.68 -2.04
N LEU B 175 18.87 -19.15 -3.08
CA LEU B 175 18.76 -17.72 -3.33
C LEU B 175 17.30 -17.34 -3.58
N ASP B 176 16.81 -16.32 -2.89
CA ASP B 176 15.42 -15.87 -3.13
C ASP B 176 15.30 -14.39 -2.78
N GLY B 177 14.05 -13.92 -2.63
CA GLY B 177 13.78 -12.61 -2.08
C GLY B 177 14.30 -12.52 -0.65
N ARG B 178 13.73 -13.32 0.25
CA ARG B 178 14.26 -13.39 1.60
C ARG B 178 13.56 -14.51 2.35
N GLY B 179 14.28 -15.14 3.27
CA GLY B 179 13.70 -15.82 4.41
C GLY B 179 13.65 -14.88 5.60
N GLU B 180 13.65 -15.45 6.81
CA GLU B 180 13.50 -14.63 8.01
C GLU B 180 14.73 -13.78 8.24
N LEU B 181 15.92 -14.32 7.96
CA LEU B 181 17.17 -13.66 8.28
C LEU B 181 18.03 -13.34 7.08
N HIS B 182 17.88 -14.06 5.98
CA HIS B 182 18.87 -14.06 4.90
C HIS B 182 18.15 -14.01 3.56
N SER B 183 18.84 -13.44 2.57
CA SER B 183 18.43 -13.56 1.17
C SER B 183 19.09 -14.72 0.46
N GLY B 184 20.13 -15.30 1.06
CA GLY B 184 20.84 -16.40 0.45
C GLY B 184 21.56 -17.23 1.50
N THR B 185 21.69 -18.52 1.22
CA THR B 185 22.34 -19.46 2.15
C THR B 185 23.05 -20.53 1.35
N VAL B 186 24.20 -20.97 1.86
CA VAL B 186 24.98 -22.05 1.29
C VAL B 186 25.04 -23.17 2.31
N TYR B 187 24.76 -24.40 1.86
CA TYR B 187 24.79 -25.56 2.73
C TYR B 187 25.66 -26.65 2.14
N ARG B 188 26.22 -27.49 3.01
CA ARG B 188 26.66 -28.81 2.63
C ARG B 188 25.60 -29.80 3.07
N ALA B 189 25.12 -30.61 2.14
CA ALA B 189 24.17 -31.66 2.46
C ALA B 189 24.86 -33.02 2.35
N GLU B 190 24.45 -33.94 3.22
CA GLU B 190 25.01 -35.28 3.23
C GLU B 190 24.03 -36.17 3.96
N GLY B 191 23.51 -37.20 3.29
CA GLY B 191 22.56 -38.07 3.93
C GLY B 191 21.25 -37.33 4.13
N THR B 192 20.88 -37.06 5.37
CA THR B 192 19.73 -36.21 5.67
C THR B 192 20.12 -35.00 6.51
N ARG B 193 21.42 -34.70 6.61
CA ARG B 193 21.90 -33.61 7.46
C ARG B 193 22.27 -32.40 6.60
N LEU B 194 21.84 -31.23 7.03
CA LEU B 194 22.23 -29.98 6.41
C LEU B 194 23.16 -29.22 7.34
N GLU B 195 24.23 -28.68 6.78
CA GLU B 195 25.19 -27.90 7.56
C GLU B 195 25.40 -26.56 6.86
N LYS B 196 25.07 -25.48 7.54
CA LYS B 196 25.18 -24.16 6.92
C LYS B 196 26.65 -23.75 6.84
N LEU B 197 27.06 -23.31 5.66
CA LEU B 197 28.43 -22.85 5.43
C LEU B 197 28.54 -21.33 5.29
N ALA B 198 27.52 -20.69 4.75
CA ALA B 198 27.54 -19.24 4.57
C ALA B 198 26.11 -18.73 4.48
N ASP B 199 25.99 -17.41 4.53
CA ASP B 199 24.69 -16.78 4.34
C ASP B 199 24.93 -15.36 3.85
N TYR B 200 23.86 -14.74 3.33
CA TYR B 200 23.91 -13.38 2.80
C TYR B 200 22.71 -12.61 3.33
N PRO B 201 22.90 -11.36 3.75
CA PRO B 201 21.81 -10.64 4.43
C PRO B 201 20.72 -10.21 3.46
N VAL B 202 19.58 -9.85 4.06
CA VAL B 202 18.39 -9.48 3.27
C VAL B 202 18.64 -8.35 2.27
N PRO B 203 19.31 -7.23 2.62
CA PRO B 203 19.45 -6.15 1.63
C PRO B 203 20.33 -6.53 0.43
N LYS B 204 21.03 -7.66 0.46
CA LYS B 204 21.80 -8.12 -0.67
C LYS B 204 20.99 -9.05 -1.58
N SER B 205 19.68 -9.13 -1.37
CA SER B 205 18.84 -10.04 -2.14
C SER B 205 19.03 -9.83 -3.63
N LEU B 206 19.31 -10.93 -4.34
CA LEU B 206 19.31 -10.94 -5.80
C LEU B 206 17.91 -11.11 -6.36
N GLY B 207 17.05 -11.85 -5.67
CA GLY B 207 15.63 -11.77 -5.99
C GLY B 207 15.09 -10.37 -5.83
N GLY B 208 15.55 -9.65 -4.80
CA GLY B 208 15.11 -8.28 -4.62
C GLY B 208 15.65 -7.36 -5.69
N LEU B 209 16.95 -7.51 -6.02
CA LEU B 209 17.52 -6.71 -7.10
C LEU B 209 16.77 -6.94 -8.41
N TYR B 210 16.45 -8.21 -8.71
CA TYR B 210 15.80 -8.52 -9.99
C TYR B 210 14.41 -7.93 -10.04
N LEU B 211 13.67 -8.02 -8.94
CA LEU B 211 12.32 -7.46 -8.89
C LEU B 211 12.35 -5.94 -8.97
N ASN B 212 13.27 -5.30 -8.22
CA ASN B 212 13.45 -3.85 -8.31
C ASN B 212 13.61 -3.40 -9.77
N ALA B 213 14.48 -4.10 -10.51
CA ALA B 213 14.76 -3.74 -11.89
C ALA B 213 13.57 -4.02 -12.79
N THR B 214 12.86 -5.12 -12.53
CA THR B 214 11.69 -5.48 -13.31
C THR B 214 10.62 -4.37 -13.28
N TYR B 215 10.50 -3.65 -12.16
CA TYR B 215 9.53 -2.55 -12.06
C TYR B 215 9.81 -1.46 -13.10
N LEU B 216 11.08 -1.22 -13.45
CA LEU B 216 11.40 -0.22 -14.47
C LEU B 216 10.89 -0.60 -15.86
N LEU B 217 10.41 -1.81 -16.05
CA LEU B 217 9.95 -2.28 -17.35
C LEU B 217 8.43 -2.36 -17.43
N GLY B 218 7.72 -1.61 -16.58
CA GLY B 218 6.27 -1.68 -16.57
C GLY B 218 5.71 -2.96 -16.03
N TYR B 219 6.53 -3.80 -15.40
CA TYR B 219 6.12 -5.08 -14.85
C TYR B 219 6.09 -4.99 -13.33
N GLY B 220 5.61 -6.07 -12.72
CA GLY B 220 5.60 -6.15 -11.28
C GLY B 220 5.96 -7.54 -10.81
N PHE B 221 5.62 -7.86 -9.56
CA PHE B 221 5.94 -9.18 -9.01
C PHE B 221 5.31 -10.26 -9.87
N GLY B 222 6.08 -11.31 -10.11
CA GLY B 222 5.68 -12.43 -10.93
C GLY B 222 6.14 -12.35 -12.37
N ASP B 223 6.57 -11.18 -12.83
CA ASP B 223 6.93 -10.98 -14.23
C ASP B 223 8.42 -11.13 -14.49
N GLU B 224 9.20 -11.55 -13.48
CA GLU B 224 10.64 -11.71 -13.66
C GLU B 224 10.97 -12.62 -14.84
N TYR B 225 10.20 -13.69 -15.03
CA TYR B 225 10.47 -14.61 -16.13
C TYR B 225 10.28 -13.93 -17.49
N LYS B 226 9.33 -13.00 -17.60
CA LYS B 226 9.19 -12.25 -18.85
C LYS B 226 10.42 -11.38 -19.09
N VAL B 227 10.94 -10.75 -18.04
CA VAL B 227 12.16 -9.96 -18.20
C VAL B 227 13.32 -10.86 -18.62
N MET B 228 13.34 -12.09 -18.13
CA MET B 228 14.41 -13.01 -18.53
C MET B 228 14.26 -13.41 -20.00
N GLY B 229 13.03 -13.57 -20.48
CA GLY B 229 12.82 -13.82 -21.90
C GLY B 229 13.20 -12.65 -22.79
N LEU B 230 13.04 -11.42 -22.29
CA LEU B 230 13.37 -10.23 -23.09
C LEU B 230 14.88 -10.02 -23.23
N ALA B 231 15.66 -10.47 -22.23
CA ALA B 231 17.08 -10.14 -22.16
C ALA B 231 17.91 -10.53 -23.39
N PRO B 232 17.69 -11.67 -24.05
CA PRO B 232 18.53 -11.96 -25.24
C PRO B 232 18.32 -10.97 -26.39
N TRP B 233 17.16 -10.31 -26.48
CA TRP B 233 16.94 -9.30 -27.52
C TRP B 233 17.80 -8.05 -27.34
N GLY B 234 18.48 -7.92 -26.20
CA GLY B 234 19.16 -6.68 -25.86
C GLY B 234 20.66 -6.80 -25.90
N ASN B 235 21.31 -5.65 -25.91
CA ASN B 235 22.76 -5.55 -25.89
C ASN B 235 23.22 -5.23 -24.49
N PRO B 236 23.96 -6.13 -23.82
CA PRO B 236 24.31 -5.91 -22.41
C PRO B 236 25.42 -4.88 -22.20
N GLU B 237 26.04 -4.39 -23.27
CA GLU B 237 27.09 -3.39 -23.11
C GLU B 237 26.54 -2.03 -22.72
N THR B 238 25.29 -1.72 -23.11
CA THR B 238 24.79 -0.35 -22.98
C THR B 238 24.74 0.10 -21.52
N TYR B 239 24.22 -0.74 -20.63
CA TYR B 239 24.05 -0.35 -19.24
C TYR B 239 24.99 -1.11 -18.30
N ARG B 240 26.06 -1.71 -18.83
CA ARG B 240 26.97 -2.49 -18.01
C ARG B 240 27.69 -1.62 -16.99
N ASP B 241 28.19 -0.45 -17.40
CA ASP B 241 28.86 0.46 -16.47
C ASP B 241 27.90 1.06 -15.45
N THR B 242 26.61 1.16 -15.79
CA THR B 242 25.63 1.65 -14.83
C THR B 242 25.38 0.63 -13.74
N PHE B 243 25.08 -0.62 -14.12
CA PHE B 243 24.85 -1.66 -13.12
C PHE B 243 26.08 -1.87 -12.25
N ALA B 244 27.29 -1.70 -12.81
CA ALA B 244 28.51 -1.87 -12.02
C ALA B 244 28.60 -0.91 -10.86
N LYS B 245 27.89 0.23 -10.92
CA LYS B 245 27.88 1.12 -9.76
C LYS B 245 26.99 0.59 -8.64
N LEU B 246 26.13 -0.40 -8.91
CA LEU B 246 25.15 -0.91 -7.95
C LEU B 246 25.62 -2.16 -7.21
N TYR B 247 26.76 -2.74 -7.57
CA TYR B 247 27.27 -3.92 -6.88
C TYR B 247 28.78 -3.92 -6.96
N THR B 248 29.39 -4.65 -6.04
CA THR B 248 30.83 -4.84 -5.99
C THR B 248 31.11 -6.29 -5.62
N LEU B 249 31.86 -6.99 -6.45
CA LEU B 249 32.34 -8.32 -6.10
C LEU B 249 33.51 -8.21 -5.12
N GLN B 250 33.57 -9.12 -4.15
CA GLN B 250 34.54 -9.03 -3.08
C GLN B 250 35.18 -10.39 -2.84
N ASP B 251 36.22 -10.39 -2.00
CA ASP B 251 36.94 -11.63 -1.68
C ASP B 251 36.04 -12.61 -0.94
N ASN B 252 36.41 -13.89 -1.04
CA ASN B 252 35.75 -14.98 -0.33
C ASN B 252 34.29 -15.14 -0.75
N GLY B 253 33.98 -14.89 -2.02
CA GLY B 253 32.63 -15.14 -2.48
C GLY B 253 31.62 -14.14 -1.98
N GLU B 254 32.08 -12.99 -1.53
CA GLU B 254 31.23 -11.94 -1.01
C GLU B 254 30.88 -10.95 -2.12
N TYR B 255 29.81 -10.20 -1.90
CA TYR B 255 29.44 -9.10 -2.77
C TYR B 255 28.71 -8.07 -1.93
N GLU B 256 28.63 -6.85 -2.44
CA GLU B 256 27.81 -5.81 -1.85
C GLU B 256 26.86 -5.25 -2.91
N LEU B 257 25.62 -4.93 -2.51
CA LEU B 257 24.69 -4.17 -3.32
C LEU B 257 24.56 -2.78 -2.70
N HIS B 258 24.77 -1.74 -3.49
CA HIS B 258 24.87 -0.38 -2.95
C HIS B 258 23.49 0.25 -2.89
N GLY B 259 23.06 0.58 -1.66
CA GLY B 259 21.73 1.09 -1.42
C GLY B 259 21.65 2.59 -1.59
N ASN B 260 20.47 3.13 -1.29
CA ASN B 260 20.28 4.58 -1.29
C ASN B 260 19.23 4.93 -0.25
N ILE B 261 19.17 6.21 0.09
CA ILE B 261 18.26 6.68 1.14
C ILE B 261 17.03 7.37 0.57
N MET B 262 16.77 7.19 -0.72
CA MET B 262 15.71 7.97 -1.36
C MET B 262 14.41 7.19 -1.51
N VAL B 263 14.48 5.97 -2.02
CA VAL B 263 13.29 5.20 -2.37
C VAL B 263 13.59 3.73 -2.07
N PRO B 264 12.58 2.89 -1.84
CA PRO B 264 12.80 1.46 -1.59
C PRO B 264 12.97 0.68 -2.89
N ASN B 265 14.00 1.04 -3.62
CA ASN B 265 14.31 0.41 -4.90
C ASN B 265 15.78 0.69 -5.16
N LEU B 266 16.57 -0.37 -5.32
CA LEU B 266 18.02 -0.21 -5.46
C LEU B 266 18.38 0.42 -6.80
N VAL B 267 17.53 0.25 -7.80
CA VAL B 267 17.90 0.45 -9.20
C VAL B 267 17.40 1.79 -9.74
N SER B 268 16.16 2.17 -9.42
CA SER B 268 15.54 3.29 -10.13
C SER B 268 16.26 4.63 -9.99
N PRO B 269 16.79 5.03 -8.82
CA PRO B 269 17.39 6.38 -8.74
C PRO B 269 18.57 6.60 -9.67
N LEU B 270 19.52 5.65 -9.74
CA LEU B 270 20.64 5.83 -10.64
C LEU B 270 20.18 5.86 -12.09
N PHE B 271 19.23 5.00 -12.46
CA PHE B 271 18.76 5.01 -13.84
C PHE B 271 17.94 6.26 -14.16
N TYR B 272 17.18 6.79 -13.19
CA TYR B 272 16.56 8.09 -13.42
C TYR B 272 17.60 9.15 -13.70
N ALA B 273 18.68 9.16 -12.91
CA ALA B 273 19.71 10.18 -13.03
C ALA B 273 20.39 10.17 -14.38
N GLU B 274 20.30 9.06 -15.13
CA GLU B 274 20.94 8.93 -16.43
C GLU B 274 19.93 8.95 -17.58
N GLY B 275 18.68 9.27 -17.31
CA GLY B 275 17.72 9.51 -18.36
C GLY B 275 16.91 8.32 -18.81
N PHE B 276 16.88 7.24 -18.02
CA PHE B 276 16.08 6.08 -18.38
C PHE B 276 14.59 6.41 -18.24
N ARG B 277 13.79 5.85 -19.14
CA ARG B 277 12.34 6.07 -19.18
C ARG B 277 11.63 4.77 -18.85
N PRO B 278 11.15 4.60 -17.62
CA PRO B 278 10.44 3.36 -17.27
C PRO B 278 9.20 3.15 -18.15
N ARG B 279 9.07 1.93 -18.66
CA ARG B 279 8.04 1.63 -19.65
C ARG B 279 6.64 1.81 -19.07
N ARG B 280 5.76 2.46 -19.83
CA ARG B 280 4.39 2.70 -19.43
C ARG B 280 3.50 1.52 -19.84
N LYS B 281 2.38 1.39 -19.13
CA LYS B 281 1.39 0.35 -19.37
C LYS B 281 0.94 0.36 -20.83
N GLY B 282 1.09 -0.78 -21.50
CA GLY B 282 0.69 -0.91 -22.90
C GLY B 282 1.61 -0.27 -23.91
N GLU B 283 2.80 0.21 -23.51
CA GLU B 283 3.76 0.76 -24.44
C GLU B 283 4.61 -0.36 -25.04
N PRO B 284 5.26 -0.12 -26.17
CA PRO B 284 6.23 -1.09 -26.68
C PRO B 284 7.52 -1.06 -25.86
N PHE B 285 8.26 -2.16 -25.94
CA PHE B 285 9.58 -2.25 -25.33
C PHE B 285 10.60 -1.60 -26.25
N THR B 286 11.13 -0.45 -25.85
CA THR B 286 12.11 0.25 -26.68
C THR B 286 13.45 -0.49 -26.67
N GLN B 287 14.41 0.01 -27.45
CA GLN B 287 15.74 -0.60 -27.45
C GLN B 287 16.42 -0.41 -26.11
N ALA B 288 16.21 0.75 -25.48
CA ALA B 288 16.72 0.98 -24.13
C ALA B 288 16.20 -0.07 -23.16
N HIS B 289 14.89 -0.35 -23.21
CA HIS B 289 14.31 -1.35 -22.32
C HIS B 289 14.95 -2.72 -22.55
N ARG B 290 15.22 -3.06 -23.81
CA ARG B 290 15.78 -4.37 -24.14
C ARG B 290 17.20 -4.51 -23.59
N ASP B 291 18.03 -3.49 -23.82
CA ASP B 291 19.39 -3.49 -23.29
C ASP B 291 19.39 -3.53 -21.76
N PHE B 292 18.42 -2.85 -21.15
CA PHE B 292 18.31 -2.87 -19.69
C PHE B 292 18.08 -4.28 -19.17
N ALA B 293 17.13 -5.01 -19.76
CA ALA B 293 16.96 -6.41 -19.40
C ALA B 293 18.24 -7.21 -19.62
N ALA B 294 18.93 -6.98 -20.75
CA ALA B 294 20.16 -7.73 -21.02
C ALA B 294 21.20 -7.51 -19.93
N ALA B 295 21.46 -6.25 -19.59
CA ALA B 295 22.48 -5.94 -18.58
C ALA B 295 22.06 -6.40 -17.18
N LEU B 296 20.75 -6.42 -16.88
CA LEU B 296 20.29 -6.91 -15.58
C LEU B 296 20.56 -8.40 -15.44
N GLN B 297 20.17 -9.19 -16.46
CA GLN B 297 20.44 -10.62 -16.46
C GLN B 297 21.93 -10.91 -16.32
N GLU B 298 22.78 -10.21 -17.09
CA GLU B 298 24.21 -10.44 -17.01
C GLU B 298 24.76 -10.10 -15.63
N THR B 299 24.24 -9.03 -15.00
CA THR B 299 24.66 -8.65 -13.64
C THR B 299 24.42 -9.78 -12.64
N VAL B 300 23.20 -10.33 -12.63
CA VAL B 300 22.84 -11.38 -11.69
C VAL B 300 23.61 -12.67 -11.99
N GLU B 301 23.82 -12.97 -13.27
CA GLU B 301 24.62 -14.14 -13.60
C GLU B 301 26.03 -13.99 -13.05
N LYS B 302 26.61 -12.79 -13.19
CA LYS B 302 27.98 -12.56 -12.75
C LYS B 302 28.10 -12.74 -11.24
N ILE B 303 27.11 -12.28 -10.49
CA ILE B 303 27.19 -12.32 -9.05
C ILE B 303 27.03 -13.74 -8.55
N VAL B 304 26.08 -14.47 -9.12
CA VAL B 304 25.86 -15.86 -8.72
C VAL B 304 27.04 -16.73 -9.10
N LEU B 305 27.59 -16.56 -10.31
CA LEU B 305 28.79 -17.31 -10.67
C LEU B 305 29.95 -16.98 -9.73
N HIS B 306 30.04 -15.72 -9.30
CA HIS B 306 31.05 -15.34 -8.31
C HIS B 306 30.89 -16.13 -7.02
N ILE B 307 29.65 -16.17 -6.50
CA ILE B 307 29.36 -16.96 -5.31
C ILE B 307 29.75 -18.42 -5.53
N LEU B 308 29.32 -19.01 -6.65
CA LEU B 308 29.48 -20.45 -6.82
C LEU B 308 30.92 -20.85 -7.09
N GLU B 309 31.69 -19.98 -7.76
CA GLU B 309 33.11 -20.23 -7.94
C GLU B 309 33.80 -20.37 -6.60
N TYR B 310 33.50 -19.47 -5.66
CA TYR B 310 34.12 -19.53 -4.35
C TYR B 310 33.71 -20.79 -3.60
N TRP B 311 32.40 -21.08 -3.55
CA TRP B 311 31.97 -22.19 -2.72
C TRP B 311 32.19 -23.57 -3.36
N ALA B 312 32.34 -23.66 -4.68
CA ALA B 312 32.83 -24.92 -5.27
C ALA B 312 34.26 -25.20 -4.83
N LYS B 313 35.14 -24.20 -4.97
CA LYS B 313 36.54 -24.36 -4.60
C LYS B 313 36.68 -24.62 -3.10
N THR B 314 35.98 -23.84 -2.27
CA THR B 314 36.15 -23.94 -0.82
C THR B 314 35.59 -25.25 -0.29
N SER B 315 34.39 -25.64 -0.74
CA SER B 315 33.81 -26.89 -0.27
C SER B 315 34.44 -28.11 -0.92
N GLY B 316 34.98 -27.96 -2.13
CA GLY B 316 35.53 -29.08 -2.87
C GLY B 316 34.53 -29.99 -3.53
N HIS B 317 33.25 -29.62 -3.52
CA HIS B 317 32.18 -30.51 -3.98
C HIS B 317 31.99 -30.46 -5.49
N SER B 318 31.54 -31.58 -6.05
CA SER B 318 31.31 -31.67 -7.49
C SER B 318 29.83 -31.59 -7.85
N ARG B 319 28.93 -31.61 -6.86
CA ARG B 319 27.49 -31.65 -7.08
C ARG B 319 26.80 -30.45 -6.43
N LEU B 320 25.86 -29.87 -7.16
CA LEU B 320 25.15 -28.67 -6.73
C LEU B 320 23.65 -28.88 -6.87
N CYS B 321 22.93 -28.66 -5.76
CA CYS B 321 21.50 -28.37 -5.83
C CYS B 321 21.32 -26.88 -5.65
N PHE B 322 20.45 -26.30 -6.48
CA PHE B 322 20.16 -24.87 -6.49
C PHE B 322 18.66 -24.70 -6.31
N GLY B 323 18.27 -23.96 -5.25
CA GLY B 323 16.88 -23.75 -4.92
C GLY B 323 16.61 -22.30 -4.50
N GLY B 324 15.41 -22.03 -4.02
CA GLY B 324 14.98 -20.66 -3.90
C GLY B 324 14.48 -20.11 -5.23
N GLY B 325 13.67 -19.05 -5.13
CA GLY B 325 12.98 -18.52 -6.30
C GLY B 325 13.90 -18.11 -7.45
N VAL B 326 15.08 -17.58 -7.15
CA VAL B 326 16.03 -17.24 -8.20
C VAL B 326 16.38 -18.47 -9.05
N ALA B 327 16.26 -19.68 -8.48
CA ALA B 327 16.54 -20.88 -9.26
C ALA B 327 15.53 -21.13 -10.37
N HIS B 328 14.52 -20.29 -10.56
CA HIS B 328 13.70 -20.38 -11.75
C HIS B 328 14.22 -19.51 -12.87
N ASN B 329 15.40 -18.89 -12.68
CA ASN B 329 16.04 -18.18 -13.78
C ASN B 329 16.80 -19.22 -14.60
N SER B 330 16.11 -19.81 -15.59
CA SER B 330 16.70 -20.92 -16.32
C SER B 330 17.87 -20.48 -17.18
N SER B 331 17.93 -19.21 -17.60
CA SER B 331 19.13 -18.71 -18.26
C SER B 331 20.33 -18.77 -17.33
N LEU B 332 20.13 -18.36 -16.07
CA LEU B 332 21.20 -18.46 -15.08
C LEU B 332 21.60 -19.91 -14.87
N ASN B 333 20.59 -20.79 -14.75
CA ASN B 333 20.86 -22.22 -14.54
C ASN B 333 21.66 -22.81 -15.69
N GLY B 334 21.35 -22.39 -16.92
CA GLY B 334 22.13 -22.86 -18.06
C GLY B 334 23.58 -22.41 -17.99
N LEU B 335 23.81 -21.20 -17.47
CA LEU B 335 25.18 -20.72 -17.34
C LEU B 335 25.94 -21.46 -16.24
N ILE B 336 25.25 -21.85 -15.16
CA ILE B 336 25.88 -22.67 -14.15
C ILE B 336 26.25 -24.03 -14.73
N LEU B 337 25.34 -24.60 -15.52
CA LEU B 337 25.59 -25.90 -16.12
C LEU B 337 26.82 -25.85 -17.02
N LYS B 338 26.94 -24.81 -17.85
CA LYS B 338 28.08 -24.64 -18.74
C LYS B 338 29.36 -24.24 -18.02
N SER B 339 29.27 -23.77 -16.76
CA SER B 339 30.46 -23.24 -16.11
C SER B 339 31.54 -24.29 -15.87
N GLY B 340 31.17 -25.57 -15.81
CA GLY B 340 32.15 -26.58 -15.49
C GLY B 340 32.59 -26.61 -14.05
N LEU B 341 31.94 -25.83 -13.18
CA LEU B 341 32.27 -25.84 -11.76
C LEU B 341 31.80 -27.12 -11.09
N PHE B 342 30.78 -27.78 -11.65
CA PHE B 342 30.21 -28.95 -11.04
C PHE B 342 30.08 -30.05 -12.09
N ASP B 343 30.00 -31.30 -11.61
CA ASP B 343 29.74 -32.40 -12.55
C ASP B 343 28.27 -32.71 -12.66
N GLU B 344 27.49 -32.35 -11.66
CA GLU B 344 26.08 -32.68 -11.56
C GLU B 344 25.35 -31.52 -10.91
N VAL B 345 24.23 -31.10 -11.51
CA VAL B 345 23.41 -30.00 -11.03
C VAL B 345 21.94 -30.44 -11.06
N PHE B 346 21.27 -30.32 -9.91
CA PHE B 346 19.85 -30.63 -9.80
C PHE B 346 19.06 -29.38 -9.39
N VAL B 347 17.88 -29.20 -10.01
CA VAL B 347 16.96 -28.11 -9.71
C VAL B 347 15.53 -28.69 -9.64
N HIS B 348 14.81 -28.35 -8.59
CA HIS B 348 13.46 -28.82 -8.25
C HIS B 348 12.41 -28.11 -9.12
N PRO B 349 11.37 -28.83 -9.58
CA PRO B 349 10.33 -28.17 -10.41
C PRO B 349 9.63 -26.97 -9.75
N ALA B 350 9.52 -26.95 -8.43
CA ALA B 350 8.93 -25.82 -7.70
C ALA B 350 9.97 -25.29 -6.73
N SER B 351 10.83 -24.40 -7.21
CA SER B 351 11.91 -23.86 -6.40
C SER B 351 11.54 -22.57 -5.67
N HIS B 352 10.41 -21.94 -6.01
CA HIS B 352 9.92 -20.79 -5.25
C HIS B 352 9.25 -21.26 -3.96
N ASP B 353 8.45 -20.41 -3.31
CA ASP B 353 8.02 -20.73 -1.95
C ASP B 353 7.10 -21.94 -1.84
N ALA B 354 6.51 -22.40 -2.95
CA ALA B 354 5.77 -23.66 -2.85
C ALA B 354 6.74 -24.82 -2.59
N GLY B 355 7.98 -24.71 -3.03
CA GLY B 355 8.98 -25.70 -2.67
C GLY B 355 9.39 -25.60 -1.21
N ALA B 356 9.56 -24.37 -0.71
CA ALA B 356 9.80 -24.19 0.73
C ALA B 356 8.70 -24.83 1.56
N GLY B 357 7.45 -24.71 1.10
CA GLY B 357 6.36 -25.37 1.82
C GLY B 357 6.52 -26.88 1.87
N GLU B 358 6.89 -27.49 0.73
CA GLU B 358 7.21 -28.91 0.72
C GLU B 358 8.35 -29.24 1.68
N GLY B 359 9.45 -28.49 1.60
CA GLY B 359 10.59 -28.73 2.48
C GLY B 359 10.27 -28.52 3.95
N ALA B 360 9.26 -27.69 4.24
CA ALA B 360 8.83 -27.52 5.62
C ALA B 360 8.29 -28.83 6.17
N ALA B 361 7.64 -29.64 5.32
CA ALA B 361 7.16 -30.94 5.77
C ALA B 361 8.31 -31.84 6.21
N TYR B 362 9.35 -31.96 5.36
CA TYR B 362 10.52 -32.73 5.74
C TYR B 362 11.19 -32.19 7.00
N ALA B 363 11.26 -30.85 7.15
CA ALA B 363 11.87 -30.28 8.34
C ALA B 363 11.03 -30.54 9.59
N ALA B 364 9.70 -30.53 9.45
CA ALA B 364 8.88 -30.89 10.60
C ALA B 364 9.12 -32.34 10.99
N ALA B 365 9.29 -33.23 10.01
CA ALA B 365 9.53 -34.64 10.34
C ALA B 365 10.87 -34.83 11.02
N ALA B 366 11.91 -34.13 10.54
CA ALA B 366 13.20 -34.19 11.19
C ALA B 366 13.14 -33.60 12.59
N SER B 367 12.37 -32.52 12.77
CA SER B 367 12.28 -31.88 14.09
C SER B 367 11.82 -32.85 15.16
N LEU B 368 10.95 -33.80 14.83
CA LEU B 368 10.36 -34.71 15.81
C LEU B 368 10.59 -36.15 15.34
N GLY B 369 11.81 -36.63 15.52
CA GLY B 369 12.18 -37.97 15.11
C GLY B 369 13.19 -37.94 13.98
N THR B 370 13.50 -39.14 13.49
CA THR B 370 14.41 -39.30 12.35
C THR B 370 13.66 -39.04 11.05
N LEU B 371 14.42 -38.78 9.99
CA LEU B 371 13.92 -38.20 8.76
C LEU B 371 13.99 -39.25 7.64
N GLU B 372 12.83 -39.60 7.10
CA GLU B 372 12.74 -40.46 5.94
C GLU B 372 12.84 -39.60 4.69
N ARG B 373 13.62 -40.05 3.72
CA ARG B 373 13.93 -39.27 2.53
C ARG B 373 13.48 -40.03 1.29
N PRO B 374 13.30 -39.35 0.15
CA PRO B 374 12.93 -40.07 -1.07
C PRO B 374 14.04 -41.01 -1.49
N GLY B 375 13.65 -42.18 -2.02
CA GLY B 375 14.64 -43.13 -2.47
C GLY B 375 15.30 -42.79 -3.80
N LYS B 376 14.70 -41.90 -4.59
CA LYS B 376 15.13 -41.69 -5.96
C LYS B 376 15.07 -40.21 -6.33
N ARG B 377 15.88 -39.81 -7.31
CA ARG B 377 15.74 -38.50 -7.93
C ARG B 377 14.32 -38.33 -8.49
N LEU B 378 13.71 -37.18 -8.20
CA LEU B 378 12.39 -36.86 -8.69
C LEU B 378 12.43 -36.68 -10.20
N LEU B 379 11.60 -37.46 -10.90
CA LEU B 379 11.55 -37.43 -12.35
C LEU B 379 10.26 -36.84 -12.90
N SER B 380 9.18 -36.81 -12.12
CA SER B 380 7.89 -36.31 -12.60
C SER B 380 7.26 -35.35 -11.59
N ALA B 381 6.84 -34.18 -12.09
CA ALA B 381 6.14 -33.18 -11.30
C ALA B 381 4.64 -33.38 -11.28
N SER B 382 4.14 -34.50 -11.83
CA SER B 382 2.71 -34.81 -11.97
C SER B 382 2.14 -35.23 -10.62
N LEU B 383 1.80 -34.23 -9.80
CA LEU B 383 1.49 -34.48 -8.39
C LEU B 383 0.20 -33.84 -7.89
N GLY B 384 -0.47 -33.00 -8.68
CA GLY B 384 -1.73 -32.43 -8.25
C GLY B 384 -2.91 -33.37 -8.43
N PRO B 385 -4.12 -32.85 -8.33
CA PRO B 385 -5.30 -33.70 -8.56
C PRO B 385 -5.40 -34.06 -10.03
N ALA B 386 -5.97 -35.24 -10.30
CA ALA B 386 -6.25 -35.68 -11.66
C ALA B 386 -7.54 -35.04 -12.18
N LEU B 387 -7.93 -35.43 -13.39
CA LEU B 387 -9.15 -34.92 -14.00
C LEU B 387 -10.41 -35.73 -13.62
N GLY B 388 -10.25 -36.96 -13.17
CA GLY B 388 -11.37 -37.85 -12.90
C GLY B 388 -11.28 -39.14 -13.71
N GLY B 389 -12.18 -40.06 -13.35
CA GLY B 389 -12.27 -41.33 -14.07
C GLY B 389 -12.95 -41.18 -15.43
N ARG B 390 -12.90 -42.27 -16.20
CA ARG B 390 -13.47 -42.26 -17.55
C ARG B 390 -14.97 -41.99 -17.54
N GLU B 391 -15.70 -42.61 -16.62
CA GLU B 391 -17.14 -42.42 -16.58
C GLU B 391 -17.48 -40.98 -16.18
N GLN B 392 -16.83 -40.47 -15.13
CA GLN B 392 -17.07 -39.08 -14.71
C GLN B 392 -16.74 -38.11 -15.84
N ILE B 393 -15.64 -38.32 -16.57
CA ILE B 393 -15.22 -37.38 -17.61
C ILE B 393 -16.19 -37.39 -18.77
N ARG B 394 -16.63 -38.58 -19.22
CA ARG B 394 -17.54 -38.64 -20.36
C ARG B 394 -18.91 -38.06 -20.01
N ALA B 395 -19.43 -38.39 -18.82
CA ALA B 395 -20.69 -37.80 -18.35
C ALA B 395 -20.61 -36.27 -18.30
N ARG B 396 -19.46 -35.72 -17.92
CA ARG B 396 -19.33 -34.27 -17.82
C ARG B 396 -19.10 -33.61 -19.17
N LEU B 397 -18.38 -34.25 -20.09
CA LEU B 397 -18.30 -33.72 -21.44
C LEU B 397 -19.66 -33.72 -22.12
N ALA B 398 -20.54 -34.66 -21.74
CA ALA B 398 -21.91 -34.62 -22.26
C ALA B 398 -22.64 -33.37 -21.78
N ASP B 399 -22.34 -32.92 -20.56
CA ASP B 399 -22.95 -31.69 -20.05
C ASP B 399 -22.56 -30.48 -20.90
N TRP B 400 -21.39 -30.52 -21.53
CA TRP B 400 -20.89 -29.48 -22.42
C TRP B 400 -21.35 -29.67 -23.86
N ALA B 401 -22.17 -30.67 -24.14
CA ALA B 401 -22.54 -31.00 -25.52
C ALA B 401 -22.95 -29.79 -26.35
N PRO B 402 -23.78 -28.83 -25.86
CA PRO B 402 -24.20 -27.71 -26.74
C PRO B 402 -23.08 -26.79 -27.18
N LEU B 403 -21.85 -27.02 -26.72
CA LEU B 403 -20.72 -26.22 -27.16
C LEU B 403 -19.60 -26.99 -27.83
N ILE B 404 -19.49 -28.31 -27.61
CA ILE B 404 -18.34 -29.08 -28.11
C ILE B 404 -18.82 -30.30 -28.90
N ASP B 405 -17.93 -30.81 -29.75
CA ASP B 405 -18.08 -32.11 -30.40
C ASP B 405 -16.97 -33.04 -29.93
N VAL B 406 -17.34 -34.25 -29.52
CA VAL B 406 -16.40 -35.19 -28.91
C VAL B 406 -16.34 -36.48 -29.73
N GLU B 407 -15.15 -36.79 -30.25
CA GLU B 407 -14.78 -38.10 -30.77
C GLU B 407 -14.07 -38.92 -29.69
N PHE B 408 -14.01 -40.24 -29.89
CA PHE B 408 -13.32 -41.16 -28.98
C PHE B 408 -12.40 -42.10 -29.75
N PRO B 409 -11.24 -41.62 -30.22
CA PRO B 409 -10.37 -42.45 -31.06
C PRO B 409 -9.93 -43.72 -30.36
N ASP B 410 -9.46 -44.67 -31.18
CA ASP B 410 -8.97 -45.92 -30.65
C ASP B 410 -7.65 -45.72 -29.91
N ASP B 411 -6.70 -45.03 -30.55
CA ASP B 411 -5.43 -44.64 -29.94
C ASP B 411 -5.35 -43.11 -30.00
N ALA B 412 -5.72 -42.47 -28.89
CA ALA B 412 -5.78 -41.00 -28.84
C ALA B 412 -4.42 -40.38 -29.15
N VAL B 413 -3.35 -41.02 -28.69
CA VAL B 413 -2.00 -40.48 -28.89
C VAL B 413 -1.61 -40.53 -30.36
N GLU B 414 -1.88 -41.66 -31.02
CA GLU B 414 -1.63 -41.76 -32.46
C GLU B 414 -2.38 -40.68 -33.22
N THR B 415 -3.69 -40.56 -32.98
CA THR B 415 -4.47 -39.50 -33.60
C THR B 415 -3.82 -38.14 -33.36
N ALA B 416 -3.48 -37.85 -32.09
CA ALA B 416 -2.92 -36.55 -31.74
C ALA B 416 -1.62 -36.30 -32.49
N ALA B 417 -0.76 -37.31 -32.56
CA ALA B 417 0.51 -37.15 -33.27
C ALA B 417 0.27 -36.87 -34.75
N GLY B 418 -0.78 -37.45 -35.32
CA GLY B 418 -1.13 -37.16 -36.71
C GLY B 418 -1.58 -35.72 -36.90
N LEU B 419 -2.48 -35.26 -36.03
CA LEU B 419 -2.96 -33.88 -36.11
C LEU B 419 -1.80 -32.87 -35.98
N LEU B 420 -0.85 -33.13 -35.07
CA LEU B 420 0.28 -32.22 -34.92
C LEU B 420 1.13 -32.20 -36.19
N ALA B 421 1.33 -33.37 -36.80
CA ALA B 421 2.06 -33.43 -38.07
C ALA B 421 1.36 -32.64 -39.18
N GLU B 422 0.01 -32.59 -39.17
CA GLU B 422 -0.72 -31.80 -40.14
C GLU B 422 -0.69 -30.30 -39.85
N GLY B 423 -0.20 -29.89 -38.69
CA GLY B 423 -0.08 -28.48 -38.37
C GLY B 423 -1.10 -27.92 -37.41
N GLN B 424 -1.89 -28.77 -36.75
CA GLN B 424 -2.84 -28.31 -35.75
C GLN B 424 -2.16 -28.04 -34.40
N VAL B 425 -2.67 -27.04 -33.70
CA VAL B 425 -2.20 -26.69 -32.35
C VAL B 425 -3.17 -27.33 -31.34
N LEU B 426 -2.63 -28.13 -30.43
CA LEU B 426 -3.44 -28.96 -29.55
C LEU B 426 -3.41 -28.49 -28.11
N GLY B 427 -4.53 -28.67 -27.42
CA GLY B 427 -4.55 -28.71 -25.97
C GLY B 427 -4.45 -30.15 -25.50
N TRP B 428 -3.71 -30.36 -24.41
CA TRP B 428 -3.29 -31.70 -23.99
C TRP B 428 -3.43 -31.80 -22.47
N ALA B 429 -4.47 -32.50 -22.01
CA ALA B 429 -4.78 -32.62 -20.58
C ALA B 429 -4.91 -34.09 -20.20
N TYR B 430 -3.97 -34.58 -19.38
CA TYR B 430 -3.95 -35.96 -18.92
C TYR B 430 -3.49 -36.04 -17.46
N GLY B 431 -4.20 -36.83 -16.67
CA GLY B 431 -3.76 -37.18 -15.32
C GLY B 431 -3.53 -36.00 -14.39
N ARG B 432 -2.55 -36.16 -13.51
CA ARG B 432 -2.33 -35.25 -12.39
C ARG B 432 -1.53 -34.02 -12.82
N SER B 433 -1.91 -32.86 -12.29
CA SER B 433 -1.35 -31.60 -12.76
C SER B 433 0.06 -31.36 -12.21
N GLU B 434 0.86 -30.66 -13.03
CA GLU B 434 2.24 -30.32 -12.71
C GLU B 434 2.34 -29.43 -11.46
N PHE B 435 3.23 -29.83 -10.55
CA PHE B 435 3.67 -28.99 -9.44
C PHE B 435 4.76 -28.05 -9.95
N GLY B 436 4.65 -26.77 -9.61
CA GLY B 436 5.57 -25.80 -10.16
C GLY B 436 5.07 -25.20 -11.46
N PRO B 437 5.69 -24.09 -11.89
CA PRO B 437 5.12 -23.28 -12.99
C PRO B 437 5.19 -23.92 -14.38
N ARG B 438 5.95 -25.00 -14.61
CA ARG B 438 6.15 -25.50 -15.97
C ARG B 438 5.10 -26.56 -16.31
N ALA B 439 4.55 -26.45 -17.52
CA ALA B 439 3.73 -27.52 -18.07
C ALA B 439 4.64 -28.56 -18.74
N LEU B 440 4.41 -29.83 -18.43
CA LEU B 440 5.33 -30.90 -18.83
C LEU B 440 4.61 -32.12 -19.43
N GLY B 441 3.43 -31.92 -20.02
CA GLY B 441 2.70 -33.01 -20.62
C GLY B 441 1.47 -33.47 -19.85
N HIS B 442 1.01 -32.72 -18.86
CA HIS B 442 -0.24 -33.02 -18.19
C HIS B 442 -1.26 -31.91 -18.29
N ARG B 443 -0.83 -30.67 -18.53
CA ARG B 443 -1.67 -29.52 -18.79
C ARG B 443 -0.87 -28.63 -19.76
N SER B 444 -0.74 -29.11 -20.99
CA SER B 444 0.12 -28.48 -21.98
C SER B 444 -0.68 -28.07 -23.22
N ILE B 445 -0.06 -27.17 -23.98
CA ILE B 445 -0.48 -26.83 -25.33
C ILE B 445 0.71 -27.17 -26.23
N VAL B 446 0.50 -28.06 -27.21
CA VAL B 446 1.60 -28.59 -28.02
C VAL B 446 1.31 -28.39 -29.50
N ALA B 447 2.38 -28.18 -30.26
CA ALA B 447 2.33 -27.92 -31.69
C ALA B 447 3.67 -28.32 -32.28
N ASP B 448 3.71 -28.41 -33.61
CA ASP B 448 4.94 -28.68 -34.34
C ASP B 448 6.00 -27.63 -34.01
N ALA B 449 7.22 -28.08 -33.73
CA ALA B 449 8.27 -27.16 -33.31
C ALA B 449 9.07 -26.57 -34.46
N ARG B 450 8.84 -27.01 -35.70
CA ARG B 450 9.61 -26.58 -36.86
C ARG B 450 9.20 -25.22 -37.42
N PRO B 451 7.91 -24.93 -37.62
CA PRO B 451 7.54 -23.69 -38.34
C PRO B 451 7.81 -22.46 -37.50
N GLU B 452 8.64 -21.55 -38.03
CA GLU B 452 8.98 -20.33 -37.30
C GLU B 452 7.73 -19.52 -36.94
N GLU B 453 6.73 -19.53 -37.82
CA GLU B 453 5.54 -18.71 -37.59
C GLU B 453 4.56 -19.33 -36.60
N ASN B 454 4.83 -20.53 -36.09
CA ASN B 454 4.04 -21.01 -34.97
C ASN B 454 4.23 -20.14 -33.73
N ARG B 455 5.30 -19.35 -33.67
CA ARG B 455 5.48 -18.45 -32.52
C ARG B 455 4.44 -17.34 -32.54
N THR B 456 4.38 -16.57 -33.64
CA THR B 456 3.38 -15.52 -33.73
C THR B 456 1.96 -16.08 -33.73
N ARG B 457 1.77 -17.30 -34.26
CA ARG B 457 0.44 -17.86 -34.36
C ARG B 457 -0.09 -18.31 -33.00
N ILE B 458 0.79 -18.71 -32.08
CA ILE B 458 0.37 -19.16 -30.77
C ILE B 458 0.51 -18.03 -29.74
N ASN B 459 1.55 -17.21 -29.87
CA ASN B 459 1.78 -16.10 -28.95
C ASN B 459 0.71 -15.04 -29.06
N ALA B 460 0.13 -14.89 -30.25
CA ALA B 460 -0.84 -13.84 -30.50
C ALA B 460 -2.27 -14.35 -30.57
N MET B 461 -2.49 -15.64 -30.77
CA MET B 461 -3.85 -16.13 -30.93
C MET B 461 -4.31 -17.03 -29.79
N VAL B 462 -3.41 -17.82 -29.20
CA VAL B 462 -3.79 -18.73 -28.14
C VAL B 462 -3.35 -18.23 -26.76
N LYS B 463 -2.26 -17.47 -26.67
CA LYS B 463 -1.76 -16.98 -25.40
C LYS B 463 -1.86 -15.46 -25.28
N LYS B 464 -2.02 -14.76 -26.40
CA LYS B 464 -2.17 -13.31 -26.43
C LYS B 464 -1.20 -12.63 -25.46
N ARG B 465 0.09 -12.83 -25.76
CA ARG B 465 1.13 -12.16 -24.99
C ARG B 465 2.12 -11.49 -25.93
N GLU B 466 3.26 -11.06 -25.39
CA GLU B 466 4.22 -10.28 -26.14
C GLU B 466 5.06 -11.15 -27.08
N GLY B 467 5.32 -10.64 -28.28
CA GLY B 467 5.95 -11.43 -29.34
C GLY B 467 7.38 -11.86 -29.06
N PHE B 468 8.09 -11.12 -28.20
CA PHE B 468 9.48 -11.42 -27.90
C PHE B 468 9.66 -12.70 -27.09
N ARG B 469 8.60 -13.20 -26.47
CA ARG B 469 8.71 -14.33 -25.57
C ARG B 469 8.89 -15.62 -26.36
N PRO B 470 9.92 -16.40 -26.08
CA PRO B 470 10.17 -17.64 -26.83
C PRO B 470 9.24 -18.75 -26.38
N PHE B 471 9.30 -19.86 -27.10
CA PHE B 471 8.59 -21.08 -26.72
C PHE B 471 9.59 -22.18 -26.45
N ALA B 472 9.21 -23.09 -25.57
CA ALA B 472 10.15 -24.11 -25.09
C ALA B 472 9.89 -25.46 -25.73
N PRO B 473 10.94 -26.20 -26.09
CA PRO B 473 10.77 -27.50 -26.74
C PRO B 473 10.81 -28.69 -25.79
N VAL B 474 10.05 -29.72 -26.13
CA VAL B 474 10.14 -31.02 -25.47
C VAL B 474 10.69 -32.04 -26.47
N VAL B 475 11.63 -32.86 -26.01
CA VAL B 475 12.34 -33.81 -26.86
C VAL B 475 12.51 -35.11 -26.09
N THR B 476 12.47 -36.24 -26.81
CA THR B 476 12.69 -37.54 -26.18
C THR B 476 14.10 -37.63 -25.62
N ALA B 477 14.25 -38.43 -24.56
CA ALA B 477 15.57 -38.76 -24.06
C ALA B 477 16.51 -39.26 -25.17
N GLU B 478 15.96 -40.08 -26.08
CA GLU B 478 16.80 -40.73 -27.10
C GLU B 478 17.33 -39.72 -28.12
N ALA B 479 16.54 -38.70 -28.44
CA ALA B 479 16.91 -37.74 -29.47
C ALA B 479 17.58 -36.49 -28.93
N ALA B 480 17.58 -36.29 -27.62
CA ALA B 480 17.91 -34.98 -27.04
C ALA B 480 19.26 -34.47 -27.52
N ARG B 481 20.29 -35.33 -27.49
CA ARG B 481 21.64 -34.91 -27.84
C ARG B 481 21.82 -34.69 -29.34
N ASP B 482 20.88 -35.14 -30.17
CA ASP B 482 20.91 -34.82 -31.60
C ASP B 482 20.53 -33.38 -31.88
N TYR B 483 19.91 -32.70 -30.91
CA TYR B 483 19.37 -31.35 -31.13
C TYR B 483 19.92 -30.30 -30.18
N PHE B 484 20.25 -30.66 -28.94
CA PHE B 484 20.65 -29.70 -27.94
C PHE B 484 22.00 -30.05 -27.35
N ASP B 485 22.74 -29.00 -26.98
CA ASP B 485 24.06 -29.14 -26.35
C ASP B 485 23.87 -29.15 -24.84
N LEU B 486 23.88 -30.35 -24.25
CA LEU B 486 23.65 -30.53 -22.81
C LEU B 486 24.91 -30.46 -21.97
N SER B 487 26.07 -30.19 -22.57
CA SER B 487 27.36 -30.43 -21.95
C SER B 487 27.63 -29.45 -20.80
N GLY B 488 28.79 -29.63 -20.16
CA GLY B 488 29.22 -28.78 -19.05
C GLY B 488 28.98 -29.38 -17.69
N ALA B 489 28.06 -30.34 -17.60
CA ALA B 489 27.72 -31.10 -16.41
C ALA B 489 26.49 -31.92 -16.72
N ASP B 490 26.15 -32.84 -15.84
CA ASP B 490 24.92 -33.60 -15.95
C ASP B 490 23.85 -32.83 -15.16
N GLY B 491 23.05 -32.02 -15.84
CA GLY B 491 21.89 -31.39 -15.23
C GLY B 491 20.63 -32.20 -15.49
N ASN B 492 19.61 -31.99 -14.64
CA ASN B 492 18.31 -32.64 -14.83
C ASN B 492 17.42 -31.77 -15.72
N HIS B 493 16.86 -32.36 -16.78
CA HIS B 493 16.07 -31.61 -17.75
C HIS B 493 14.61 -32.05 -17.81
N GLU B 494 14.15 -32.83 -16.84
CA GLU B 494 12.76 -33.27 -16.87
C GLU B 494 11.77 -32.16 -16.56
N PHE B 495 12.24 -31.01 -16.06
CA PHE B 495 11.36 -29.94 -15.62
C PHE B 495 11.68 -28.60 -16.28
N MET B 496 12.46 -28.62 -17.37
CA MET B 496 12.80 -27.40 -18.11
C MET B 496 13.61 -26.41 -17.27
N SER B 497 14.38 -26.90 -16.29
CA SER B 497 15.11 -26.00 -15.41
C SER B 497 16.27 -25.30 -16.12
N PHE B 498 16.75 -25.84 -17.23
CA PHE B 498 17.99 -25.35 -17.85
C PHE B 498 17.74 -24.85 -19.26
N VAL B 499 18.28 -23.68 -19.55
CA VAL B 499 18.41 -23.18 -20.92
C VAL B 499 19.72 -23.72 -21.48
N VAL B 500 19.67 -24.24 -22.70
CA VAL B 500 20.84 -24.87 -23.33
C VAL B 500 20.90 -24.42 -24.77
N PRO B 501 22.11 -24.39 -25.36
CA PRO B 501 22.20 -24.06 -26.78
C PRO B 501 21.55 -25.13 -27.64
N VAL B 502 20.79 -24.69 -28.64
CA VAL B 502 20.38 -25.56 -29.74
C VAL B 502 21.58 -25.71 -30.66
N LEU B 503 21.85 -26.93 -31.10
CA LEU B 503 23.03 -27.15 -31.94
C LEU B 503 22.91 -26.31 -33.20
N PRO B 504 24.00 -25.65 -33.63
CA PRO B 504 23.88 -24.69 -34.74
C PRO B 504 23.24 -25.28 -35.99
N GLU B 505 23.58 -26.52 -36.33
CA GLU B 505 23.03 -27.19 -37.50
C GLU B 505 21.56 -27.61 -37.33
N ARG B 506 20.95 -27.37 -36.17
CA ARG B 506 19.53 -27.70 -35.98
C ARG B 506 18.64 -26.48 -35.84
N ARG B 507 19.21 -25.28 -35.78
CA ARG B 507 18.44 -24.07 -35.45
C ARG B 507 17.32 -23.84 -36.45
N THR B 508 17.67 -23.70 -37.73
CA THR B 508 16.65 -23.42 -38.74
C THR B 508 15.56 -24.50 -38.74
N GLU B 509 15.95 -25.75 -38.51
CA GLU B 509 14.96 -26.83 -38.40
C GLU B 509 13.96 -26.57 -37.28
N LEU B 510 14.45 -26.17 -36.10
CA LEU B 510 13.61 -25.84 -34.94
C LEU B 510 13.30 -24.35 -34.92
N GLY B 511 12.42 -23.94 -35.84
CA GLY B 511 12.16 -22.52 -35.98
C GLY B 511 11.29 -21.95 -34.87
N ALA B 512 10.38 -22.75 -34.34
CA ALA B 512 9.43 -22.26 -33.34
C ALA B 512 9.96 -22.26 -31.92
N VAL B 513 11.10 -22.93 -31.64
CA VAL B 513 11.55 -23.11 -30.27
C VAL B 513 13.02 -22.70 -30.09
N THR B 514 13.56 -21.94 -31.04
CA THR B 514 14.93 -21.45 -30.94
C THR B 514 14.90 -19.96 -30.70
N HIS B 515 15.44 -19.53 -29.56
CA HIS B 515 15.47 -18.12 -29.19
C HIS B 515 16.48 -17.36 -30.07
N VAL B 516 16.51 -16.04 -29.91
CA VAL B 516 17.36 -15.16 -30.71
C VAL B 516 18.83 -15.47 -30.52
N ASP B 517 19.22 -15.89 -29.32
CA ASP B 517 20.59 -16.26 -29.03
C ASP B 517 20.84 -17.74 -29.28
N GLY B 518 19.94 -18.41 -30.00
CA GLY B 518 20.09 -19.80 -30.35
C GLY B 518 19.95 -20.79 -29.21
N THR B 519 19.29 -20.41 -28.11
CA THR B 519 19.12 -21.27 -26.94
C THR B 519 17.66 -21.69 -26.78
N ALA B 520 17.45 -22.66 -25.92
CA ALA B 520 16.11 -23.17 -25.65
C ALA B 520 16.05 -23.72 -24.23
N ARG B 521 14.89 -23.58 -23.61
CA ARG B 521 14.64 -24.07 -22.26
C ARG B 521 13.99 -25.45 -22.39
N VAL B 522 14.83 -26.49 -22.48
CA VAL B 522 14.38 -27.77 -23.03
C VAL B 522 13.80 -28.66 -21.94
N GLN B 523 12.75 -29.39 -22.28
CA GLN B 523 12.30 -30.54 -21.52
C GLN B 523 12.77 -31.80 -22.23
N VAL B 524 13.56 -32.62 -21.55
CA VAL B 524 13.91 -33.94 -22.04
C VAL B 524 12.95 -34.94 -21.38
N VAL B 525 12.07 -35.54 -22.16
CA VAL B 525 11.06 -36.46 -21.65
C VAL B 525 11.50 -37.89 -21.93
N SER B 526 11.25 -38.77 -20.98
CA SER B 526 11.69 -40.15 -21.07
C SER B 526 10.50 -41.06 -20.77
N ALA B 527 10.67 -42.35 -21.08
CA ALA B 527 9.64 -43.31 -20.70
C ALA B 527 9.40 -43.30 -19.20
N GLU B 528 10.36 -42.82 -18.41
CA GLU B 528 10.23 -42.80 -16.95
C GLU B 528 9.63 -41.50 -16.44
N SER B 529 10.03 -40.35 -17.01
CA SER B 529 9.49 -39.08 -16.54
C SER B 529 8.00 -38.94 -16.89
N GLY B 530 7.60 -39.33 -18.10
CA GLY B 530 6.21 -39.31 -18.49
C GLY B 530 5.97 -40.21 -19.70
N GLU B 531 5.43 -41.41 -19.46
CA GLU B 531 5.31 -42.42 -20.51
C GLU B 531 4.45 -41.93 -21.67
N ARG B 532 3.27 -41.36 -21.36
CA ARG B 532 2.36 -40.96 -22.42
C ARG B 532 2.93 -39.82 -23.26
N PHE B 533 3.53 -38.82 -22.61
CA PHE B 533 4.05 -37.68 -23.33
C PHE B 533 5.27 -38.06 -24.15
N HIS B 534 6.09 -38.97 -23.62
CA HIS B 534 7.21 -39.52 -24.37
C HIS B 534 6.73 -40.24 -25.62
N ARG B 535 5.72 -41.10 -25.47
CA ARG B 535 5.14 -41.80 -26.61
C ARG B 535 4.65 -40.83 -27.67
N LEU B 536 4.04 -39.71 -27.26
CA LEU B 536 3.53 -38.74 -28.21
C LEU B 536 4.66 -38.11 -29.02
N VAL B 537 5.70 -37.65 -28.33
CA VAL B 537 6.81 -36.98 -29.03
C VAL B 537 7.57 -37.97 -29.89
N ARG B 538 7.81 -39.18 -29.38
CA ARG B 538 8.48 -40.22 -30.16
C ARG B 538 7.68 -40.53 -31.42
N ARG B 539 6.36 -40.68 -31.28
CA ARG B 539 5.56 -41.03 -32.45
C ARG B 539 5.55 -39.88 -33.46
N PHE B 540 5.34 -38.64 -32.99
CA PHE B 540 5.47 -37.49 -33.88
C PHE B 540 6.83 -37.45 -34.57
N GLY B 541 7.88 -37.92 -33.90
CA GLY B 541 9.19 -37.97 -34.53
C GLY B 541 9.26 -38.99 -35.65
N GLU B 542 8.70 -40.18 -35.41
CA GLU B 542 8.62 -41.18 -36.47
C GLU B 542 7.83 -40.66 -37.67
N LEU B 543 6.81 -39.85 -37.44
CA LEU B 543 5.99 -39.33 -38.53
C LEU B 543 6.73 -38.27 -39.33
N THR B 544 7.53 -37.43 -38.67
CA THR B 544 8.04 -36.22 -39.30
C THR B 544 9.55 -36.21 -39.46
N GLY B 545 10.29 -37.02 -38.72
CA GLY B 545 11.74 -36.95 -38.68
C GLY B 545 12.29 -36.02 -37.63
N THR B 546 11.43 -35.33 -36.87
CA THR B 546 11.85 -34.41 -35.80
C THR B 546 11.07 -34.74 -34.53
N PRO B 547 11.65 -35.52 -33.61
CA PRO B 547 10.93 -35.92 -32.38
C PRO B 547 10.97 -34.82 -31.33
N VAL B 548 10.52 -33.63 -31.72
CA VAL B 548 10.52 -32.45 -30.88
C VAL B 548 9.21 -31.70 -31.09
N LEU B 549 8.52 -31.38 -30.00
CA LEU B 549 7.32 -30.57 -30.04
C LEU B 549 7.51 -29.27 -29.26
N LEU B 550 6.77 -28.25 -29.66
CA LEU B 550 6.60 -27.08 -28.82
C LEU B 550 5.69 -27.44 -27.64
N ASN B 551 6.03 -26.93 -26.45
CA ASN B 551 5.27 -27.24 -25.23
C ASN B 551 5.13 -25.97 -24.40
N THR B 552 3.94 -25.36 -24.40
CA THR B 552 3.66 -24.19 -23.59
C THR B 552 2.57 -24.53 -22.59
N SER B 553 2.39 -23.68 -21.58
CA SER B 553 1.44 -24.03 -20.53
C SER B 553 0.01 -23.81 -21.00
N PHE B 554 -0.88 -24.68 -20.54
CA PHE B 554 -2.29 -24.67 -20.93
C PHE B 554 -3.01 -23.67 -20.02
N ASN B 555 -3.02 -22.41 -20.45
CA ASN B 555 -3.74 -21.33 -19.81
C ASN B 555 -3.70 -20.12 -20.74
N ASN B 556 -4.73 -19.26 -20.67
CA ASN B 556 -4.68 -17.99 -21.38
C ASN B 556 -3.99 -16.94 -20.50
N ASN B 557 -4.01 -15.67 -20.95
CA ASN B 557 -3.32 -14.58 -20.28
C ASN B 557 -3.92 -14.18 -18.93
N ALA B 558 -5.05 -14.76 -18.52
CA ALA B 558 -5.79 -14.28 -17.34
C ALA B 558 -6.03 -15.39 -16.32
N GLU B 559 -5.24 -16.47 -16.39
CA GLU B 559 -5.45 -17.60 -15.50
C GLU B 559 -4.12 -18.31 -15.28
N PRO B 560 -3.97 -19.00 -14.16
CA PRO B 560 -2.89 -19.98 -14.03
C PRO B 560 -3.21 -21.24 -14.81
N ILE B 561 -2.27 -22.18 -14.83
CA ILE B 561 -2.44 -23.44 -15.54
C ILE B 561 -3.75 -24.12 -15.14
N VAL B 562 -4.50 -24.58 -16.16
CA VAL B 562 -5.78 -25.23 -15.93
C VAL B 562 -5.63 -26.45 -15.03
N GLN B 563 -6.66 -26.69 -14.21
CA GLN B 563 -6.66 -27.80 -13.25
C GLN B 563 -7.68 -28.87 -13.63
N SER B 564 -8.97 -28.60 -13.40
CA SER B 564 -10.07 -29.55 -13.54
C SER B 564 -10.50 -29.73 -15.00
N LEU B 565 -11.46 -30.63 -15.23
CA LEU B 565 -11.97 -30.81 -16.58
C LEU B 565 -12.67 -29.55 -17.08
N ASP B 566 -13.49 -28.93 -16.22
CA ASP B 566 -14.15 -27.68 -16.59
C ASP B 566 -13.13 -26.58 -16.90
N ASP B 567 -12.05 -26.47 -16.11
CA ASP B 567 -10.97 -25.53 -16.45
C ASP B 567 -10.45 -25.79 -17.85
N VAL B 568 -10.20 -27.06 -18.17
CA VAL B 568 -9.62 -27.43 -19.46
C VAL B 568 -10.58 -27.09 -20.61
N VAL B 569 -11.87 -27.42 -20.44
CA VAL B 569 -12.83 -27.13 -21.50
C VAL B 569 -13.07 -25.64 -21.63
N THR B 570 -13.19 -24.93 -20.49
CA THR B 570 -13.36 -23.49 -20.49
C THR B 570 -12.22 -22.81 -21.24
N SER B 571 -10.98 -23.25 -20.97
CA SER B 571 -9.82 -22.59 -21.57
C SER B 571 -9.72 -22.93 -23.06
N PHE B 572 -10.02 -24.17 -23.43
CA PHE B 572 -10.13 -24.53 -24.85
C PHE B 572 -11.12 -23.60 -25.55
N LEU B 573 -12.32 -23.44 -24.99
CA LEU B 573 -13.37 -22.68 -25.65
C LEU B 573 -13.11 -21.17 -25.69
N THR B 574 -12.15 -20.65 -24.94
CA THR B 574 -11.87 -19.22 -24.91
C THR B 574 -10.51 -18.87 -25.49
N THR B 575 -9.88 -19.80 -26.21
CA THR B 575 -8.69 -19.54 -26.99
C THR B 575 -8.93 -20.04 -28.42
N ASP B 576 -7.91 -19.91 -29.26
CA ASP B 576 -8.07 -20.35 -30.64
C ASP B 576 -7.26 -21.62 -30.87
N LEU B 577 -7.53 -22.64 -30.05
CA LEU B 577 -6.89 -23.95 -30.17
C LEU B 577 -7.69 -24.81 -31.12
N ASP B 578 -7.00 -25.59 -31.94
CA ASP B 578 -7.69 -26.37 -32.97
C ASP B 578 -8.42 -27.57 -32.39
N VAL B 579 -7.73 -28.34 -31.54
CA VAL B 579 -8.30 -29.55 -30.95
C VAL B 579 -7.87 -29.62 -29.50
N LEU B 580 -8.64 -30.36 -28.72
CA LEU B 580 -8.34 -30.66 -27.34
C LEU B 580 -8.31 -32.18 -27.18
N VAL B 581 -7.16 -32.72 -26.78
CA VAL B 581 -7.04 -34.10 -26.34
C VAL B 581 -7.08 -34.09 -24.82
N VAL B 582 -8.13 -34.64 -24.23
CA VAL B 582 -8.27 -34.68 -22.78
C VAL B 582 -8.69 -36.09 -22.38
N GLU B 583 -7.76 -36.84 -21.79
CA GLU B 583 -8.04 -38.17 -21.27
C GLU B 583 -8.67 -39.06 -22.35
N ASP B 584 -8.01 -39.10 -23.51
CA ASP B 584 -8.33 -39.93 -24.67
C ASP B 584 -9.59 -39.48 -25.40
N CYS B 585 -10.24 -38.41 -24.97
CA CYS B 585 -11.35 -37.82 -25.70
C CYS B 585 -10.82 -36.70 -26.58
N LEU B 586 -11.30 -36.66 -27.82
CA LEU B 586 -10.92 -35.62 -28.77
C LEU B 586 -12.05 -34.61 -28.84
N VAL B 587 -11.77 -33.35 -28.48
CA VAL B 587 -12.81 -32.34 -28.30
C VAL B 587 -12.60 -31.21 -29.29
N ARG B 588 -13.67 -30.85 -30.00
CA ARG B 588 -13.65 -29.72 -30.91
C ARG B 588 -14.81 -28.78 -30.58
N GLY B 589 -14.62 -27.49 -30.90
CA GLY B 589 -15.69 -26.54 -30.66
C GLY B 589 -16.80 -26.66 -31.72
N LYS B 590 -18.04 -26.55 -31.26
CA LYS B 590 -19.15 -26.57 -32.22
C LYS B 590 -19.12 -25.33 -33.11
N ALA B 591 -19.90 -25.37 -34.18
CA ALA B 591 -19.98 -24.28 -35.15
C ALA B 591 -20.38 -22.97 -34.49
N SER B 592 -21.61 -22.90 -33.99
CA SER B 592 -22.07 -21.78 -33.18
C SER B 592 -22.34 -22.27 -31.75
N PRO B 593 -21.40 -22.09 -30.82
CA PRO B 593 -21.60 -22.62 -29.46
C PRO B 593 -22.69 -21.86 -28.72
N ASP B 594 -23.59 -22.60 -28.07
CA ASP B 594 -24.73 -22.02 -27.37
C ASP B 594 -24.33 -21.60 -25.96
N LEU B 595 -23.88 -20.34 -25.81
CA LEU B 595 -23.51 -19.83 -24.49
C LEU B 595 -24.68 -19.77 -23.52
N GLY B 596 -25.91 -19.76 -24.04
CA GLY B 596 -27.08 -19.66 -23.19
C GLY B 596 -27.22 -20.78 -22.17
N VAL B 597 -26.64 -21.96 -22.44
CA VAL B 597 -26.85 -23.09 -21.54
C VAL B 597 -25.87 -23.13 -20.37
N LEU B 598 -24.82 -22.32 -20.39
CA LEU B 598 -23.90 -22.24 -19.26
C LEU B 598 -24.54 -21.49 -18.10
N VAL B 599 -24.20 -21.89 -16.89
CA VAL B 599 -24.73 -21.28 -15.67
C VAL B 599 -23.68 -20.30 -15.15
N PRO B 600 -23.99 -19.00 -15.05
CA PRO B 600 -23.01 -18.06 -14.47
C PRO B 600 -22.94 -18.19 -12.96
N ARG B 601 -21.72 -18.05 -12.45
CA ARG B 601 -21.44 -18.10 -11.02
C ARG B 601 -20.41 -17.02 -10.70
N PHE B 602 -20.61 -16.31 -9.60
CA PHE B 602 -19.55 -15.45 -9.11
C PHE B 602 -18.37 -16.31 -8.63
N ARG B 603 -17.17 -15.77 -8.77
CA ARG B 603 -16.06 -16.28 -7.97
C ARG B 603 -16.12 -15.62 -6.60
N PRO B 604 -15.46 -16.20 -5.59
CA PRO B 604 -15.47 -15.55 -4.27
C PRO B 604 -14.95 -14.12 -4.31
N VAL B 605 -14.04 -13.78 -5.24
CA VAL B 605 -13.52 -12.42 -5.34
C VAL B 605 -14.27 -11.54 -6.35
N THR B 606 -15.28 -12.08 -7.03
CA THR B 606 -16.01 -11.27 -8.00
C THR B 606 -16.81 -10.17 -7.30
N ARG B 607 -16.67 -8.93 -7.77
CA ARG B 607 -17.50 -7.82 -7.30
C ARG B 607 -18.13 -7.09 -8.48
N LEU B 608 -19.39 -6.67 -8.33
CA LEU B 608 -20.14 -5.97 -9.36
C LEU B 608 -20.60 -4.62 -8.82
N VAL B 609 -20.32 -3.55 -9.56
CA VAL B 609 -20.42 -2.20 -8.99
C VAL B 609 -21.01 -1.22 -10.01
N GLU B 610 -21.93 -0.38 -9.52
CA GLU B 610 -22.32 0.87 -10.16
C GLU B 610 -21.71 2.03 -9.39
N ARG B 611 -20.96 2.91 -10.08
CA ARG B 611 -20.25 4.04 -9.47
C ARG B 611 -20.81 5.36 -9.96
N ARG B 612 -20.86 6.34 -9.07
CA ARG B 612 -21.03 7.72 -9.49
C ARG B 612 -19.88 8.54 -8.90
N THR B 613 -19.18 9.24 -9.77
CA THR B 613 -18.13 10.17 -9.40
C THR B 613 -18.70 11.59 -9.35
N ALA B 614 -17.92 12.54 -8.84
CA ALA B 614 -18.36 13.92 -8.75
C ALA B 614 -18.28 14.59 -10.13
N GLY B 615 -19.37 15.19 -10.57
CA GLY B 615 -19.36 15.94 -11.80
C GLY B 615 -18.68 17.28 -11.64
N PRO B 616 -18.25 17.89 -12.76
CA PRO B 616 -17.43 19.11 -12.68
C PRO B 616 -18.14 20.30 -12.04
N ASP B 617 -19.48 20.29 -12.00
CA ASP B 617 -20.28 21.33 -11.40
C ASP B 617 -20.74 20.98 -9.97
N ALA B 618 -20.00 20.09 -9.29
CA ALA B 618 -20.37 19.57 -7.97
C ALA B 618 -21.67 18.78 -8.00
N SER B 619 -22.03 18.28 -9.17
CA SER B 619 -23.16 17.37 -9.28
C SER B 619 -22.69 15.93 -9.12
N ALA B 620 -23.65 15.03 -9.06
CA ALA B 620 -23.34 13.61 -9.19
C ALA B 620 -23.03 13.32 -10.66
N GLY B 621 -21.86 12.75 -10.94
CA GLY B 621 -21.55 12.32 -12.29
C GLY B 621 -22.43 11.18 -12.77
N ALA B 622 -22.35 10.93 -14.07
CA ALA B 622 -23.14 9.88 -14.70
C ALA B 622 -22.67 8.49 -14.25
N LYS B 623 -23.62 7.58 -14.06
CA LYS B 623 -23.31 6.28 -13.46
C LYS B 623 -22.61 5.40 -14.47
N THR B 624 -21.51 4.77 -14.04
CA THR B 624 -20.85 3.74 -14.82
C THR B 624 -20.92 2.42 -14.07
N HIS B 625 -20.63 1.32 -14.78
CA HIS B 625 -20.76 -0.02 -14.24
C HIS B 625 -19.49 -0.80 -14.54
N GLU B 626 -19.15 -1.69 -13.60
CA GLU B 626 -17.85 -2.33 -13.59
C GLU B 626 -17.95 -3.69 -12.91
N ILE B 627 -17.19 -4.67 -13.43
CA ILE B 627 -16.94 -5.93 -12.74
C ILE B 627 -15.45 -5.96 -12.40
N HIS B 628 -15.10 -6.51 -11.25
CA HIS B 628 -13.69 -6.57 -10.89
C HIS B 628 -13.47 -7.69 -9.89
N LEU B 629 -12.20 -8.06 -9.71
CA LEU B 629 -11.81 -9.14 -8.81
C LEU B 629 -11.11 -8.55 -7.59
N ASP B 630 -11.61 -8.89 -6.40
CA ASP B 630 -11.18 -8.26 -5.16
C ASP B 630 -10.01 -9.05 -4.54
N TYR B 631 -8.85 -8.88 -5.16
CA TYR B 631 -7.58 -9.15 -4.53
C TYR B 631 -6.60 -8.10 -5.02
N ASP B 632 -5.52 -7.90 -4.26
CA ASP B 632 -4.53 -6.89 -4.62
C ASP B 632 -4.01 -7.16 -6.04
N GLY B 633 -4.10 -6.13 -6.89
CA GLY B 633 -3.71 -6.29 -8.29
C GLY B 633 -4.74 -6.93 -9.19
N GLY B 634 -5.96 -7.18 -8.69
CA GLY B 634 -6.99 -7.81 -9.49
C GLY B 634 -7.47 -6.93 -10.63
N PRO B 635 -7.85 -7.54 -11.75
CA PRO B 635 -8.29 -6.75 -12.90
C PRO B 635 -9.70 -6.20 -12.69
N SER B 636 -10.05 -5.22 -13.53
CA SER B 636 -11.43 -4.72 -13.61
C SER B 636 -11.82 -4.60 -15.08
N ALA B 637 -13.12 -4.44 -15.35
CA ALA B 637 -13.59 -4.17 -16.70
C ALA B 637 -14.95 -3.52 -16.64
N LYS B 638 -15.19 -2.57 -17.53
CA LYS B 638 -16.50 -1.93 -17.59
C LYS B 638 -17.53 -2.88 -18.21
N VAL B 639 -18.78 -2.74 -17.77
CA VAL B 639 -19.87 -3.54 -18.31
C VAL B 639 -20.99 -2.59 -18.71
N SER B 640 -21.81 -3.04 -19.65
CA SER B 640 -22.95 -2.28 -20.07
C SER B 640 -24.05 -2.30 -19.01
N PRO B 641 -24.94 -1.29 -19.00
CA PRO B 641 -26.07 -1.29 -18.05
C PRO B 641 -26.92 -2.54 -18.15
N GLU B 642 -27.10 -3.08 -19.35
N GLU B 642 -27.14 -3.04 -19.37
CA GLU B 642 -27.95 -4.26 -19.49
CA GLU B 642 -27.90 -4.26 -19.56
C GLU B 642 -27.23 -5.51 -18.95
C GLU B 642 -27.21 -5.45 -18.90
N LEU B 643 -25.92 -5.63 -19.17
CA LEU B 643 -25.19 -6.76 -18.58
C LEU B 643 -25.10 -6.60 -17.06
N TYR B 644 -24.95 -5.37 -16.57
CA TYR B 644 -25.00 -5.11 -15.13
C TYR B 644 -26.30 -5.62 -14.54
N GLU B 645 -27.42 -5.24 -15.13
CA GLU B 645 -28.71 -5.72 -14.62
C GLU B 645 -28.79 -7.24 -14.68
N LEU B 646 -28.30 -7.86 -15.76
CA LEU B 646 -28.31 -9.32 -15.86
C LEU B 646 -27.43 -9.96 -14.79
N LEU B 647 -26.17 -9.50 -14.66
CA LEU B 647 -25.26 -10.14 -13.72
C LEU B 647 -25.73 -10.00 -12.28
N GLY B 648 -26.51 -8.97 -11.97
CA GLY B 648 -27.00 -8.80 -10.61
C GLY B 648 -28.00 -9.85 -10.17
N ALA B 649 -28.61 -10.55 -11.12
CA ALA B 649 -29.52 -11.64 -10.80
C ALA B 649 -28.85 -13.00 -10.80
N VAL B 650 -27.53 -13.07 -11.00
CA VAL B 650 -26.86 -14.37 -10.97
C VAL B 650 -27.16 -15.05 -9.64
N ASP B 651 -27.70 -16.26 -9.70
CA ASP B 651 -28.07 -16.99 -8.50
C ASP B 651 -27.32 -18.31 -8.35
N GLY B 652 -26.44 -18.65 -9.31
CA GLY B 652 -25.66 -19.86 -9.24
C GLY B 652 -26.31 -21.11 -9.78
N THR B 653 -27.62 -21.09 -10.04
CA THR B 653 -28.31 -22.22 -10.66
C THR B 653 -28.97 -21.90 -12.00
N THR B 654 -29.58 -20.73 -12.15
CA THR B 654 -30.24 -20.36 -13.40
C THR B 654 -29.23 -20.15 -14.53
N THR B 655 -29.56 -20.64 -15.73
CA THR B 655 -28.64 -20.53 -16.86
C THR B 655 -28.55 -19.09 -17.37
N LEU B 656 -27.48 -18.81 -18.11
CA LEU B 656 -27.30 -17.48 -18.68
C LEU B 656 -28.44 -17.13 -19.64
N GLY B 657 -28.89 -18.11 -20.41
CA GLY B 657 -29.99 -17.86 -21.34
C GLY B 657 -31.28 -17.49 -20.63
N ASP B 658 -31.56 -18.14 -19.49
CA ASP B 658 -32.75 -17.82 -18.73
C ASP B 658 -32.63 -16.48 -18.01
N LEU B 659 -31.43 -16.16 -17.50
CA LEU B 659 -31.23 -14.84 -16.89
C LEU B 659 -31.40 -13.74 -17.91
N ALA B 660 -30.94 -13.98 -19.14
CA ALA B 660 -31.02 -12.93 -20.15
C ALA B 660 -32.47 -12.57 -20.50
N LYS B 661 -33.43 -13.45 -20.22
CA LYS B 661 -34.82 -13.15 -20.58
C LYS B 661 -35.29 -11.88 -19.89
N THR B 662 -34.85 -11.65 -18.65
CA THR B 662 -35.26 -10.43 -17.95
C THR B 662 -34.78 -9.15 -18.64
N VAL B 663 -33.78 -9.21 -19.50
CA VAL B 663 -33.35 -8.01 -20.23
C VAL B 663 -33.61 -8.16 -21.73
N GLY B 664 -34.54 -9.01 -22.13
CA GLY B 664 -34.96 -9.08 -23.52
C GLY B 664 -34.42 -10.26 -24.30
N GLY B 665 -33.64 -11.14 -23.67
CA GLY B 665 -33.07 -12.28 -24.35
C GLY B 665 -31.57 -12.12 -24.57
N LEU B 666 -30.92 -13.25 -24.88
CA LEU B 666 -29.47 -13.29 -25.06
C LEU B 666 -29.12 -12.90 -26.49
N SER B 667 -29.15 -11.59 -26.74
CA SER B 667 -28.77 -11.04 -28.02
C SER B 667 -27.29 -11.35 -28.32
N ASP B 668 -26.91 -11.11 -29.59
CA ASP B 668 -25.52 -11.33 -30.00
C ASP B 668 -24.58 -10.41 -29.24
N ALA B 669 -24.93 -9.12 -29.20
CA ALA B 669 -24.16 -8.16 -28.41
C ALA B 669 -23.94 -8.66 -26.99
N LEU B 670 -25.02 -9.07 -26.31
CA LEU B 670 -24.88 -9.51 -24.93
C LEU B 670 -24.01 -10.74 -24.83
N ALA B 671 -24.20 -11.71 -25.73
CA ALA B 671 -23.40 -12.93 -25.72
C ALA B 671 -21.94 -12.59 -25.95
N THR B 672 -21.67 -11.65 -26.87
CA THR B 672 -20.30 -11.24 -27.15
C THR B 672 -19.68 -10.58 -25.93
N GLU B 673 -20.44 -9.69 -25.26
CA GLU B 673 -19.92 -9.03 -24.07
C GLU B 673 -19.62 -10.04 -22.97
N VAL B 674 -20.52 -11.01 -22.76
CA VAL B 674 -20.34 -12.02 -21.73
C VAL B 674 -19.12 -12.87 -22.02
N PHE B 675 -18.96 -13.26 -23.30
CA PHE B 675 -17.82 -14.06 -23.71
C PHE B 675 -16.51 -13.39 -23.34
N ALA B 676 -16.38 -12.07 -23.61
CA ALA B 676 -15.14 -11.38 -23.29
C ALA B 676 -14.88 -11.35 -21.79
N LEU B 677 -15.93 -11.22 -20.97
CA LEU B 677 -15.75 -11.32 -19.51
C LEU B 677 -15.29 -12.74 -19.12
N TRP B 678 -15.87 -13.75 -19.79
CA TRP B 678 -15.45 -15.14 -19.58
C TRP B 678 -13.98 -15.35 -19.92
N GLU B 679 -13.50 -14.75 -21.03
CA GLU B 679 -12.09 -14.89 -21.37
C GLU B 679 -11.20 -14.35 -20.28
N GLN B 680 -11.62 -13.26 -19.64
CA GLN B 680 -10.85 -12.66 -18.56
C GLN B 680 -11.15 -13.31 -17.22
N ARG B 681 -12.08 -14.26 -17.18
CA ARG B 681 -12.41 -15.06 -15.99
C ARG B 681 -12.96 -14.20 -14.86
N PHE B 682 -13.72 -13.14 -15.18
CA PHE B 682 -14.39 -12.37 -14.13
C PHE B 682 -15.47 -13.18 -13.41
N LEU B 683 -16.01 -14.21 -14.05
CA LEU B 683 -17.03 -15.04 -13.43
C LEU B 683 -16.84 -16.45 -13.94
N THR B 684 -17.45 -17.40 -13.25
CA THR B 684 -17.40 -18.79 -13.67
C THR B 684 -18.56 -19.07 -14.61
N LEU B 685 -18.28 -19.74 -15.72
CA LEU B 685 -19.29 -20.11 -16.71
C LEU B 685 -19.09 -21.57 -17.07
N ALA B 686 -20.05 -22.43 -16.72
CA ALA B 686 -19.92 -23.86 -16.93
C ALA B 686 -21.32 -24.48 -16.92
N PRO B 687 -21.49 -25.64 -17.57
CA PRO B 687 -22.80 -26.31 -17.52
C PRO B 687 -23.30 -26.54 -16.11
N ALA B 688 -24.62 -26.66 -15.97
CA ALA B 688 -25.20 -27.01 -14.69
C ALA B 688 -24.59 -28.29 -14.17
N GLY B 689 -24.38 -28.34 -12.86
CA GLY B 689 -23.88 -29.53 -12.22
C GLY B 689 -22.40 -29.47 -11.90
N ASP B 690 -21.82 -30.67 -11.76
CA ASP B 690 -20.43 -30.88 -11.34
C ASP B 690 -19.95 -32.22 -11.87
N ILE B 691 -18.64 -32.35 -12.10
CA ILE B 691 -18.09 -33.65 -12.47
C ILE B 691 -18.16 -34.63 -11.30
N GLY B 692 -18.38 -34.13 -10.08
CA GLY B 692 -18.49 -34.96 -8.91
C GLY B 692 -17.15 -35.17 -8.23
N PRO B 693 -17.17 -35.80 -7.06
CA PRO B 693 -15.91 -36.14 -6.39
C PRO B 693 -15.03 -36.97 -7.32
N LEU B 694 -13.74 -36.62 -7.38
CA LEU B 694 -12.82 -37.34 -8.25
C LEU B 694 -12.79 -38.82 -7.85
N ALA B 695 -12.91 -39.70 -8.84
CA ALA B 695 -12.99 -41.12 -8.55
C ALA B 695 -11.61 -41.71 -8.25
N ASP B 696 -11.59 -42.67 -7.35
CA ASP B 696 -10.41 -43.48 -7.08
C ASP B 696 -10.02 -44.26 -8.34
N ASP B 697 -8.96 -43.81 -9.01
CA ASP B 697 -8.42 -44.50 -10.18
C ASP B 697 -7.49 -45.67 -9.82
N GLY B 698 -7.38 -46.01 -8.54
CA GLY B 698 -6.59 -47.15 -8.08
C GLY B 698 -5.09 -46.93 -8.12
N THR B 699 -4.63 -45.74 -7.76
CA THR B 699 -3.20 -45.40 -7.71
C THR B 699 -2.84 -44.67 -6.40
#